data_4PNB
# 
_entry.id   4PNB 
# 
_audit_conform.dict_name       mmcif_pdbx.dic 
_audit_conform.dict_version    5.398 
_audit_conform.dict_location   http://mmcif.pdb.org/dictionaries/ascii/mmcif_pdbx.dic 
# 
loop_
_database_2.database_id 
_database_2.database_code 
_database_2.pdbx_database_accession 
_database_2.pdbx_DOI 
PDB   4PNB         pdb_00004pnb 10.2210/pdb4pnb/pdb 
WWPDB D_1000201740 ?            ?                   
# 
loop_
_pdbx_audit_revision_history.ordinal 
_pdbx_audit_revision_history.data_content_type 
_pdbx_audit_revision_history.major_revision 
_pdbx_audit_revision_history.minor_revision 
_pdbx_audit_revision_history.revision_date 
1 'Structure model' 1 0 2014-10-22 
2 'Structure model' 1 1 2014-11-05 
3 'Structure model' 2 0 2017-08-30 
4 'Structure model' 2 1 2017-09-13 
5 'Structure model' 2 2 2019-10-09 
6 'Structure model' 2 3 2019-12-11 
7 'Structure model' 2 4 2024-11-06 
# 
_pdbx_audit_revision_details.ordinal             1 
_pdbx_audit_revision_details.revision_ordinal    1 
_pdbx_audit_revision_details.data_content_type   'Structure model' 
_pdbx_audit_revision_details.provider            repository 
_pdbx_audit_revision_details.type                'Initial release' 
_pdbx_audit_revision_details.description         ? 
_pdbx_audit_revision_details.details             ? 
# 
loop_
_pdbx_audit_revision_group.ordinal 
_pdbx_audit_revision_group.revision_ordinal 
_pdbx_audit_revision_group.data_content_type 
_pdbx_audit_revision_group.group 
1  2 'Structure model' 'Database references'        
2  3 'Structure model' Advisory                     
3  3 'Structure model' 'Atomic model'               
4  3 'Structure model' 'Author supporting evidence' 
5  4 'Structure model' 'Author supporting evidence' 
6  5 'Structure model' 'Data collection'            
7  5 'Structure model' 'Derived calculations'       
8  6 'Structure model' 'Structure summary'          
9  7 'Structure model' 'Data collection'            
10 7 'Structure model' 'Database references'        
11 7 'Structure model' 'Structure summary'          
# 
loop_
_pdbx_audit_revision_category.ordinal 
_pdbx_audit_revision_category.revision_ordinal 
_pdbx_audit_revision_category.data_content_type 
_pdbx_audit_revision_category.category 
1  3 'Structure model' atom_site                  
2  3 'Structure model' pdbx_audit_support         
3  3 'Structure model' pdbx_distant_solvent_atoms 
4  3 'Structure model' pdbx_validate_symm_contact 
5  4 'Structure model' pdbx_audit_support         
6  5 'Structure model' pdbx_struct_assembly       
7  5 'Structure model' pdbx_struct_assembly_gen   
8  5 'Structure model' pdbx_struct_assembly_prop  
9  6 'Structure model' struct                     
10 7 'Structure model' chem_comp_atom             
11 7 'Structure model' chem_comp_bond             
12 7 'Structure model' database_2                 
13 7 'Structure model' pdbx_entry_details         
14 7 'Structure model' pdbx_modification_feature  
# 
loop_
_pdbx_audit_revision_item.ordinal 
_pdbx_audit_revision_item.revision_ordinal 
_pdbx_audit_revision_item.data_content_type 
_pdbx_audit_revision_item.item 
1  3 'Structure model' '_atom_site.B_iso_or_equiv'                                   
2  3 'Structure model' '_atom_site.Cartn_x'                                          
3  3 'Structure model' '_atom_site.Cartn_y'                                          
4  3 'Structure model' '_atom_site.Cartn_z'                                          
5  3 'Structure model' '_atom_site.occupancy'                                        
6  3 'Structure model' '_pdbx_audit_support.funding_organization'                    
7  3 'Structure model' '_pdbx_distant_solvent_atoms.auth_seq_id'                     
8  3 'Structure model' '_pdbx_distant_solvent_atoms.neighbor_macromolecule_distance' 
9  3 'Structure model' '_pdbx_validate_symm_contact.auth_seq_id_1'                   
10 3 'Structure model' '_pdbx_validate_symm_contact.auth_seq_id_2'                   
11 4 'Structure model' '_pdbx_audit_support.funding_organization'                    
12 6 'Structure model' '_struct.title'                                               
13 7 'Structure model' '_database_2.pdbx_DOI'                                        
14 7 'Structure model' '_database_2.pdbx_database_accession'                         
# 
_pdbx_database_status.status_code                     REL 
_pdbx_database_status.status_code_sf                  REL 
_pdbx_database_status.status_code_mr                  ? 
_pdbx_database_status.entry_id                        4PNB 
_pdbx_database_status.recvd_initial_deposition_date   2014-05-23 
_pdbx_database_status.SG_entry                        N 
_pdbx_database_status.deposit_site                    RCSB 
_pdbx_database_status.process_site                    PDBE 
_pdbx_database_status.status_code_cs                  ? 
_pdbx_database_status.methods_development_category    ? 
_pdbx_database_status.pdb_format_compatible           Y 
_pdbx_database_status.status_code_nmr_data            ? 
# 
loop_
_audit_author.name 
_audit_author.pdbx_ordinal 
_audit_author.identifier_ORCID 
'Wood, C.W.'     1 ? 
'Burton, A.J.'   2 ? 
'Thomson, A.R.'  3 ? 
'Brady, R.L.'    4 ? 
'Woolfson, D.N.' 5 ? 
# 
_citation.abstract                  ? 
_citation.abstract_id_CAS           ? 
_citation.book_id_ISBN              ? 
_citation.book_publisher            ? 
_citation.book_publisher_city       ? 
_citation.book_title                ? 
_citation.coordinate_linkage        ? 
_citation.country                   US 
_citation.database_id_Medline       ? 
_citation.details                   ? 
_citation.id                        primary 
_citation.journal_abbrev            Science 
_citation.journal_id_ASTM           SCIEAS 
_citation.journal_id_CSD            0038 
_citation.journal_id_ISSN           1095-9203 
_citation.journal_full              ? 
_citation.journal_issue             ? 
_citation.journal_volume            346 
_citation.language                  ? 
_citation.page_first                485 
_citation.page_last                 488 
_citation.title                     'Computational design of water-soluble alpha-helical barrels.' 
_citation.year                      2014 
_citation.database_id_CSD           ? 
_citation.pdbx_database_id_DOI      10.1126/science.1257452 
_citation.pdbx_database_id_PubMed   25342807 
_citation.unpublished_flag          ? 
# 
loop_
_citation_author.citation_id 
_citation_author.name 
_citation_author.ordinal 
_citation_author.identifier_ORCID 
primary 'Thomson, A.R.'  1 ? 
primary 'Wood, C.W.'     2 ? 
primary 'Burton, A.J.'   3 ? 
primary 'Bartlett, G.J.' 4 ? 
primary 'Sessions, R.B.' 5 ? 
primary 'Brady, R.L.'    6 ? 
primary 'Woolfson, D.N.' 7 ? 
# 
loop_
_entity.id 
_entity.type 
_entity.src_method 
_entity.pdbx_description 
_entity.formula_weight 
_entity.pdbx_number_of_molecules 
_entity.pdbx_ec 
_entity.pdbx_mutation 
_entity.pdbx_fragment 
_entity.details 
1 polymer syn CC-Hex3 3300.863 4  ? ? ? ? 
2 water   nat water   18.015   74 ? ? ? ? 
# 
_entity_poly.entity_id                      1 
_entity_poly.type                           'polypeptide(L)' 
_entity_poly.nstd_linkage                   no 
_entity_poly.nstd_monomer                   yes 
_entity_poly.pdbx_seq_one_letter_code       '(ACE)GEIAQSIKEIAKSIKEIAWSIKEIAQSIKG' 
_entity_poly.pdbx_seq_one_letter_code_can   XGEIAQSIKEIAKSIKEIAWSIKEIAQSIKG 
_entity_poly.pdbx_strand_id                 A,B,C,D 
_entity_poly.pdbx_target_identifier         ? 
# 
_pdbx_entity_nonpoly.entity_id   2 
_pdbx_entity_nonpoly.name        water 
_pdbx_entity_nonpoly.comp_id     HOH 
# 
loop_
_entity_poly_seq.entity_id 
_entity_poly_seq.num 
_entity_poly_seq.mon_id 
_entity_poly_seq.hetero 
1 1  ACE n 
1 2  GLY n 
1 3  GLU n 
1 4  ILE n 
1 5  ALA n 
1 6  GLN n 
1 7  SER n 
1 8  ILE n 
1 9  LYS n 
1 10 GLU n 
1 11 ILE n 
1 12 ALA n 
1 13 LYS n 
1 14 SER n 
1 15 ILE n 
1 16 LYS n 
1 17 GLU n 
1 18 ILE n 
1 19 ALA n 
1 20 TRP n 
1 21 SER n 
1 22 ILE n 
1 23 LYS n 
1 24 GLU n 
1 25 ILE n 
1 26 ALA n 
1 27 GLN n 
1 28 SER n 
1 29 ILE n 
1 30 LYS n 
1 31 GLY n 
# 
_pdbx_entity_src_syn.entity_id              1 
_pdbx_entity_src_syn.pdbx_src_id            1 
_pdbx_entity_src_syn.pdbx_alt_source_flag   sample 
_pdbx_entity_src_syn.pdbx_beg_seq_num       1 
_pdbx_entity_src_syn.pdbx_end_seq_num       31 
_pdbx_entity_src_syn.organism_scientific    'synthetic construct' 
_pdbx_entity_src_syn.organism_common_name   ? 
_pdbx_entity_src_syn.ncbi_taxonomy_id       32360 
_pdbx_entity_src_syn.details                ? 
# 
loop_
_chem_comp.id 
_chem_comp.type 
_chem_comp.mon_nstd_flag 
_chem_comp.name 
_chem_comp.pdbx_synonyms 
_chem_comp.formula 
_chem_comp.formula_weight 
ACE non-polymer         . 'ACETYL GROUP'  ? 'C2 H4 O'        44.053  
ALA 'L-peptide linking' y ALANINE         ? 'C3 H7 N O2'     89.093  
GLN 'L-peptide linking' y GLUTAMINE       ? 'C5 H10 N2 O3'   146.144 
GLU 'L-peptide linking' y 'GLUTAMIC ACID' ? 'C5 H9 N O4'     147.129 
GLY 'peptide linking'   y GLYCINE         ? 'C2 H5 N O2'     75.067  
HOH non-polymer         . WATER           ? 'H2 O'           18.015  
ILE 'L-peptide linking' y ISOLEUCINE      ? 'C6 H13 N O2'    131.173 
LYS 'L-peptide linking' y LYSINE          ? 'C6 H15 N2 O2 1' 147.195 
SER 'L-peptide linking' y SERINE          ? 'C3 H7 N O3'     105.093 
TRP 'L-peptide linking' y TRYPTOPHAN      ? 'C11 H12 N2 O2'  204.225 
# 
loop_
_pdbx_poly_seq_scheme.asym_id 
_pdbx_poly_seq_scheme.entity_id 
_pdbx_poly_seq_scheme.seq_id 
_pdbx_poly_seq_scheme.mon_id 
_pdbx_poly_seq_scheme.ndb_seq_num 
_pdbx_poly_seq_scheme.pdb_seq_num 
_pdbx_poly_seq_scheme.auth_seq_num 
_pdbx_poly_seq_scheme.pdb_mon_id 
_pdbx_poly_seq_scheme.auth_mon_id 
_pdbx_poly_seq_scheme.pdb_strand_id 
_pdbx_poly_seq_scheme.pdb_ins_code 
_pdbx_poly_seq_scheme.hetero 
A 1 1  ACE 1  0  0  ACE ACE A . n 
A 1 2  GLY 2  1  1  GLY GLY A . n 
A 1 3  GLU 3  2  2  GLU GLU A . n 
A 1 4  ILE 4  3  3  ILE ILE A . n 
A 1 5  ALA 5  4  4  ALA ALA A . n 
A 1 6  GLN 6  5  5  GLN GLN A . n 
A 1 7  SER 7  6  6  SER SER A . n 
A 1 8  ILE 8  7  7  ILE ILE A . n 
A 1 9  LYS 9  8  8  LYS LYS A . n 
A 1 10 GLU 10 9  9  GLU GLU A . n 
A 1 11 ILE 11 10 10 ILE ILE A . n 
A 1 12 ALA 12 11 11 ALA ALA A . n 
A 1 13 LYS 13 12 12 LYS LYS A . n 
A 1 14 SER 14 13 13 SER SER A . n 
A 1 15 ILE 15 14 14 ILE ILE A . n 
A 1 16 LYS 16 15 15 LYS LYS A . n 
A 1 17 GLU 17 16 16 GLU GLU A . n 
A 1 18 ILE 18 17 17 ILE ILE A . n 
A 1 19 ALA 19 18 18 ALA ALA A . n 
A 1 20 TRP 20 19 19 TRP TRP A . n 
A 1 21 SER 21 20 20 SER SER A . n 
A 1 22 ILE 22 21 21 ILE ILE A . n 
A 1 23 LYS 23 22 22 LYS LYS A . n 
A 1 24 GLU 24 23 23 GLU GLU A . n 
A 1 25 ILE 25 24 24 ILE ILE A . n 
A 1 26 ALA 26 25 25 ALA ALA A . n 
A 1 27 GLN 27 26 26 GLN GLN A . n 
A 1 28 SER 28 27 27 SER SER A . n 
A 1 29 ILE 29 28 28 ILE ILE A . n 
A 1 30 LYS 30 29 29 LYS LYS A . n 
A 1 31 GLY 31 30 30 GLY GLY A . n 
B 1 1  ACE 1  0  0  ACE ACE B . n 
B 1 2  GLY 2  1  1  GLY GLY B . n 
B 1 3  GLU 3  2  2  GLU GLU B . n 
B 1 4  ILE 4  3  3  ILE ILE B . n 
B 1 5  ALA 5  4  4  ALA ALA B . n 
B 1 6  GLN 6  5  5  GLN GLN B . n 
B 1 7  SER 7  6  6  SER SER B . n 
B 1 8  ILE 8  7  7  ILE ILE B . n 
B 1 9  LYS 9  8  8  LYS LYS B . n 
B 1 10 GLU 10 9  9  GLU GLU B . n 
B 1 11 ILE 11 10 10 ILE ILE B . n 
B 1 12 ALA 12 11 11 ALA ALA B . n 
B 1 13 LYS 13 12 12 LYS LYS B . n 
B 1 14 SER 14 13 13 SER SER B . n 
B 1 15 ILE 15 14 14 ILE ILE B . n 
B 1 16 LYS 16 15 15 LYS LYS B . n 
B 1 17 GLU 17 16 16 GLU GLU B . n 
B 1 18 ILE 18 17 17 ILE ILE B . n 
B 1 19 ALA 19 18 18 ALA ALA B . n 
B 1 20 TRP 20 19 19 TRP TRP B . n 
B 1 21 SER 21 20 20 SER SER B . n 
B 1 22 ILE 22 21 21 ILE ILE B . n 
B 1 23 LYS 23 22 22 LYS LYS B . n 
B 1 24 GLU 24 23 23 GLU GLU B . n 
B 1 25 ILE 25 24 24 ILE ILE B . n 
B 1 26 ALA 26 25 25 ALA ALA B . n 
B 1 27 GLN 27 26 26 GLN GLN B . n 
B 1 28 SER 28 27 27 SER SER B . n 
B 1 29 ILE 29 28 28 ILE ILE B . n 
B 1 30 LYS 30 29 29 LYS LYS B . n 
B 1 31 GLY 31 30 30 GLY GLY B . n 
C 1 1  ACE 1  0  0  ACE ACE C . n 
C 1 2  GLY 2  1  1  GLY GLY C . n 
C 1 3  GLU 3  2  2  GLU GLU C . n 
C 1 4  ILE 4  3  3  ILE ILE C . n 
C 1 5  ALA 5  4  4  ALA ALA C . n 
C 1 6  GLN 6  5  5  GLN GLN C . n 
C 1 7  SER 7  6  6  SER SER C . n 
C 1 8  ILE 8  7  7  ILE ILE C . n 
C 1 9  LYS 9  8  8  LYS LYS C . n 
C 1 10 GLU 10 9  9  GLU GLU C . n 
C 1 11 ILE 11 10 10 ILE ILE C . n 
C 1 12 ALA 12 11 11 ALA ALA C . n 
C 1 13 LYS 13 12 12 LYS LYS C . n 
C 1 14 SER 14 13 13 SER SER C . n 
C 1 15 ILE 15 14 14 ILE ILE C . n 
C 1 16 LYS 16 15 15 LYS LYS C . n 
C 1 17 GLU 17 16 16 GLU GLU C . n 
C 1 18 ILE 18 17 17 ILE ILE C . n 
C 1 19 ALA 19 18 18 ALA ALA C . n 
C 1 20 TRP 20 19 19 TRP TRP C . n 
C 1 21 SER 21 20 20 SER SER C . n 
C 1 22 ILE 22 21 21 ILE ILE C . n 
C 1 23 LYS 23 22 22 LYS LYS C . n 
C 1 24 GLU 24 23 23 GLU GLU C . n 
C 1 25 ILE 25 24 24 ILE ILE C . n 
C 1 26 ALA 26 25 25 ALA ALA C . n 
C 1 27 GLN 27 26 26 GLN GLN C . n 
C 1 28 SER 28 27 27 SER SER C . n 
C 1 29 ILE 29 28 28 ILE ILE C . n 
C 1 30 LYS 30 29 29 LYS LYS C . n 
C 1 31 GLY 31 30 ?  ?   ?   C . n 
D 1 1  ACE 1  0  0  ACE ACE D . n 
D 1 2  GLY 2  1  1  GLY GLY D . n 
D 1 3  GLU 3  2  2  GLU GLU D . n 
D 1 4  ILE 4  3  3  ILE ILE D . n 
D 1 5  ALA 5  4  4  ALA ALA D . n 
D 1 6  GLN 6  5  5  GLN GLN D . n 
D 1 7  SER 7  6  6  SER SER D . n 
D 1 8  ILE 8  7  7  ILE ILE D . n 
D 1 9  LYS 9  8  8  LYS LYS D . n 
D 1 10 GLU 10 9  9  GLU GLU D . n 
D 1 11 ILE 11 10 10 ILE ILE D . n 
D 1 12 ALA 12 11 11 ALA ALA D . n 
D 1 13 LYS 13 12 12 LYS LYS D . n 
D 1 14 SER 14 13 13 SER SER D . n 
D 1 15 ILE 15 14 14 ILE ILE D . n 
D 1 16 LYS 16 15 15 LYS LYS D . n 
D 1 17 GLU 17 16 16 GLU GLU D . n 
D 1 18 ILE 18 17 17 ILE ILE D . n 
D 1 19 ALA 19 18 18 ALA ALA D . n 
D 1 20 TRP 20 19 19 TRP TRP D . n 
D 1 21 SER 21 20 20 SER SER D . n 
D 1 22 ILE 22 21 21 ILE ILE D . n 
D 1 23 LYS 23 22 22 LYS LYS D . n 
D 1 24 GLU 24 23 23 GLU GLU D . n 
D 1 25 ILE 25 24 24 ILE ILE D . n 
D 1 26 ALA 26 25 25 ALA ALA D . n 
D 1 27 GLN 27 26 26 GLN GLN D . n 
D 1 28 SER 28 27 27 SER SER D . n 
D 1 29 ILE 29 28 28 ILE ILE D . n 
D 1 30 LYS 30 29 29 LYS LYS D . n 
D 1 31 GLY 31 30 30 GLY GLY D . n 
# 
loop_
_pdbx_nonpoly_scheme.asym_id 
_pdbx_nonpoly_scheme.entity_id 
_pdbx_nonpoly_scheme.mon_id 
_pdbx_nonpoly_scheme.ndb_seq_num 
_pdbx_nonpoly_scheme.pdb_seq_num 
_pdbx_nonpoly_scheme.auth_seq_num 
_pdbx_nonpoly_scheme.pdb_mon_id 
_pdbx_nonpoly_scheme.auth_mon_id 
_pdbx_nonpoly_scheme.pdb_strand_id 
_pdbx_nonpoly_scheme.pdb_ins_code 
E 2 HOH 1  101 16 HOH HOH A . 
E 2 HOH 2  102 38 HOH HOH A . 
E 2 HOH 3  103 8  HOH HOH A . 
E 2 HOH 4  104 39 HOH HOH A . 
E 2 HOH 5  105 26 HOH HOH A . 
E 2 HOH 6  106 14 HOH HOH A . 
E 2 HOH 7  107 22 HOH HOH A . 
E 2 HOH 8  108 48 HOH HOH A . 
E 2 HOH 9  109 24 HOH HOH A . 
E 2 HOH 10 110 40 HOH HOH A . 
E 2 HOH 11 111 67 HOH HOH A . 
E 2 HOH 12 112 80 HOH HOH A . 
E 2 HOH 13 113 49 HOH HOH A . 
E 2 HOH 14 114 25 HOH HOH A . 
E 2 HOH 15 115 81 HOH HOH A . 
E 2 HOH 16 116 60 HOH HOH A . 
E 2 HOH 17 117 79 HOH HOH A . 
E 2 HOH 18 118 73 HOH HOH A . 
E 2 HOH 19 119 12 HOH HOH A . 
E 2 HOH 20 120 59 HOH HOH A . 
E 2 HOH 21 121 74 HOH HOH A . 
F 2 HOH 1  101 15 HOH HOH B . 
F 2 HOH 2  102 33 HOH HOH B . 
F 2 HOH 3  103 31 HOH HOH B . 
F 2 HOH 4  104 20 HOH HOH B . 
F 2 HOH 5  105 28 HOH HOH B . 
F 2 HOH 6  106 11 HOH HOH B . 
F 2 HOH 7  107 10 HOH HOH B . 
F 2 HOH 8  108 19 HOH HOH B . 
F 2 HOH 9  109 7  HOH HOH B . 
F 2 HOH 10 110 9  HOH HOH B . 
F 2 HOH 11 111 52 HOH HOH B . 
F 2 HOH 12 112 56 HOH HOH B . 
F 2 HOH 13 113 55 HOH HOH B . 
F 2 HOH 14 114 54 HOH HOH B . 
F 2 HOH 15 115 21 HOH HOH B . 
F 2 HOH 16 116 51 HOH HOH B . 
F 2 HOH 17 117 32 HOH HOH B . 
F 2 HOH 18 118 69 HOH HOH B . 
F 2 HOH 19 119 68 HOH HOH B . 
F 2 HOH 20 120 13 HOH HOH B . 
F 2 HOH 21 121 62 HOH HOH B . 
F 2 HOH 22 122 63 HOH HOH B . 
F 2 HOH 23 123 53 HOH HOH B . 
G 2 HOH 1  101 64 HOH HOH C . 
G 2 HOH 2  102 3  HOH HOH C . 
G 2 HOH 3  103 61 HOH HOH C . 
G 2 HOH 4  104 1  HOH HOH C . 
G 2 HOH 5  105 2  HOH HOH C . 
G 2 HOH 6  106 35 HOH HOH C . 
G 2 HOH 7  107 82 HOH HOH C . 
G 2 HOH 8  108 34 HOH HOH C . 
G 2 HOH 9  109 45 HOH HOH C . 
G 2 HOH 10 110 50 HOH HOH C . 
G 2 HOH 11 111 70 HOH HOH C . 
G 2 HOH 12 112 76 HOH HOH C . 
G 2 HOH 13 113 5  HOH HOH C . 
G 2 HOH 14 114 75 HOH HOH C . 
G 2 HOH 15 115 4  HOH HOH C . 
G 2 HOH 16 116 27 HOH HOH C . 
H 2 HOH 1  101 36 HOH HOH D . 
H 2 HOH 2  102 44 HOH HOH D . 
H 2 HOH 3  103 18 HOH HOH D . 
H 2 HOH 4  104 17 HOH HOH D . 
H 2 HOH 5  105 46 HOH HOH D . 
H 2 HOH 6  106 72 HOH HOH D . 
H 2 HOH 7  107 57 HOH HOH D . 
H 2 HOH 8  108 66 HOH HOH D . 
H 2 HOH 9  109 65 HOH HOH D . 
H 2 HOH 10 110 47 HOH HOH D . 
H 2 HOH 11 111 58 HOH HOH D . 
H 2 HOH 12 112 71 HOH HOH D . 
H 2 HOH 13 113 78 HOH HOH D . 
H 2 HOH 14 114 6  HOH HOH D . 
# 
loop_
_pdbx_unobs_or_zero_occ_atoms.id 
_pdbx_unobs_or_zero_occ_atoms.PDB_model_num 
_pdbx_unobs_or_zero_occ_atoms.polymer_flag 
_pdbx_unobs_or_zero_occ_atoms.occupancy_flag 
_pdbx_unobs_or_zero_occ_atoms.auth_asym_id 
_pdbx_unobs_or_zero_occ_atoms.auth_comp_id 
_pdbx_unobs_or_zero_occ_atoms.auth_seq_id 
_pdbx_unobs_or_zero_occ_atoms.PDB_ins_code 
_pdbx_unobs_or_zero_occ_atoms.auth_atom_id 
_pdbx_unobs_or_zero_occ_atoms.label_alt_id 
_pdbx_unobs_or_zero_occ_atoms.label_asym_id 
_pdbx_unobs_or_zero_occ_atoms.label_comp_id 
_pdbx_unobs_or_zero_occ_atoms.label_seq_id 
_pdbx_unobs_or_zero_occ_atoms.label_atom_id 
1  1 Y 1 A LYS 15 ? NZ  ? A LYS 16 NZ  
2  1 Y 1 C LYS 12 ? CD  ? C LYS 13 CD  
3  1 Y 1 C LYS 12 ? CE  ? C LYS 13 CE  
4  1 Y 1 C LYS 12 ? NZ  ? C LYS 13 NZ  
5  1 Y 1 C LYS 15 ? CG  ? C LYS 16 CG  
6  1 Y 1 C LYS 15 ? CD  ? C LYS 16 CD  
7  1 Y 1 C LYS 15 ? CE  ? C LYS 16 CE  
8  1 Y 1 C LYS 15 ? NZ  ? C LYS 16 NZ  
9  1 Y 1 C TRP 19 ? CG  ? C TRP 20 CG  
10 1 Y 1 C TRP 19 ? CE2 ? C TRP 20 CE2 
11 1 Y 1 C TRP 19 ? CE3 ? C TRP 20 CE3 
12 1 Y 1 C TRP 19 ? CZ2 ? C TRP 20 CZ2 
13 1 Y 1 C TRP 19 ? CZ3 ? C TRP 20 CZ3 
14 1 Y 1 C TRP 19 ? CH2 ? C TRP 20 CH2 
15 1 Y 1 C GLN 26 ? CG  ? C GLN 27 CG  
16 1 Y 1 C GLN 26 ? CD  ? C GLN 27 CD  
17 1 Y 1 C GLN 26 ? OE1 ? C GLN 27 OE1 
18 1 Y 1 C GLN 26 ? NE2 ? C GLN 27 NE2 
19 1 Y 1 C LYS 29 ? CB  ? C LYS 30 CB  
20 1 Y 1 C LYS 29 ? CG  ? C LYS 30 CG  
21 1 Y 1 C LYS 29 ? CD  ? C LYS 30 CD  
22 1 Y 1 C LYS 29 ? CE  ? C LYS 30 CE  
23 1 Y 1 C LYS 29 ? NZ  ? C LYS 30 NZ  
# 
loop_
_software.citation_id 
_software.classification 
_software.compiler_name 
_software.compiler_version 
_software.contact_author 
_software.contact_author_email 
_software.date 
_software.description 
_software.dependencies 
_software.hardware 
_software.language 
_software.location 
_software.mods 
_software.name 
_software.os 
_software.os_version 
_software.type 
_software.version 
_software.pdbx_ordinal 
? refinement       ? ? ? ? ? ? ? ? ? ? ? PHENIX  ? ? ? '(phenix.refine: 1.8.2_1309)' 1 
? 'data reduction' ? ? ? ? ? ? ? ? ? ? ? iMOSFLM ? ? ? .                             2 
? 'data scaling'   ? ? ? ? ? ? ? ? ? ? ? Aimless ? ? ? .                             3 
? phasing          ? ? ? ? ? ? ? ? ? ? ? PHASER  ? ? ? .                             4 
# 
_cell.entry_id           4PNB 
_cell.length_a           89.210 
_cell.length_b           89.210 
_cell.length_c           89.210 
_cell.angle_alpha        90.00 
_cell.angle_beta         90.00 
_cell.angle_gamma        90.00 
_cell.Z_PDB              96 
_cell.pdbx_unique_axis   ? 
# 
_symmetry.entry_id                         4PNB 
_symmetry.cell_setting                     ? 
_symmetry.Int_Tables_number                199 
_symmetry.space_group_name_Hall            ? 
_symmetry.space_group_name_H-M             'I 21 3' 
_symmetry.pdbx_full_space_group_name_H-M   ? 
# 
_exptl.absorpt_coefficient_mu     ? 
_exptl.absorpt_correction_T_max   ? 
_exptl.absorpt_correction_T_min   ? 
_exptl.absorpt_correction_type    ? 
_exptl.absorpt_process_details    ? 
_exptl.entry_id                   4PNB 
_exptl.crystals_number            ? 
_exptl.details                    ? 
_exptl.method                     'X-RAY DIFFRACTION' 
_exptl.method_details             ? 
# 
_exptl_crystal.colour                      ? 
_exptl_crystal.density_diffrn              ? 
_exptl_crystal.density_Matthews            2.25 
_exptl_crystal.density_method              ? 
_exptl_crystal.density_percent_sol         45.34 
_exptl_crystal.description                 ? 
_exptl_crystal.F_000                       ? 
_exptl_crystal.id                          1 
_exptl_crystal.preparation                 ? 
_exptl_crystal.size_max                    ? 
_exptl_crystal.size_mid                    ? 
_exptl_crystal.size_min                    ? 
_exptl_crystal.size_rad                    ? 
_exptl_crystal.colour_lustre               ? 
_exptl_crystal.colour_modifier             ? 
_exptl_crystal.colour_primary              ? 
_exptl_crystal.density_meas                ? 
_exptl_crystal.density_meas_esd            ? 
_exptl_crystal.density_meas_gt             ? 
_exptl_crystal.density_meas_lt             ? 
_exptl_crystal.density_meas_temp           ? 
_exptl_crystal.density_meas_temp_esd       ? 
_exptl_crystal.density_meas_temp_gt        ? 
_exptl_crystal.density_meas_temp_lt        ? 
_exptl_crystal.pdbx_crystal_image_url      ? 
_exptl_crystal.pdbx_crystal_image_format   ? 
_exptl_crystal.pdbx_mosaicity              ? 
_exptl_crystal.pdbx_mosaicity_esd          ? 
# 
_exptl_crystal_grow.apparatus       ? 
_exptl_crystal_grow.atmosphere      ? 
_exptl_crystal_grow.crystal_id      1 
_exptl_crystal_grow.details         ? 
_exptl_crystal_grow.method          'VAPOR DIFFUSION, SITTING DROP' 
_exptl_crystal_grow.method_ref      ? 
_exptl_crystal_grow.pH              5.5 
_exptl_crystal_grow.pressure        ? 
_exptl_crystal_grow.pressure_esd    ? 
_exptl_crystal_grow.seeding         ? 
_exptl_crystal_grow.seeding_ref     ? 
_exptl_crystal_grow.temp            292 
_exptl_crystal_grow.temp_details    ? 
_exptl_crystal_grow.temp_esd        ? 
_exptl_crystal_grow.time            ? 
_exptl_crystal_grow.pdbx_details    '0.2 M ammonium sulfate, 0.1 M sodium acetate, 10 % w/v PEG 2000 MME.' 
_exptl_crystal_grow.pdbx_pH_range   ? 
# 
_diffrn.ambient_environment              ? 
_diffrn.ambient_temp                     90 
_diffrn.ambient_temp_details             ? 
_diffrn.ambient_temp_esd                 ? 
_diffrn.crystal_id                       1 
_diffrn.crystal_support                  ? 
_diffrn.crystal_treatment                ? 
_diffrn.details                          ? 
_diffrn.id                               1 
_diffrn.ambient_pressure                 ? 
_diffrn.ambient_pressure_esd             ? 
_diffrn.ambient_pressure_gt              ? 
_diffrn.ambient_pressure_lt              ? 
_diffrn.ambient_temp_gt                  ? 
_diffrn.ambient_temp_lt                  ? 
_diffrn.pdbx_serial_crystal_experiment   ? 
# 
_diffrn_detector.details                      ? 
_diffrn_detector.detector                     PIXEL 
_diffrn_detector.diffrn_id                    1 
_diffrn_detector.type                         'PSI PILATUS 6M' 
_diffrn_detector.area_resol_mean              ? 
_diffrn_detector.dtime                        ? 
_diffrn_detector.pdbx_frames_total            ? 
_diffrn_detector.pdbx_collection_time_total   ? 
_diffrn_detector.pdbx_collection_date         2014-02-09 
# 
_diffrn_radiation.collimation                      ? 
_diffrn_radiation.diffrn_id                        1 
_diffrn_radiation.filter_edge                      ? 
_diffrn_radiation.inhomogeneity                    ? 
_diffrn_radiation.monochromator                    ? 
_diffrn_radiation.polarisn_norm                    ? 
_diffrn_radiation.polarisn_ratio                   ? 
_diffrn_radiation.probe                            ? 
_diffrn_radiation.type                             ? 
_diffrn_radiation.xray_symbol                      ? 
_diffrn_radiation.wavelength_id                    1 
_diffrn_radiation.pdbx_monochromatic_or_laue_m_l   M 
_diffrn_radiation.pdbx_wavelength_list             ? 
_diffrn_radiation.pdbx_wavelength                  ? 
_diffrn_radiation.pdbx_diffrn_protocol             'SINGLE WAVELENGTH' 
_diffrn_radiation.pdbx_analyzer                    ? 
_diffrn_radiation.pdbx_scattering_type             x-ray 
# 
_diffrn_radiation_wavelength.id           1 
_diffrn_radiation_wavelength.wavelength   0.98 
_diffrn_radiation_wavelength.wt           1.0 
# 
_diffrn_source.current                     ? 
_diffrn_source.details                     ? 
_diffrn_source.diffrn_id                   1 
_diffrn_source.power                       ? 
_diffrn_source.size                        ? 
_diffrn_source.source                      SYNCHROTRON 
_diffrn_source.target                      ? 
_diffrn_source.type                        'DIAMOND BEAMLINE I04' 
_diffrn_source.voltage                     ? 
_diffrn_source.take-off_angle              ? 
_diffrn_source.pdbx_wavelength_list        0.98 
_diffrn_source.pdbx_wavelength             ? 
_diffrn_source.pdbx_synchrotron_beamline   I04 
_diffrn_source.pdbx_synchrotron_site       Diamond 
# 
_reflns.B_iso_Wilson_estimate            ? 
_reflns.entry_id                         4PNB 
_reflns.data_reduction_details           ? 
_reflns.data_reduction_method            ? 
_reflns.d_resolution_high                2.05 
_reflns.d_resolution_low                 44.61 
_reflns.details                          ? 
_reflns.limit_h_max                      ? 
_reflns.limit_h_min                      ? 
_reflns.limit_k_max                      ? 
_reflns.limit_k_min                      ? 
_reflns.limit_l_max                      ? 
_reflns.limit_l_min                      ? 
_reflns.number_all                       ? 
_reflns.number_obs                       7572 
_reflns.observed_criterion               ? 
_reflns.observed_criterion_F_max         ? 
_reflns.observed_criterion_F_min         ? 
_reflns.observed_criterion_I_max         ? 
_reflns.observed_criterion_I_min         ? 
_reflns.observed_criterion_sigma_F       ? 
_reflns.observed_criterion_sigma_I       ? 
_reflns.percent_possible_obs             100 
_reflns.R_free_details                   ? 
_reflns.Rmerge_F_all                     ? 
_reflns.Rmerge_F_obs                     ? 
_reflns.Friedel_coverage                 ? 
_reflns.number_gt                        ? 
_reflns.threshold_expression             ? 
_reflns.pdbx_redundancy                  13.7 
_reflns.pdbx_Rmerge_I_obs                ? 
_reflns.pdbx_Rmerge_I_all                ? 
_reflns.pdbx_Rsym_value                  ? 
_reflns.pdbx_netI_over_av_sigmaI         ? 
_reflns.pdbx_netI_over_sigmaI            14.5 
_reflns.pdbx_res_netI_over_av_sigmaI_2   ? 
_reflns.pdbx_res_netI_over_sigmaI_2      ? 
_reflns.pdbx_chi_squared                 ? 
_reflns.pdbx_scaling_rejects             ? 
_reflns.pdbx_d_res_high_opt              ? 
_reflns.pdbx_d_res_low_opt               ? 
_reflns.pdbx_d_res_opt_method            ? 
_reflns.phase_calculation_details        ? 
_reflns.pdbx_Rrim_I_all                  ? 
_reflns.pdbx_Rpim_I_all                  ? 
_reflns.pdbx_d_opt                       ? 
_reflns.pdbx_number_measured_all         ? 
_reflns.pdbx_diffrn_id                   1 
_reflns.pdbx_ordinal                     1 
_reflns.pdbx_CC_half                     ? 
_reflns.pdbx_R_split                     ? 
# 
_reflns_shell.d_res_high                  2.05 
_reflns_shell.d_res_low                   2.11 
_reflns_shell.meanI_over_sigI_all         ? 
_reflns_shell.meanI_over_sigI_obs         3.9 
_reflns_shell.number_measured_all         ? 
_reflns_shell.number_measured_obs         ? 
_reflns_shell.number_possible             ? 
_reflns_shell.number_unique_all           ? 
_reflns_shell.number_unique_obs           ? 
_reflns_shell.percent_possible_all        100 
_reflns_shell.percent_possible_obs        ? 
_reflns_shell.Rmerge_F_all                ? 
_reflns_shell.Rmerge_F_obs                ? 
_reflns_shell.Rmerge_I_all                ? 
_reflns_shell.Rmerge_I_obs                0.701 
_reflns_shell.meanI_over_sigI_gt          ? 
_reflns_shell.meanI_over_uI_all           ? 
_reflns_shell.meanI_over_uI_gt            ? 
_reflns_shell.number_measured_gt          ? 
_reflns_shell.number_unique_gt            ? 
_reflns_shell.percent_possible_gt         ? 
_reflns_shell.Rmerge_F_gt                 ? 
_reflns_shell.Rmerge_I_gt                 ? 
_reflns_shell.pdbx_redundancy             13.0 
_reflns_shell.pdbx_Rsym_value             ? 
_reflns_shell.pdbx_chi_squared            ? 
_reflns_shell.pdbx_netI_over_sigmaI_all   ? 
_reflns_shell.pdbx_netI_over_sigmaI_obs   ? 
_reflns_shell.pdbx_Rrim_I_all             ? 
_reflns_shell.pdbx_Rpim_I_all             ? 
_reflns_shell.pdbx_rejects                ? 
_reflns_shell.pdbx_ordinal                1 
_reflns_shell.pdbx_diffrn_id              1 
_reflns_shell.pdbx_CC_half                ? 
_reflns_shell.pdbx_R_split                ? 
# 
_refine.aniso_B[1][1]                            ? 
_refine.aniso_B[1][2]                            ? 
_refine.aniso_B[1][3]                            ? 
_refine.aniso_B[2][2]                            ? 
_refine.aniso_B[2][3]                            ? 
_refine.aniso_B[3][3]                            ? 
_refine.B_iso_max                                ? 
_refine.B_iso_mean                               ? 
_refine.B_iso_min                                ? 
_refine.correlation_coeff_Fo_to_Fc               ? 
_refine.correlation_coeff_Fo_to_Fc_free          ? 
_refine.details                                  ? 
_refine.diff_density_max                         ? 
_refine.diff_density_max_esd                     ? 
_refine.diff_density_min                         ? 
_refine.diff_density_min_esd                     ? 
_refine.diff_density_rms                         ? 
_refine.diff_density_rms_esd                     ? 
_refine.entry_id                                 4PNB 
_refine.pdbx_refine_id                           'X-RAY DIFFRACTION' 
_refine.ls_abs_structure_details                 ? 
_refine.ls_abs_structure_Flack                   ? 
_refine.ls_abs_structure_Flack_esd               ? 
_refine.ls_abs_structure_Rogers                  ? 
_refine.ls_abs_structure_Rogers_esd              ? 
_refine.ls_d_res_high                            2.052 
_refine.ls_d_res_low                             44.6 
_refine.ls_extinction_coef                       ? 
_refine.ls_extinction_coef_esd                   ? 
_refine.ls_extinction_expression                 ? 
_refine.ls_extinction_method                     ? 
_refine.ls_goodness_of_fit_all                   ? 
_refine.ls_goodness_of_fit_all_esd               ? 
_refine.ls_goodness_of_fit_obs                   ? 
_refine.ls_goodness_of_fit_obs_esd               ? 
_refine.ls_hydrogen_treatment                    ? 
_refine.ls_matrix_type                           ? 
_refine.ls_number_constraints                    ? 
_refine.ls_number_parameters                     ? 
_refine.ls_number_reflns_all                     ? 
_refine.ls_number_reflns_obs                     7557 
_refine.ls_number_reflns_R_free                  348 
_refine.ls_number_reflns_R_work                  ? 
_refine.ls_number_restraints                     ? 
_refine.ls_percent_reflns_obs                    99.88 
_refine.ls_percent_reflns_R_free                 4.61 
_refine.ls_R_factor_all                          ? 
_refine.ls_R_factor_obs                          0.2428 
_refine.ls_R_factor_R_free                       0.2765 
_refine.ls_R_factor_R_free_error                 ? 
_refine.ls_R_factor_R_free_error_details         ? 
_refine.ls_R_factor_R_work                       0.2411 
_refine.ls_R_Fsqd_factor_obs                     ? 
_refine.ls_R_I_factor_obs                        ? 
_refine.ls_redundancy_reflns_all                 ? 
_refine.ls_redundancy_reflns_obs                 ? 
_refine.ls_restrained_S_all                      ? 
_refine.ls_restrained_S_obs                      ? 
_refine.ls_shift_over_esd_max                    ? 
_refine.ls_shift_over_esd_mean                   ? 
_refine.ls_structure_factor_coef                 ? 
_refine.ls_weighting_details                     ? 
_refine.ls_weighting_scheme                      ? 
_refine.ls_wR_factor_all                         ? 
_refine.ls_wR_factor_obs                         ? 
_refine.ls_wR_factor_R_free                      ? 
_refine.ls_wR_factor_R_work                      ? 
_refine.occupancy_max                            ? 
_refine.occupancy_min                            ? 
_refine.solvent_model_details                    'FLAT BULK SOLVENT MODEL' 
_refine.solvent_model_param_bsol                 ? 
_refine.solvent_model_param_ksol                 ? 
_refine.ls_R_factor_gt                           ? 
_refine.ls_goodness_of_fit_gt                    ? 
_refine.ls_goodness_of_fit_ref                   ? 
_refine.ls_shift_over_su_max                     ? 
_refine.ls_shift_over_su_max_lt                  ? 
_refine.ls_shift_over_su_mean                    ? 
_refine.ls_shift_over_su_mean_lt                 ? 
_refine.pdbx_ls_sigma_I                          ? 
_refine.pdbx_ls_sigma_F                          1.37 
_refine.pdbx_ls_sigma_Fsqd                       ? 
_refine.pdbx_data_cutoff_high_absF               ? 
_refine.pdbx_data_cutoff_high_rms_absF           ? 
_refine.pdbx_data_cutoff_low_absF                ? 
_refine.pdbx_isotropic_thermal_model             ? 
_refine.pdbx_ls_cross_valid_method               'FREE R-VALUE' 
_refine.pdbx_method_to_determine_struct          'MOLECULAR REPLACEMENT' 
_refine.pdbx_starting_model                      ? 
_refine.pdbx_stereochemistry_target_values       ML 
_refine.pdbx_R_Free_selection_details            ? 
_refine.pdbx_stereochem_target_val_spec_case     ? 
_refine.pdbx_overall_ESU_R                       ? 
_refine.pdbx_overall_ESU_R_Free                  ? 
_refine.pdbx_solvent_vdw_probe_radii             1.11 
_refine.pdbx_solvent_ion_probe_radii             ? 
_refine.pdbx_solvent_shrinkage_radii             0.90 
_refine.pdbx_real_space_R                        ? 
_refine.pdbx_density_correlation                 ? 
_refine.pdbx_pd_number_of_powder_patterns        ? 
_refine.pdbx_pd_number_of_points                 ? 
_refine.pdbx_pd_meas_number_of_points            ? 
_refine.pdbx_pd_proc_ls_prof_R_factor            ? 
_refine.pdbx_pd_proc_ls_prof_wR_factor           ? 
_refine.pdbx_pd_Marquardt_correlation_coeff      ? 
_refine.pdbx_pd_Fsqrd_R_factor                   ? 
_refine.pdbx_pd_ls_matrix_band_width             ? 
_refine.pdbx_overall_phase_error                 32.97 
_refine.pdbx_overall_SU_R_free_Cruickshank_DPI   ? 
_refine.pdbx_overall_SU_R_free_Blow_DPI          ? 
_refine.pdbx_overall_SU_R_Blow_DPI               ? 
_refine.pdbx_TLS_residual_ADP_flag               ? 
_refine.pdbx_diffrn_id                           1 
_refine.overall_SU_B                             ? 
_refine.overall_SU_ML                            0.28 
_refine.overall_SU_R_Cruickshank_DPI             ? 
_refine.overall_SU_R_free                        ? 
_refine.overall_FOM_free_R_set                   ? 
_refine.overall_FOM_work_R_set                   ? 
# 
_refine_hist.pdbx_refine_id                   'X-RAY DIFFRACTION' 
_refine_hist.cycle_id                         LAST 
_refine_hist.pdbx_number_atoms_protein        901 
_refine_hist.pdbx_number_atoms_nucleic_acid   0 
_refine_hist.pdbx_number_atoms_ligand         0 
_refine_hist.number_atoms_solvent             74 
_refine_hist.number_atoms_total               975 
_refine_hist.d_res_high                       2.052 
_refine_hist.d_res_low                        44.6 
# 
loop_
_refine_ls_restr.pdbx_refine_id 
_refine_ls_restr.criterion 
_refine_ls_restr.dev_ideal 
_refine_ls_restr.dev_ideal_target 
_refine_ls_restr.number 
_refine_ls_restr.rejects 
_refine_ls_restr.type 
_refine_ls_restr.weight 
_refine_ls_restr.pdbx_restraint_function 
'X-RAY DIFFRACTION' ? 0.008  ? 928  ? f_bond_d           ? ? 
'X-RAY DIFFRACTION' ? 1.095  ? 1219 ? f_angle_d          ? ? 
'X-RAY DIFFRACTION' ? 15.362 ? 355  ? f_dihedral_angle_d ? ? 
'X-RAY DIFFRACTION' ? 0.090  ? 144  ? f_chiral_restr     ? ? 
'X-RAY DIFFRACTION' ? 0.003  ? 143  ? f_plane_restr      ? ? 
# 
loop_
_refine_ls_shell.pdbx_refine_id 
_refine_ls_shell.d_res_high 
_refine_ls_shell.d_res_low 
_refine_ls_shell.number_reflns_all 
_refine_ls_shell.number_reflns_obs 
_refine_ls_shell.number_reflns_R_free 
_refine_ls_shell.number_reflns_R_work 
_refine_ls_shell.percent_reflns_obs 
_refine_ls_shell.percent_reflns_R_free 
_refine_ls_shell.R_factor_all 
_refine_ls_shell.R_factor_obs 
_refine_ls_shell.R_factor_R_free 
_refine_ls_shell.R_factor_R_free_error 
_refine_ls_shell.R_factor_R_work 
_refine_ls_shell.redundancy_reflns_all 
_refine_ls_shell.redundancy_reflns_obs 
_refine_ls_shell.wR_factor_all 
_refine_ls_shell.wR_factor_obs 
_refine_ls_shell.wR_factor_R_free 
_refine_ls_shell.wR_factor_R_work 
_refine_ls_shell.pdbx_total_number_of_bins_used 
_refine_ls_shell.pdbx_phase_error 
'X-RAY DIFFRACTION' 2.0520 2.5853  . . 160 3567 100.00 . . . 0.3209 . 0.2335 . . . . . . . . 
'X-RAY DIFFRACTION' 2.5853 44.6155 . . 188 3642 100.00 . . . 0.2621 . 0.2440 . . . . . . . . 
# 
_struct.entry_id                     4PNB 
_struct.title                        'A de novo designed hexameric coiled coil CC-Hex3.' 
_struct.pdbx_model_details           ? 
_struct.pdbx_formula_weight          ? 
_struct.pdbx_formula_weight_method   ? 
_struct.pdbx_model_type_details      ? 
_struct.pdbx_CASP_flag               ? 
# 
_struct_keywords.entry_id        4PNB 
_struct_keywords.text            
'De Novo Protein, Artificially designed - often synthetic, Alpha-helical barrel, coiled coil, protein design, peptide .' 
_struct_keywords.pdbx_keywords   'DE NOVO PROTEIN' 
# 
loop_
_struct_asym.id 
_struct_asym.pdbx_blank_PDB_chainid_flag 
_struct_asym.pdbx_modified 
_struct_asym.entity_id 
_struct_asym.details 
A N N 1 ? 
B N N 1 ? 
C N N 1 ? 
D N N 1 ? 
E N N 2 ? 
F N N 2 ? 
G N N 2 ? 
H N N 2 ? 
# 
_struct_ref.id                         1 
_struct_ref.db_name                    PDB 
_struct_ref.db_code                    4PNB 
_struct_ref.pdbx_db_accession          4PNB 
_struct_ref.entity_id                  1 
_struct_ref.pdbx_seq_one_letter_code   ? 
_struct_ref.pdbx_align_begin           1 
_struct_ref.pdbx_db_isoform            ? 
# 
loop_
_struct_ref_seq.align_id 
_struct_ref_seq.ref_id 
_struct_ref_seq.pdbx_PDB_id_code 
_struct_ref_seq.pdbx_strand_id 
_struct_ref_seq.seq_align_beg 
_struct_ref_seq.pdbx_seq_align_beg_ins_code 
_struct_ref_seq.seq_align_end 
_struct_ref_seq.pdbx_seq_align_end_ins_code 
_struct_ref_seq.pdbx_db_accession 
_struct_ref_seq.db_align_beg 
_struct_ref_seq.pdbx_db_align_beg_ins_code 
_struct_ref_seq.db_align_end 
_struct_ref_seq.pdbx_db_align_end_ins_code 
_struct_ref_seq.pdbx_auth_seq_align_beg 
_struct_ref_seq.pdbx_auth_seq_align_end 
1 1 4PNB A 1 ? 31 ? 4PNB 0 ? 30 ? 0 30 
2 1 4PNB B 1 ? 31 ? 4PNB 0 ? 30 ? 0 30 
3 1 4PNB C 1 ? 31 ? 4PNB 0 ? 30 ? 0 30 
4 1 4PNB D 1 ? 31 ? 4PNB 0 ? 30 ? 0 30 
# 
loop_
_pdbx_struct_assembly.id 
_pdbx_struct_assembly.details 
_pdbx_struct_assembly.method_details 
_pdbx_struct_assembly.oligomeric_details 
_pdbx_struct_assembly.oligomeric_count 
1 author_and_software_defined_assembly PISA hexameric 6 
2 author_and_software_defined_assembly PISA hexameric 6 
# 
loop_
_pdbx_struct_assembly_prop.biol_id 
_pdbx_struct_assembly_prop.type 
_pdbx_struct_assembly_prop.value 
_pdbx_struct_assembly_prop.details 
1 'ABSA (A^2)' 8440  ? 
1 MORE         -88   ? 
1 'SSA (A^2)'  10400 ? 
2 'ABSA (A^2)' 7920  ? 
2 MORE         -85   ? 
2 'SSA (A^2)'  10090 ? 
# 
loop_
_pdbx_struct_assembly_gen.assembly_id 
_pdbx_struct_assembly_gen.oper_expression 
_pdbx_struct_assembly_gen.asym_id_list 
1 1,2,4 A,E     
1 6,7,8 B,F     
2 1,3,5 C,D,G,H 
# 
loop_
_pdbx_struct_oper_list.id 
_pdbx_struct_oper_list.type 
_pdbx_struct_oper_list.name 
_pdbx_struct_oper_list.symmetry_operation 
_pdbx_struct_oper_list.matrix[1][1] 
_pdbx_struct_oper_list.matrix[1][2] 
_pdbx_struct_oper_list.matrix[1][3] 
_pdbx_struct_oper_list.vector[1] 
_pdbx_struct_oper_list.matrix[2][1] 
_pdbx_struct_oper_list.matrix[2][2] 
_pdbx_struct_oper_list.matrix[2][3] 
_pdbx_struct_oper_list.vector[2] 
_pdbx_struct_oper_list.matrix[3][1] 
_pdbx_struct_oper_list.matrix[3][2] 
_pdbx_struct_oper_list.matrix[3][3] 
_pdbx_struct_oper_list.vector[3] 
1 'identity operation'         1_555  x,y,z           1.0000000000  0.0000000000  0.0000000000  0.0000000000   0.0000000000  1.0000000000  0.0000000000  0.0000000000   0.0000000000  0.0000000000  1.0000000000  0.0000000000   
2 'crystal symmetry operation' 5_555  z,x,y           -0.2577966584 0.6806946150  0.6857081916  17.3176450567  -0.8794478175 -0.4592255465 0.1252335163  -33.3895547624 0.4001404993  -0.5707597906 0.7170222049  -13.8371617251 
3 'crystal symmetry operation' 6_445  z-1/2,-x-1/2,-y 0.1393206697  -0.0050615437 -0.9902343822 19.3364710853  0.9821838783  -0.1266474314 0.1388353603  3.0093771400   -0.1261133622 -0.9919348814 -0.0126732383 24.7816516340  
4 'crystal symmetry operation' 9_555  y,z,x           -0.2577966584 -0.8794478175 0.4001404993  -19.3631312373 0.6806946150  -0.4592255465 -0.5707597906 -35.0190597972 0.6857081916  0.1252335163  0.7170222049  2.2281924870   
5 'crystal symmetry operation' 12_455 -y-1/2,-z,x+1/2 0.1393206697  0.9821838783  -0.1261133622 -2.5244344033  -0.0050615437 -0.1266474314 -0.9919348814 25.0607869523  -0.9902343822 0.1388353603  -0.0126732383 19.0438943178  
6 'crystal symmetry operation' 16_555 x,-y,-z+1/2     -0.7183735962 -0.2442114025 -0.6513832722 -16.4351770905 -0.2442114025 -0.7882328920 0.5648448450  1.4733946026   -0.6513832722 0.5648448450  0.5066064881  -7.6581634744  
7 'crystal symmetry operation' 20_555 -z+1/2,x,-y     -0.4276979196 -0.0862702642 0.8997954940  17.3062451349  0.6623451884  0.6474853716  0.3769105263  -20.5713533214 -0.6151205905 0.7571790640  -0.2197874520 -26.7455693462 
8 'crystal symmetry operation' 24_555 -y,-z+1/2,x     0.1393206697  0.9821838783  -0.1261133622 -19.4863125273 -0.0050615437 -0.1266474314 -0.9919348814 -42.5120450000 -0.9902343822 0.1388353603  -0.0126732383 -14.3480979475  
# 
loop_
_struct_conf.conf_type_id 
_struct_conf.id 
_struct_conf.pdbx_PDB_helix_id 
_struct_conf.beg_label_comp_id 
_struct_conf.beg_label_asym_id 
_struct_conf.beg_label_seq_id 
_struct_conf.pdbx_beg_PDB_ins_code 
_struct_conf.end_label_comp_id 
_struct_conf.end_label_asym_id 
_struct_conf.end_label_seq_id 
_struct_conf.pdbx_end_PDB_ins_code 
_struct_conf.beg_auth_comp_id 
_struct_conf.beg_auth_asym_id 
_struct_conf.beg_auth_seq_id 
_struct_conf.end_auth_comp_id 
_struct_conf.end_auth_asym_id 
_struct_conf.end_auth_seq_id 
_struct_conf.pdbx_PDB_helix_class 
_struct_conf.details 
_struct_conf.pdbx_PDB_helix_length 
HELX_P HELX_P1 AA1 GLY A 2 ? LYS A 30 ? GLY A 1 LYS A 29 1 ? 29 
HELX_P HELX_P2 AA2 GLU B 3 ? LYS B 30 ? GLU B 2 LYS B 29 1 ? 28 
HELX_P HELX_P3 AA3 GLY C 2 ? LYS C 30 ? GLY C 1 LYS C 29 1 ? 29 
HELX_P HELX_P4 AA4 GLY D 2 ? LYS D 30 ? GLY D 1 LYS D 29 1 ? 29 
# 
_struct_conf_type.id          HELX_P 
_struct_conf_type.criteria    ? 
_struct_conf_type.reference   ? 
# 
loop_
_struct_conn.id 
_struct_conn.conn_type_id 
_struct_conn.pdbx_leaving_atom_flag 
_struct_conn.pdbx_PDB_id 
_struct_conn.ptnr1_label_asym_id 
_struct_conn.ptnr1_label_comp_id 
_struct_conn.ptnr1_label_seq_id 
_struct_conn.ptnr1_label_atom_id 
_struct_conn.pdbx_ptnr1_label_alt_id 
_struct_conn.pdbx_ptnr1_PDB_ins_code 
_struct_conn.pdbx_ptnr1_standard_comp_id 
_struct_conn.ptnr1_symmetry 
_struct_conn.ptnr2_label_asym_id 
_struct_conn.ptnr2_label_comp_id 
_struct_conn.ptnr2_label_seq_id 
_struct_conn.ptnr2_label_atom_id 
_struct_conn.pdbx_ptnr2_label_alt_id 
_struct_conn.pdbx_ptnr2_PDB_ins_code 
_struct_conn.ptnr1_auth_asym_id 
_struct_conn.ptnr1_auth_comp_id 
_struct_conn.ptnr1_auth_seq_id 
_struct_conn.ptnr2_auth_asym_id 
_struct_conn.ptnr2_auth_comp_id 
_struct_conn.ptnr2_auth_seq_id 
_struct_conn.ptnr2_symmetry 
_struct_conn.pdbx_ptnr3_label_atom_id 
_struct_conn.pdbx_ptnr3_label_seq_id 
_struct_conn.pdbx_ptnr3_label_comp_id 
_struct_conn.pdbx_ptnr3_label_asym_id 
_struct_conn.pdbx_ptnr3_label_alt_id 
_struct_conn.pdbx_ptnr3_PDB_ins_code 
_struct_conn.details 
_struct_conn.pdbx_dist_value 
_struct_conn.pdbx_value_order 
_struct_conn.pdbx_role 
covale1 covale both ? A ACE 1 C ? ? ? 1_555 A GLY 2 N ? ? A ACE 0 A GLY 1 1_555 ? ? ? ? ? ? ? 1.331 ? ? 
covale2 covale both ? B ACE 1 C ? ? ? 1_555 B GLY 2 N ? ? B ACE 0 B GLY 1 1_555 ? ? ? ? ? ? ? 1.332 ? ? 
covale3 covale both ? C ACE 1 C ? ? ? 1_555 C GLY 2 N ? ? C ACE 0 C GLY 1 1_555 ? ? ? ? ? ? ? 1.337 ? ? 
covale4 covale both ? D ACE 1 C ? ? ? 1_555 D GLY 2 N ? ? D ACE 0 D GLY 1 1_555 ? ? ? ? ? ? ? 1.329 ? ? 
# 
_struct_conn_type.id          covale 
_struct_conn_type.criteria    ? 
_struct_conn_type.reference   ? 
# 
loop_
_pdbx_modification_feature.ordinal 
_pdbx_modification_feature.label_comp_id 
_pdbx_modification_feature.label_asym_id 
_pdbx_modification_feature.label_seq_id 
_pdbx_modification_feature.label_alt_id 
_pdbx_modification_feature.modified_residue_label_comp_id 
_pdbx_modification_feature.modified_residue_label_asym_id 
_pdbx_modification_feature.modified_residue_label_seq_id 
_pdbx_modification_feature.modified_residue_label_alt_id 
_pdbx_modification_feature.auth_comp_id 
_pdbx_modification_feature.auth_asym_id 
_pdbx_modification_feature.auth_seq_id 
_pdbx_modification_feature.PDB_ins_code 
_pdbx_modification_feature.symmetry 
_pdbx_modification_feature.modified_residue_auth_comp_id 
_pdbx_modification_feature.modified_residue_auth_asym_id 
_pdbx_modification_feature.modified_residue_auth_seq_id 
_pdbx_modification_feature.modified_residue_PDB_ins_code 
_pdbx_modification_feature.modified_residue_symmetry 
_pdbx_modification_feature.comp_id_linking_atom 
_pdbx_modification_feature.modified_residue_id_linking_atom 
_pdbx_modification_feature.modified_residue_id 
_pdbx_modification_feature.ref_pcm_id 
_pdbx_modification_feature.ref_comp_id 
_pdbx_modification_feature.type 
_pdbx_modification_feature.category 
1 ACE A 1 ? GLY A 2 ? ACE A 0 ? 1_555 GLY A 1 ? 1_555 . . GLY 12 ACE None 'Terminal acetylation' 
2 ACE B 1 ? GLY B 2 ? ACE B 0 ? 1_555 GLY B 1 ? 1_555 . . GLY 12 ACE None 'Terminal acetylation' 
3 ACE C 1 ? GLY C 2 ? ACE C 0 ? 1_555 GLY C 1 ? 1_555 . . GLY 12 ACE None 'Terminal acetylation' 
4 ACE D 1 ? GLY D 2 ? ACE D 0 ? 1_555 GLY D 1 ? 1_555 . . GLY 12 ACE None 'Terminal acetylation' 
# 
_pdbx_entry_details.entry_id                   4PNB 
_pdbx_entry_details.compound_details           ? 
_pdbx_entry_details.source_details             ? 
_pdbx_entry_details.nonpolymer_details         ? 
_pdbx_entry_details.sequence_details           ? 
_pdbx_entry_details.has_ligand_of_interest     ? 
_pdbx_entry_details.has_protein_modification   Y 
# 
loop_
_pdbx_validate_close_contact.id 
_pdbx_validate_close_contact.PDB_model_num 
_pdbx_validate_close_contact.auth_atom_id_1 
_pdbx_validate_close_contact.auth_asym_id_1 
_pdbx_validate_close_contact.auth_comp_id_1 
_pdbx_validate_close_contact.auth_seq_id_1 
_pdbx_validate_close_contact.PDB_ins_code_1 
_pdbx_validate_close_contact.label_alt_id_1 
_pdbx_validate_close_contact.auth_atom_id_2 
_pdbx_validate_close_contact.auth_asym_id_2 
_pdbx_validate_close_contact.auth_comp_id_2 
_pdbx_validate_close_contact.auth_seq_id_2 
_pdbx_validate_close_contact.PDB_ins_code_2 
_pdbx_validate_close_contact.label_alt_id_2 
_pdbx_validate_close_contact.dist 
1 1 O D ALA 4  ? ? O D HOH 101 ? ? 2.06 
2 1 O D ILE 21 ? ? O D HOH 102 ? ? 2.13 
# 
loop_
_pdbx_validate_symm_contact.id 
_pdbx_validate_symm_contact.PDB_model_num 
_pdbx_validate_symm_contact.auth_atom_id_1 
_pdbx_validate_symm_contact.auth_asym_id_1 
_pdbx_validate_symm_contact.auth_comp_id_1 
_pdbx_validate_symm_contact.auth_seq_id_1 
_pdbx_validate_symm_contact.PDB_ins_code_1 
_pdbx_validate_symm_contact.label_alt_id_1 
_pdbx_validate_symm_contact.site_symmetry_1 
_pdbx_validate_symm_contact.auth_atom_id_2 
_pdbx_validate_symm_contact.auth_asym_id_2 
_pdbx_validate_symm_contact.auth_comp_id_2 
_pdbx_validate_symm_contact.auth_seq_id_2 
_pdbx_validate_symm_contact.PDB_ins_code_2 
_pdbx_validate_symm_contact.label_alt_id_2 
_pdbx_validate_symm_contact.site_symmetry_2 
_pdbx_validate_symm_contact.dist 
1 1 OG C SER 20  ? ? 1_555 O D HOH 102 ? ? 6_445 2.14 
2 1 O  C HOH 103 ? ? 1_555 O D HOH 109 ? ? 6_445 2.14 
# 
loop_
_pdbx_validate_rmsd_angle.id 
_pdbx_validate_rmsd_angle.PDB_model_num 
_pdbx_validate_rmsd_angle.auth_atom_id_1 
_pdbx_validate_rmsd_angle.auth_asym_id_1 
_pdbx_validate_rmsd_angle.auth_comp_id_1 
_pdbx_validate_rmsd_angle.auth_seq_id_1 
_pdbx_validate_rmsd_angle.PDB_ins_code_1 
_pdbx_validate_rmsd_angle.label_alt_id_1 
_pdbx_validate_rmsd_angle.auth_atom_id_2 
_pdbx_validate_rmsd_angle.auth_asym_id_2 
_pdbx_validate_rmsd_angle.auth_comp_id_2 
_pdbx_validate_rmsd_angle.auth_seq_id_2 
_pdbx_validate_rmsd_angle.PDB_ins_code_2 
_pdbx_validate_rmsd_angle.label_alt_id_2 
_pdbx_validate_rmsd_angle.auth_atom_id_3 
_pdbx_validate_rmsd_angle.auth_asym_id_3 
_pdbx_validate_rmsd_angle.auth_comp_id_3 
_pdbx_validate_rmsd_angle.auth_seq_id_3 
_pdbx_validate_rmsd_angle.PDB_ins_code_3 
_pdbx_validate_rmsd_angle.label_alt_id_3 
_pdbx_validate_rmsd_angle.angle_value 
_pdbx_validate_rmsd_angle.angle_target_value 
_pdbx_validate_rmsd_angle.angle_deviation 
_pdbx_validate_rmsd_angle.angle_standard_deviation 
_pdbx_validate_rmsd_angle.linker_flag 
1 1 O A ACE 0 ? ? C A ACE 0 ? ? N  A GLY 1 ? ? 92.11  123.20 -31.09 1.70 Y 
2 1 C A ACE 0 ? ? N A GLY 1 ? ? CA A GLY 1 ? ? 88.44  122.30 -33.86 2.10 Y 
3 1 C B ACE 0 ? ? N B GLY 1 ? ? CA B GLY 1 ? ? 100.93 122.30 -21.37 2.10 Y 
4 1 O C ACE 0 ? ? C C ACE 0 ? ? N  C GLY 1 ? ? 110.03 123.20 -13.17 1.70 Y 
5 1 C C ACE 0 ? ? N C GLY 1 ? ? CA C GLY 1 ? ? 102.51 122.30 -19.79 2.10 Y 
6 1 C D ACE 0 ? ? N D GLY 1 ? ? CA D GLY 1 ? ? 109.03 122.30 -13.27 2.10 Y 
# 
loop_
_pdbx_struct_special_symmetry.id 
_pdbx_struct_special_symmetry.PDB_model_num 
_pdbx_struct_special_symmetry.auth_asym_id 
_pdbx_struct_special_symmetry.auth_comp_id 
_pdbx_struct_special_symmetry.auth_seq_id 
_pdbx_struct_special_symmetry.PDB_ins_code 
_pdbx_struct_special_symmetry.label_asym_id 
_pdbx_struct_special_symmetry.label_comp_id 
_pdbx_struct_special_symmetry.label_seq_id 
1  1 A HOH 118 ? E HOH . 
2  1 A HOH 119 ? E HOH . 
3  1 A HOH 120 ? E HOH . 
4  1 A HOH 121 ? E HOH . 
5  1 B HOH 102 ? F HOH . 
6  1 C HOH 113 ? G HOH . 
7  1 C HOH 114 ? G HOH . 
8  1 C HOH 115 ? G HOH . 
9  1 C HOH 116 ? G HOH . 
10 1 D HOH 114 ? H HOH . 
# 
loop_
_pdbx_distant_solvent_atoms.id 
_pdbx_distant_solvent_atoms.PDB_model_num 
_pdbx_distant_solvent_atoms.auth_atom_id 
_pdbx_distant_solvent_atoms.label_alt_id 
_pdbx_distant_solvent_atoms.auth_asym_id 
_pdbx_distant_solvent_atoms.auth_comp_id 
_pdbx_distant_solvent_atoms.auth_seq_id 
_pdbx_distant_solvent_atoms.PDB_ins_code 
_pdbx_distant_solvent_atoms.neighbor_macromolecule_distance 
_pdbx_distant_solvent_atoms.neighbor_ligand_distance 
1  1 O ? A HOH 118 ? 8.11 . 
2  1 O ? A HOH 119 ? 8.14 . 
3  1 O ? A HOH 120 ? 8.19 . 
4  1 O ? A HOH 121 ? 8.98 . 
5  1 O ? C HOH 112 ? 7.59 . 
6  1 O ? C HOH 113 ? 7.64 . 
7  1 O ? C HOH 114 ? 7.75 . 
8  1 O ? C HOH 115 ? 8.10 . 
9  1 O ? C HOH 116 ? 8.21 . 
10 1 O ? D HOH 114 ? 8.18 . 
# 
_pdbx_unobs_or_zero_occ_residues.id               1 
_pdbx_unobs_or_zero_occ_residues.PDB_model_num    1 
_pdbx_unobs_or_zero_occ_residues.polymer_flag     Y 
_pdbx_unobs_or_zero_occ_residues.occupancy_flag   1 
_pdbx_unobs_or_zero_occ_residues.auth_asym_id     C 
_pdbx_unobs_or_zero_occ_residues.auth_comp_id     GLY 
_pdbx_unobs_or_zero_occ_residues.auth_seq_id      30 
_pdbx_unobs_or_zero_occ_residues.PDB_ins_code     ? 
_pdbx_unobs_or_zero_occ_residues.label_asym_id    C 
_pdbx_unobs_or_zero_occ_residues.label_comp_id    GLY 
_pdbx_unobs_or_zero_occ_residues.label_seq_id     31 
# 
loop_
_chem_comp_atom.comp_id 
_chem_comp_atom.atom_id 
_chem_comp_atom.type_symbol 
_chem_comp_atom.pdbx_aromatic_flag 
_chem_comp_atom.pdbx_stereo_config 
_chem_comp_atom.pdbx_ordinal 
ACE C    C N N 1   
ACE O    O N N 2   
ACE CH3  C N N 3   
ACE H    H N N 4   
ACE H1   H N N 5   
ACE H2   H N N 6   
ACE H3   H N N 7   
ALA N    N N N 8   
ALA CA   C N S 9   
ALA C    C N N 10  
ALA O    O N N 11  
ALA CB   C N N 12  
ALA OXT  O N N 13  
ALA H    H N N 14  
ALA H2   H N N 15  
ALA HA   H N N 16  
ALA HB1  H N N 17  
ALA HB2  H N N 18  
ALA HB3  H N N 19  
ALA HXT  H N N 20  
GLN N    N N N 21  
GLN CA   C N S 22  
GLN C    C N N 23  
GLN O    O N N 24  
GLN CB   C N N 25  
GLN CG   C N N 26  
GLN CD   C N N 27  
GLN OE1  O N N 28  
GLN NE2  N N N 29  
GLN OXT  O N N 30  
GLN H    H N N 31  
GLN H2   H N N 32  
GLN HA   H N N 33  
GLN HB2  H N N 34  
GLN HB3  H N N 35  
GLN HG2  H N N 36  
GLN HG3  H N N 37  
GLN HE21 H N N 38  
GLN HE22 H N N 39  
GLN HXT  H N N 40  
GLU N    N N N 41  
GLU CA   C N S 42  
GLU C    C N N 43  
GLU O    O N N 44  
GLU CB   C N N 45  
GLU CG   C N N 46  
GLU CD   C N N 47  
GLU OE1  O N N 48  
GLU OE2  O N N 49  
GLU OXT  O N N 50  
GLU H    H N N 51  
GLU H2   H N N 52  
GLU HA   H N N 53  
GLU HB2  H N N 54  
GLU HB3  H N N 55  
GLU HG2  H N N 56  
GLU HG3  H N N 57  
GLU HE2  H N N 58  
GLU HXT  H N N 59  
GLY N    N N N 60  
GLY CA   C N N 61  
GLY C    C N N 62  
GLY O    O N N 63  
GLY OXT  O N N 64  
GLY H    H N N 65  
GLY H2   H N N 66  
GLY HA2  H N N 67  
GLY HA3  H N N 68  
GLY HXT  H N N 69  
HOH O    O N N 70  
HOH H1   H N N 71  
HOH H2   H N N 72  
ILE N    N N N 73  
ILE CA   C N S 74  
ILE C    C N N 75  
ILE O    O N N 76  
ILE CB   C N S 77  
ILE CG1  C N N 78  
ILE CG2  C N N 79  
ILE CD1  C N N 80  
ILE OXT  O N N 81  
ILE H    H N N 82  
ILE H2   H N N 83  
ILE HA   H N N 84  
ILE HB   H N N 85  
ILE HG12 H N N 86  
ILE HG13 H N N 87  
ILE HG21 H N N 88  
ILE HG22 H N N 89  
ILE HG23 H N N 90  
ILE HD11 H N N 91  
ILE HD12 H N N 92  
ILE HD13 H N N 93  
ILE HXT  H N N 94  
LYS N    N N N 95  
LYS CA   C N S 96  
LYS C    C N N 97  
LYS O    O N N 98  
LYS CB   C N N 99  
LYS CG   C N N 100 
LYS CD   C N N 101 
LYS CE   C N N 102 
LYS NZ   N N N 103 
LYS OXT  O N N 104 
LYS H    H N N 105 
LYS H2   H N N 106 
LYS HA   H N N 107 
LYS HB2  H N N 108 
LYS HB3  H N N 109 
LYS HG2  H N N 110 
LYS HG3  H N N 111 
LYS HD2  H N N 112 
LYS HD3  H N N 113 
LYS HE2  H N N 114 
LYS HE3  H N N 115 
LYS HZ1  H N N 116 
LYS HZ2  H N N 117 
LYS HZ3  H N N 118 
LYS HXT  H N N 119 
SER N    N N N 120 
SER CA   C N S 121 
SER C    C N N 122 
SER O    O N N 123 
SER CB   C N N 124 
SER OG   O N N 125 
SER OXT  O N N 126 
SER H    H N N 127 
SER H2   H N N 128 
SER HA   H N N 129 
SER HB2  H N N 130 
SER HB3  H N N 131 
SER HG   H N N 132 
SER HXT  H N N 133 
TRP N    N N N 134 
TRP CA   C N S 135 
TRP C    C N N 136 
TRP O    O N N 137 
TRP CB   C N N 138 
TRP CG   C Y N 139 
TRP CD1  C Y N 140 
TRP CD2  C Y N 141 
TRP NE1  N Y N 142 
TRP CE2  C Y N 143 
TRP CE3  C Y N 144 
TRP CZ2  C Y N 145 
TRP CZ3  C Y N 146 
TRP CH2  C Y N 147 
TRP OXT  O N N 148 
TRP H    H N N 149 
TRP H2   H N N 150 
TRP HA   H N N 151 
TRP HB2  H N N 152 
TRP HB3  H N N 153 
TRP HD1  H N N 154 
TRP HE1  H N N 155 
TRP HE3  H N N 156 
TRP HZ2  H N N 157 
TRP HZ3  H N N 158 
TRP HH2  H N N 159 
TRP HXT  H N N 160 
# 
loop_
_chem_comp_bond.comp_id 
_chem_comp_bond.atom_id_1 
_chem_comp_bond.atom_id_2 
_chem_comp_bond.value_order 
_chem_comp_bond.pdbx_aromatic_flag 
_chem_comp_bond.pdbx_stereo_config 
_chem_comp_bond.pdbx_ordinal 
ACE C   O    doub N N 1   
ACE C   CH3  sing N N 2   
ACE C   H    sing N N 3   
ACE CH3 H1   sing N N 4   
ACE CH3 H2   sing N N 5   
ACE CH3 H3   sing N N 6   
ALA N   CA   sing N N 7   
ALA N   H    sing N N 8   
ALA N   H2   sing N N 9   
ALA CA  C    sing N N 10  
ALA CA  CB   sing N N 11  
ALA CA  HA   sing N N 12  
ALA C   O    doub N N 13  
ALA C   OXT  sing N N 14  
ALA CB  HB1  sing N N 15  
ALA CB  HB2  sing N N 16  
ALA CB  HB3  sing N N 17  
ALA OXT HXT  sing N N 18  
GLN N   CA   sing N N 19  
GLN N   H    sing N N 20  
GLN N   H2   sing N N 21  
GLN CA  C    sing N N 22  
GLN CA  CB   sing N N 23  
GLN CA  HA   sing N N 24  
GLN C   O    doub N N 25  
GLN C   OXT  sing N N 26  
GLN CB  CG   sing N N 27  
GLN CB  HB2  sing N N 28  
GLN CB  HB3  sing N N 29  
GLN CG  CD   sing N N 30  
GLN CG  HG2  sing N N 31  
GLN CG  HG3  sing N N 32  
GLN CD  OE1  doub N N 33  
GLN CD  NE2  sing N N 34  
GLN NE2 HE21 sing N N 35  
GLN NE2 HE22 sing N N 36  
GLN OXT HXT  sing N N 37  
GLU N   CA   sing N N 38  
GLU N   H    sing N N 39  
GLU N   H2   sing N N 40  
GLU CA  C    sing N N 41  
GLU CA  CB   sing N N 42  
GLU CA  HA   sing N N 43  
GLU C   O    doub N N 44  
GLU C   OXT  sing N N 45  
GLU CB  CG   sing N N 46  
GLU CB  HB2  sing N N 47  
GLU CB  HB3  sing N N 48  
GLU CG  CD   sing N N 49  
GLU CG  HG2  sing N N 50  
GLU CG  HG3  sing N N 51  
GLU CD  OE1  doub N N 52  
GLU CD  OE2  sing N N 53  
GLU OE2 HE2  sing N N 54  
GLU OXT HXT  sing N N 55  
GLY N   CA   sing N N 56  
GLY N   H    sing N N 57  
GLY N   H2   sing N N 58  
GLY CA  C    sing N N 59  
GLY CA  HA2  sing N N 60  
GLY CA  HA3  sing N N 61  
GLY C   O    doub N N 62  
GLY C   OXT  sing N N 63  
GLY OXT HXT  sing N N 64  
HOH O   H1   sing N N 65  
HOH O   H2   sing N N 66  
ILE N   CA   sing N N 67  
ILE N   H    sing N N 68  
ILE N   H2   sing N N 69  
ILE CA  C    sing N N 70  
ILE CA  CB   sing N N 71  
ILE CA  HA   sing N N 72  
ILE C   O    doub N N 73  
ILE C   OXT  sing N N 74  
ILE CB  CG1  sing N N 75  
ILE CB  CG2  sing N N 76  
ILE CB  HB   sing N N 77  
ILE CG1 CD1  sing N N 78  
ILE CG1 HG12 sing N N 79  
ILE CG1 HG13 sing N N 80  
ILE CG2 HG21 sing N N 81  
ILE CG2 HG22 sing N N 82  
ILE CG2 HG23 sing N N 83  
ILE CD1 HD11 sing N N 84  
ILE CD1 HD12 sing N N 85  
ILE CD1 HD13 sing N N 86  
ILE OXT HXT  sing N N 87  
LYS N   CA   sing N N 88  
LYS N   H    sing N N 89  
LYS N   H2   sing N N 90  
LYS CA  C    sing N N 91  
LYS CA  CB   sing N N 92  
LYS CA  HA   sing N N 93  
LYS C   O    doub N N 94  
LYS C   OXT  sing N N 95  
LYS CB  CG   sing N N 96  
LYS CB  HB2  sing N N 97  
LYS CB  HB3  sing N N 98  
LYS CG  CD   sing N N 99  
LYS CG  HG2  sing N N 100 
LYS CG  HG3  sing N N 101 
LYS CD  CE   sing N N 102 
LYS CD  HD2  sing N N 103 
LYS CD  HD3  sing N N 104 
LYS CE  NZ   sing N N 105 
LYS CE  HE2  sing N N 106 
LYS CE  HE3  sing N N 107 
LYS NZ  HZ1  sing N N 108 
LYS NZ  HZ2  sing N N 109 
LYS NZ  HZ3  sing N N 110 
LYS OXT HXT  sing N N 111 
SER N   CA   sing N N 112 
SER N   H    sing N N 113 
SER N   H2   sing N N 114 
SER CA  C    sing N N 115 
SER CA  CB   sing N N 116 
SER CA  HA   sing N N 117 
SER C   O    doub N N 118 
SER C   OXT  sing N N 119 
SER CB  OG   sing N N 120 
SER CB  HB2  sing N N 121 
SER CB  HB3  sing N N 122 
SER OG  HG   sing N N 123 
SER OXT HXT  sing N N 124 
TRP N   CA   sing N N 125 
TRP N   H    sing N N 126 
TRP N   H2   sing N N 127 
TRP CA  C    sing N N 128 
TRP CA  CB   sing N N 129 
TRP CA  HA   sing N N 130 
TRP C   O    doub N N 131 
TRP C   OXT  sing N N 132 
TRP CB  CG   sing N N 133 
TRP CB  HB2  sing N N 134 
TRP CB  HB3  sing N N 135 
TRP CG  CD1  doub Y N 136 
TRP CG  CD2  sing Y N 137 
TRP CD1 NE1  sing Y N 138 
TRP CD1 HD1  sing N N 139 
TRP CD2 CE2  doub Y N 140 
TRP CD2 CE3  sing Y N 141 
TRP NE1 CE2  sing Y N 142 
TRP NE1 HE1  sing N N 143 
TRP CE2 CZ2  sing Y N 144 
TRP CE3 CZ3  doub Y N 145 
TRP CE3 HE3  sing N N 146 
TRP CZ2 CH2  doub Y N 147 
TRP CZ2 HZ2  sing N N 148 
TRP CZ3 CH2  sing Y N 149 
TRP CZ3 HZ3  sing N N 150 
TRP CH2 HH2  sing N N 151 
TRP OXT HXT  sing N N 152 
# 
loop_
_pdbx_audit_support.funding_organization 
_pdbx_audit_support.country 
_pdbx_audit_support.grant_number 
_pdbx_audit_support.ordinal 
'European Research Council'                              'United Kingdom' 340764       1 
'Engineering and Physical Sciences Research Council'     'United Kingdom' EP/J001430/1 2 
'Biotechnology and Biological Sciences Research Council' 'United Kingdom' BB/J008990/1 3 
# 
_atom_sites.entry_id                    4PNB 
_atom_sites.fract_transf_matrix[1][1]   0.00420656 
_atom_sites.fract_transf_matrix[1][2]   -0.00364771 
_atom_sites.fract_transf_matrix[1][3]   -0.00972950 
_atom_sites.fract_transf_matrix[2][1]   -0.01023901 
_atom_sites.fract_transf_matrix[2][2]   -0.00324279 
_atom_sites.fract_transf_matrix[2][3]   -0.00321109 
_atom_sites.fract_transf_matrix[3][1]   -0.00176964 
_atom_sites.fract_transf_matrix[3][2]   0.01009171 
_atom_sites.fract_transf_matrix[3][3]   -0.00454861 
_atom_sites.fract_transf_vector[1]      -0.118654 
_atom_sites.fract_transf_vector[2]      -0.094047 
_atom_sites.fract_transf_vector[3]      0.210617 
# 
loop_
_atom_type.symbol 
C 
N 
O 
# 
loop_
_atom_site.group_PDB 
_atom_site.id 
_atom_site.type_symbol 
_atom_site.label_atom_id 
_atom_site.label_alt_id 
_atom_site.label_comp_id 
_atom_site.label_asym_id 
_atom_site.label_entity_id 
_atom_site.label_seq_id 
_atom_site.pdbx_PDB_ins_code 
_atom_site.Cartn_x 
_atom_site.Cartn_y 
_atom_site.Cartn_z 
_atom_site.occupancy 
_atom_site.B_iso_or_equiv 
_atom_site.pdbx_formal_charge 
_atom_site.auth_seq_id 
_atom_site.auth_comp_id 
_atom_site.auth_asym_id 
_atom_site.auth_atom_id 
_atom_site.pdbx_PDB_model_num 
HETATM 1   C C   . ACE A 1 1  ? 14.467  -14.168 1.305   1.00 53.53 ? 0   ACE A C   1 
HETATM 2   O O   . ACE A 1 1  ? 14.070  -13.124 0.781   1.00 53.55 ? 0   ACE A O   1 
HETATM 3   C CH3 . ACE A 1 1  ? 15.692  -14.227 2.172   1.00 50.66 ? 0   ACE A CH3 1 
ATOM   4   N N   . GLY A 1 2  ? 13.503  -14.132 2.222   1.00 51.27 ? 1   GLY A N   1 
ATOM   5   C CA  . GLY A 1 2  ? 13.130  -15.476 1.825   1.00 39.96 ? 1   GLY A CA  1 
ATOM   6   C C   . GLY A 1 2  ? 12.047  -15.473 0.773   1.00 43.60 ? 1   GLY A C   1 
ATOM   7   O O   . GLY A 1 2  ? 11.146  -14.625 0.787   1.00 45.68 ? 1   GLY A O   1 
ATOM   8   N N   . GLU A 1 3  ? 12.117  -16.432 -0.141  1.00 44.05 ? 2   GLU A N   1 
ATOM   9   C CA  . GLU A 1 3  ? 11.271  -16.371 -1.316  1.00 39.86 ? 2   GLU A CA  1 
ATOM   10  C C   . GLU A 1 3  ? 9.800   -16.734 -1.115  1.00 31.33 ? 2   GLU A C   1 
ATOM   11  O O   . GLU A 1 3  ? 8.952   -16.105 -1.739  1.00 25.86 ? 2   GLU A O   1 
ATOM   12  C CB  . GLU A 1 3  ? 11.889  -17.147 -2.486  1.00 48.26 ? 2   GLU A CB  1 
ATOM   13  C CG  . GLU A 1 3  ? 12.868  -16.323 -3.330  1.00 44.80 ? 2   GLU A CG  1 
ATOM   14  C CD  . GLU A 1 3  ? 12.237  -15.077 -3.959  1.00 51.58 ? 2   GLU A CD  1 
ATOM   15  O OE1 . GLU A 1 3  ? 12.988  -14.129 -4.272  1.00 51.24 ? 2   GLU A OE1 1 
ATOM   16  O OE2 . GLU A 1 3  ? 11.000  -15.040 -4.159  1.00 50.05 ? 2   GLU A OE2 1 
ATOM   17  N N   . ILE A 1 4  ? 9.482   -17.703 -0.254  1.00 26.27 ? 3   ILE A N   1 
ATOM   18  C CA  . ILE A 1 4  ? 8.099   -18.213 -0.221  1.00 26.95 ? 3   ILE A CA  1 
ATOM   19  C C   . ILE A 1 4  ? 7.007   -17.159 -0.028  1.00 27.82 ? 3   ILE A C   1 
ATOM   20  O O   . ILE A 1 4  ? 6.027   -17.163 -0.759  1.00 23.88 ? 3   ILE A O   1 
ATOM   21  C CB  . ILE A 1 4  ? 7.874   -19.395 0.755   1.00 26.94 ? 3   ILE A CB  1 
ATOM   22  C CG1 . ILE A 1 4  ? 8.515   -20.663 0.205   1.00 25.27 ? 3   ILE A CG1 1 
ATOM   23  C CG2 . ILE A 1 4  ? 6.378   -19.676 0.928   1.00 28.49 ? 3   ILE A CG2 1 
ATOM   24  C CD1 . ILE A 1 4  ? 8.003   -21.936 0.855   1.00 28.13 ? 3   ILE A CD1 1 
ATOM   25  N N   . ALA A 1 5  ? 7.168   -16.251 0.927   1.00 21.69 ? 4   ALA A N   1 
ATOM   26  C CA  . ALA A 1 5  ? 6.139   -15.235 1.136   1.00 25.14 ? 4   ALA A CA  1 
ATOM   27  C C   . ALA A 1 5  ? 6.017   -14.304 -0.071  1.00 24.21 ? 4   ALA A C   1 
ATOM   28  O O   . ALA A 1 5  ? 4.915   -13.859 -0.417  1.00 21.84 ? 4   ALA A O   1 
ATOM   29  C CB  . ALA A 1 5  ? 6.401   -14.441 2.409   1.00 27.26 ? 4   ALA A CB  1 
ATOM   30  N N   . GLN A 1 6  ? 7.155   -14.033 -0.705  1.00 21.13 ? 5   GLN A N   1 
ATOM   31  C CA  . GLN A 1 6  ? 7.237   -13.135 -1.856  1.00 29.80 ? 5   GLN A CA  1 
ATOM   32  C C   . GLN A 1 6  ? 6.611   -13.748 -3.108  1.00 22.46 ? 5   GLN A C   1 
ATOM   33  O O   . GLN A 1 6  ? 5.812   -13.107 -3.795  1.00 22.27 ? 5   GLN A O   1 
ATOM   34  C CB  . GLN A 1 6  ? 8.696   -12.793 -2.147  1.00 31.03 ? 5   GLN A CB  1 
ATOM   35  C CG  . GLN A 1 6  ? 8.876   -11.695 -3.178  1.00 27.80 ? 5   GLN A CG  1 
ATOM   36  C CD  . GLN A 1 6  ? 8.887   -10.310 -2.546  1.00 41.13 ? 5   GLN A CD  1 
ATOM   37  O OE1 . GLN A 1 6  ? 7.900   -9.877  -1.946  1.00 42.25 ? 5   GLN A OE1 1 
ATOM   38  N NE2 . GLN A 1 6  ? 10.016  -9.616  -2.664  1.00 42.96 ? 5   GLN A NE2 1 
ATOM   39  N N   . SER A 1 7  ? 7.001   -14.983 -3.400  1.00 21.72 ? 6   SER A N   1 
ATOM   40  C CA  . SER A 1 7  ? 6.431   -15.736 -4.504  1.00 25.63 ? 6   SER A CA  1 
ATOM   41  C C   . SER A 1 7  ? 4.911   -15.797 -4.387  1.00 21.17 ? 6   SER A C   1 
ATOM   42  O O   . SER A 1 7  ? 4.198   -15.569 -5.357  1.00 19.57 ? 6   SER A O   1 
ATOM   43  C CB  . SER A 1 7  ? 7.031   -17.144 -4.539  1.00 21.32 ? 6   SER A CB  1 
ATOM   44  O OG  . SER A 1 7  ? 8.429   -17.097 -4.745  1.00 20.11 ? 6   SER A OG  1 
ATOM   45  N N   . ILE A 1 8  ? 4.410   -16.086 -3.190  1.00 18.76 ? 7   ILE A N   1 
ATOM   46  C CA  . ILE A 1 8  ? 2.967   -16.209 -2.997  1.00 19.35 ? 7   ILE A CA  1 
ATOM   47  C C   . ILE A 1 8  ? 2.235   -14.864 -3.209  1.00 19.97 ? 7   ILE A C   1 
ATOM   48  O O   . ILE A 1 8  ? 1.156   -14.804 -3.817  1.00 18.26 ? 7   ILE A O   1 
ATOM   49  C CB  . ILE A 1 8  ? 2.646   -16.858 -1.623  1.00 18.13 ? 7   ILE A CB  1 
ATOM   50  C CG1 . ILE A 1 8  ? 3.080   -18.330 -1.622  1.00 17.82 ? 7   ILE A CG1 1 
ATOM   51  C CG2 . ILE A 1 8  ? 1.166   -16.797 -1.324  1.00 20.91 ? 7   ILE A CG2 1 
ATOM   52  C CD1 . ILE A 1 8  ? 2.829   -19.050 -0.306  1.00 21.08 ? 7   ILE A CD1 1 
ATOM   53  N N   . LYS A 1 9  ? 2.842   -13.783 -2.740  1.00 18.60 ? 8   LYS A N   1 
ATOM   54  C CA  . LYS A 1 9  ? 2.275   -12.456 -2.927  1.00 19.94 ? 8   LYS A CA  1 
ATOM   55  C C   . LYS A 1 9  ? 2.250   -12.112 -4.404  1.00 21.67 ? 8   LYS A C   1 
ATOM   56  O O   . LYS A 1 9  ? 1.251   -11.589 -4.908  1.00 21.29 ? 8   LYS A O   1 
ATOM   57  C CB  . LYS A 1 9  ? 3.075   -11.406 -2.145  1.00 21.53 ? 8   LYS A CB  1 
ATOM   58  C CG  . LYS A 1 9  ? 2.590   -9.974  -2.354  1.00 29.11 ? 8   LYS A CG  1 
ATOM   59  C CD  . LYS A 1 9  ? 3.410   -8.975  -1.545  1.00 32.21 ? 8   LYS A CD  1 
ATOM   60  C CE  . LYS A 1 9  ? 3.036   -7.536  -1.894  1.00 38.14 ? 8   LYS A CE  1 
ATOM   61  N NZ  . LYS A 1 9  ? 3.171   -7.255  -3.358  1.00 43.11 ? 8   LYS A NZ  1 
ATOM   62  N N   . GLU A 1 10 ? 3.341   -12.408 -5.099  1.00 17.23 ? 9   GLU A N   1 
ATOM   63  C CA  . GLU A 1 10 ? 3.393   -12.144 -6.524  1.00 20.57 ? 9   GLU A CA  1 
ATOM   64  C C   . GLU A 1 10 ? 2.382   -13.010 -7.244  1.00 17.87 ? 9   GLU A C   1 
ATOM   65  O O   . GLU A 1 10 ? 1.772   -12.565 -8.200  1.00 19.50 ? 9   GLU A O   1 
ATOM   66  C CB  . GLU A 1 10 ? 4.795   -12.387 -7.068  1.00 21.29 ? 9   GLU A CB  1 
ATOM   67  C CG  . GLU A 1 10 ? 5.823   -11.418 -6.487  1.00 28.78 ? 9   GLU A CG  1 
ATOM   68  C CD  . GLU A 1 10 ? 7.257   -11.732 -6.906  1.00 32.88 ? 9   GLU A CD  1 
ATOM   69  O OE1 . GLU A 1 10 ? 7.465   -12.582 -7.799  1.00 38.54 ? 9   GLU A OE1 1 
ATOM   70  O OE2 . GLU A 1 10 ? 8.186   -11.121 -6.337  1.00 39.23 ? 9   GLU A OE2 1 
ATOM   71  N N   . ILE A 1 11 ? 2.215   -14.248 -6.785  1.00 19.43 ? 10  ILE A N   1 
ATOM   72  C CA  . ILE A 1 11 ? 1.198   -15.128 -7.347  1.00 16.04 ? 10  ILE A CA  1 
ATOM   73  C C   . ILE A 1 11 ? -0.180  -14.526 -7.144  1.00 16.64 ? 10  ILE A C   1 
ATOM   74  O O   . ILE A 1 11 ? -0.985  -14.493 -8.063  1.00 16.71 ? 10  ILE A O   1 
ATOM   75  C CB  . ILE A 1 11 ? 1.269   -16.565 -6.773  1.00 15.54 ? 10  ILE A CB  1 
ATOM   76  C CG1 . ILE A 1 11 ? 2.455   -17.314 -7.381  1.00 15.92 ? 10  ILE A CG1 1 
ATOM   77  C CG2 . ILE A 1 11 ? -0.009  -17.323 -7.100  1.00 17.40 ? 10  ILE A CG2 1 
ATOM   78  C CD1 . ILE A 1 11 ? 2.956   -18.501 -6.564  1.00 17.26 ? 10  ILE A CD1 1 
ATOM   79  N N   . ALA A 1 12 ? -0.444  -14.018 -5.949  1.00 15.37 ? 11  ALA A N   1 
ATOM   80  C CA  . ALA A 1 12 ? -1.703  -13.340 -5.690  1.00 16.69 ? 11  ALA A CA  1 
ATOM   81  C C   . ALA A 1 12 ? -1.957  -12.169 -6.642  1.00 20.75 ? 11  ALA A C   1 
ATOM   82  O O   . ALA A 1 12 ? -3.083  -11.983 -7.132  1.00 15.67 ? 11  ALA A O   1 
ATOM   83  C CB  . ALA A 1 12 ? -1.770  -12.878 -4.254  1.00 19.57 ? 11  ALA A CB  1 
ATOM   84  N N   . LYS A 1 13 ? -0.914  -11.393 -6.916  1.00 17.34 ? 12  LYS A N   1 
ATOM   85  C CA  . LYS A 1 13 ? -1.042  -10.253 -7.815  1.00 20.45 ? 12  LYS A CA  1 
ATOM   86  C C   . LYS A 1 13 ? -1.301  -10.685 -9.255  1.00 18.45 ? 12  LYS A C   1 
ATOM   87  O O   . LYS A 1 13 ? -2.197  -10.161 -9.899  1.00 16.89 ? 12  LYS A O   1 
ATOM   88  C CB  . LYS A 1 13 ? 0.204   -9.365  -7.747  1.00 22.68 ? 12  LYS A CB  1 
ATOM   89  C CG  . LYS A 1 13 ? 0.333   -8.346  -8.889  1.00 22.59 ? 12  LYS A CG  1 
ATOM   90  C CD  . LYS A 1 13 ? 1.413   -7.288  -8.570  1.00 28.98 ? 12  LYS A CD  1 
ATOM   91  C CE  . LYS A 1 13 ? 1.850   -6.511  -9.820  1.00 39.09 ? 12  LYS A CE  1 
ATOM   92  N NZ  . LYS A 1 13 ? 2.863   -5.451  -9.527  1.00 41.53 ? 12  LYS A NZ  1 
ATOM   93  N N   . SER A 1 14 ? -0.514  -11.631 -9.756  1.00 17.35 ? 13  SER A N   1 
ATOM   94  C CA  . SER A 1 14 ? -0.706  -12.162 -11.103 1.00 17.16 ? 13  SER A CA  1 
ATOM   95  C C   . SER A 1 14 ? -2.093  -12.767 -11.290 1.00 15.90 ? 13  SER A C   1 
ATOM   96  O O   . SER A 1 14 ? -2.736  -12.593 -12.322 1.00 15.66 ? 13  SER A O   1 
ATOM   97  C CB  . SER A 1 14 ? 0.352   -13.221 -11.405 1.00 14.33 ? 13  SER A CB  1 
ATOM   98  O OG  . SER A 1 14 ? 1.635   -12.638 -11.482 1.00 20.23 ? 13  SER A OG  1 
ATOM   99  N N   . ILE A 1 15 ? -2.565  -13.483 -10.290 1.00 12.38 ? 14  ILE A N   1 
ATOM   100 C CA  . ILE A 1 15 ? -3.864  -14.132 -10.440 1.00 17.58 ? 14  ILE A CA  1 
ATOM   101 C C   . ILE A 1 15 ? -4.990  -13.101 -10.437 1.00 16.90 ? 14  ILE A C   1 
ATOM   102 O O   . ILE A 1 15 ? -6.002  -13.269 -11.124 1.00 15.01 ? 14  ILE A O   1 
ATOM   103 C CB  . ILE A 1 15 ? -4.074  -15.243 -9.377  1.00 15.04 ? 14  ILE A CB  1 
ATOM   104 C CG1 . ILE A 1 15 ? -3.094  -16.390 -9.643  1.00 17.71 ? 14  ILE A CG1 1 
ATOM   105 C CG2 . ILE A 1 15 ? -5.476  -15.798 -9.442  1.00 20.13 ? 14  ILE A CG2 1 
ATOM   106 C CD1 . ILE A 1 15 ? -3.292  -17.586 -8.731  1.00 19.57 ? 14  ILE A CD1 1 
ATOM   107 N N   . LYS A 1 16 ? -4.820  -12.019 -9.682  1.00 15.68 ? 15  LYS A N   1 
ATOM   108 C CA  . LYS A 1 16 ? -5.823  -10.958 -9.709  1.00 18.21 ? 15  LYS A CA  1 
ATOM   109 C C   . LYS A 1 16 ? -5.843  -10.310 -11.088 1.00 19.19 ? 15  LYS A C   1 
ATOM   110 O O   . LYS A 1 16 ? -6.909  -9.980  -11.600 1.00 16.88 ? 15  LYS A O   1 
ATOM   111 C CB  . LYS A 1 16 ? -5.582  -9.917  -8.611  1.00 20.70 ? 15  LYS A CB  1 
ATOM   112 C CG  . LYS A 1 16 ? -6.584  -8.778  -8.647  1.00 19.90 ? 15  LYS A CG  1 
ATOM   113 C CD  . LYS A 1 16 ? -6.434  -7.829  -7.477  1.00 29.55 ? 15  LYS A CD  1 
ATOM   114 C CE  . LYS A 1 16 ? -5.201  -6.961  -7.625  1.00 32.42 ? 15  LYS A CE  1 
ATOM   115 N N   . GLU A 1 17 ? -4.671  -10.160 -11.701 1.00 17.40 ? 16  GLU A N   1 
ATOM   116 C CA  . GLU A 1 17 ? -4.597  -9.616  -13.051 1.00 15.42 ? 16  GLU A CA  1 
ATOM   117 C C   . GLU A 1 17 ? -5.256  -10.559 -14.041 1.00 16.35 ? 16  GLU A C   1 
ATOM   118 O O   . GLU A 1 17 ? -5.962  -10.124 -14.953 1.00 14.66 ? 16  GLU A O   1 
ATOM   119 C CB  . GLU A 1 17 ? -3.139  -9.352  -13.450 1.00 17.38 ? 16  GLU A CB  1 
ATOM   120 C CG  . GLU A 1 17 ? -2.504  -8.143  -12.745 1.00 18.76 ? 16  GLU A CG  1 
ATOM   121 C CD  . GLU A 1 17 ? -1.041  -7.938  -13.098 1.00 22.97 ? 16  GLU A CD  1 
ATOM   122 O OE1 . GLU A 1 17 ? -0.485  -8.759  -13.849 1.00 24.14 ? 16  GLU A OE1 1 
ATOM   123 O OE2 . GLU A 1 17 ? -0.438  -6.959  -12.604 1.00 34.94 ? 16  GLU A OE2 1 
ATOM   124 N N   . ILE A 1 18 ? -5.022  -11.853 -13.866 1.00 14.25 ? 17  ILE A N   1 
ATOM   125 C CA  . ILE A 1 18 ? -5.681  -12.859 -14.695 1.00 13.22 ? 17  ILE A CA  1 
ATOM   126 C C   . ILE A 1 18 ? -7.215  -12.810 -14.545 1.00 12.82 ? 17  ILE A C   1 
ATOM   127 O O   . ILE A 1 18 ? -7.935  -12.932 -15.529 1.00 13.75 ? 17  ILE A O   1 
ATOM   128 C CB  . ILE A 1 18 ? -5.129  -14.277 -14.394 1.00 11.08 ? 17  ILE A CB  1 
ATOM   129 C CG1 . ILE A 1 18 ? -3.734  -14.457 -14.988 1.00 12.85 ? 17  ILE A CG1 1 
ATOM   130 C CG2 . ILE A 1 18 ? -6.048  -15.367 -14.948 1.00 13.22 ? 17  ILE A CG2 1 
ATOM   131 C CD1 . ILE A 1 18 ? -2.986  -15.672 -14.417 1.00 13.30 ? 17  ILE A CD1 1 
ATOM   132 N N   . ALA A 1 19 ? -7.713  -12.608 -13.327 1.00 13.73 ? 18  ALA A N   1 
ATOM   133 C CA  . ALA A 1 19 ? -9.161  -12.537 -13.089 1.00 14.73 ? 18  ALA A CA  1 
ATOM   134 C C   . ALA A 1 19 ? -9.774  -11.390 -13.860 1.00 14.92 ? 18  ALA A C   1 
ATOM   135 O O   . ALA A 1 19 ? -10.853 -11.524 -14.428 1.00 14.61 ? 18  ALA A O   1 
ATOM   136 C CB  . ALA A 1 19 ? -9.477  -12.419 -11.614 1.00 12.76 ? 18  ALA A CB  1 
ATOM   137 N N   . TRP A 1 20 ? -9.061  -10.277 -13.920 1.00 14.90 ? 19  TRP A N   1 
ATOM   138 C CA  . TRP A 1 20 ? -9.536  -9.122  -14.674 1.00 16.92 ? 19  TRP A CA  1 
ATOM   139 C C   . TRP A 1 20 ? -9.452  -9.302  -16.197 1.00 15.85 ? 19  TRP A C   1 
ATOM   140 O O   . TRP A 1 20 ? -10.345 -8.874  -16.917 1.00 15.98 ? 19  TRP A O   1 
ATOM   141 C CB  . TRP A 1 20 ? -8.821  -7.844  -14.226 1.00 18.38 ? 19  TRP A CB  1 
ATOM   142 C CG  . TRP A 1 20 ? -9.232  -6.640  -15.033 1.00 23.54 ? 19  TRP A CG  1 
ATOM   143 C CD1 . TRP A 1 20 ? -8.519  -6.041  -16.030 1.00 25.39 ? 19  TRP A CD1 1 
ATOM   144 C CD2 . TRP A 1 20 ? -10.460 -5.911  -14.919 1.00 23.85 ? 19  TRP A CD2 1 
ATOM   145 N NE1 . TRP A 1 20 ? -9.226  -4.974  -16.537 1.00 27.93 ? 19  TRP A NE1 1 
ATOM   146 C CE2 . TRP A 1 20 ? -10.417 -4.873  -15.872 1.00 23.38 ? 19  TRP A CE2 1 
ATOM   147 C CE3 . TRP A 1 20 ? -11.589 -6.024  -14.098 1.00 33.88 ? 19  TRP A CE3 1 
ATOM   148 C CZ2 . TRP A 1 20 ? -11.464 -3.957  -16.028 1.00 32.39 ? 19  TRP A CZ2 1 
ATOM   149 C CZ3 . TRP A 1 20 ? -12.631 -5.116  -14.258 1.00 38.59 ? 19  TRP A CZ3 1 
ATOM   150 C CH2 . TRP A 1 20 ? -12.558 -4.095  -15.213 1.00 35.94 ? 19  TRP A CH2 1 
ATOM   151 N N   . SER A 1 21 ? -8.402  -9.942  -16.692 1.00 15.18 ? 20  SER A N   1 
ATOM   152 C CA  . SER A 1 21 ? -8.309  -10.198 -18.121 1.00 14.67 ? 20  SER A CA  1 
ATOM   153 C C   . SER A 1 21 ? -9.374  -11.193 -18.595 1.00 14.08 ? 20  SER A C   1 
ATOM   154 O O   . SER A 1 21 ? -10.003 -11.018 -19.641 1.00 11.78 ? 20  SER A O   1 
ATOM   155 C CB  . SER A 1 21 ? -6.933  -10.717 -18.459 1.00 10.62 ? 20  SER A CB  1 
ATOM   156 O OG  . SER A 1 21 ? -5.992  -9.679  -18.322 1.00 17.87 ? 20  SER A OG  1 
ATOM   157 N N   . ILE A 1 22 ? -9.577  -12.236 -17.814 1.00 12.30 ? 21  ILE A N   1 
ATOM   158 C CA  . ILE A 1 22 ? -10.561 -13.252 -18.169 1.00 16.31 ? 21  ILE A CA  1 
ATOM   159 C C   . ILE A 1 22 ? -11.982 -12.672 -18.094 1.00 14.68 ? 21  ILE A C   1 
ATOM   160 O O   . ILE A 1 22 ? -12.855 -13.014 -18.893 1.00 12.70 ? 21  ILE A O   1 
ATOM   161 C CB  . ILE A 1 22 ? -10.382 -14.514 -17.293 1.00 11.95 ? 21  ILE A CB  1 
ATOM   162 C CG1 . ILE A 1 22 ? -9.017  -15.140 -17.590 1.00 11.96 ? 21  ILE A CG1 1 
ATOM   163 C CG2 . ILE A 1 22 ? -11.483 -15.527 -17.571 1.00 16.77 ? 21  ILE A CG2 1 
ATOM   164 C CD1 . ILE A 1 22 ? -8.842  -16.555 -17.035 1.00 15.80 ? 21  ILE A CD1 1 
ATOM   165 N N   . LYS A 1 23 ? -12.202 -11.765 -17.152 1.00 16.87 ? 22  LYS A N   1 
ATOM   166 C CA  . LYS A 1 23 ? -13.492 -11.077 -17.054 1.00 17.11 ? 22  LYS A CA  1 
ATOM   167 C C   . LYS A 1 23 ? -13.737 -10.235 -18.305 1.00 16.16 ? 22  LYS A C   1 
ATOM   168 O O   . LYS A 1 23 ? -14.851 -10.203 -18.830 1.00 16.27 ? 22  LYS A O   1 
ATOM   169 C CB  . LYS A 1 23 ? -13.558 -10.230 -15.773 1.00 16.98 ? 22  LYS A CB  1 
ATOM   170 C CG  . LYS A 1 23 ? -14.893 -9.540  -15.525 1.00 25.30 ? 22  LYS A CG  1 
ATOM   171 C CD  . LYS A 1 23 ? -15.054 -9.152  -14.051 1.00 26.93 ? 22  LYS A CD  1 
ATOM   172 C CE  . LYS A 1 23 ? -16.345 -8.370  -13.827 1.00 35.89 ? 22  LYS A CE  1 
ATOM   173 N NZ  . LYS A 1 23 ? -16.226 -7.407  -12.685 1.00 41.94 ? 22  LYS A NZ  1 
ATOM   174 N N   . GLU A 1 24 ? -12.696 -9.584  -18.809 1.00 15.64 ? 23  GLU A N   1 
ATOM   175 C CA  . GLU A 1 24 ? -12.813 -8.853  -20.083 1.00 17.58 ? 23  GLU A CA  1 
ATOM   176 C C   . GLU A 1 24 ? -13.142 -9.770  -21.266 1.00 15.12 ? 23  GLU A C   1 
ATOM   177 O O   . GLU A 1 24 ? -13.923 -9.422  -22.140 1.00 14.04 ? 23  GLU A O   1 
ATOM   178 C CB  . GLU A 1 24 ? -11.541 -8.048  -20.377 1.00 17.08 ? 23  GLU A CB  1 
ATOM   179 C CG  . GLU A 1 24 ? -11.230 -6.956  -19.344 1.00 19.60 ? 23  GLU A CG  1 
ATOM   180 C CD  . GLU A 1 24 ? -10.034 -6.102  -19.728 1.00 23.02 ? 23  GLU A CD  1 
ATOM   181 O OE1 . GLU A 1 24 ? -8.970  -6.660  -20.072 1.00 21.56 ? 23  GLU A OE1 1 
ATOM   182 O OE2 . GLU A 1 24 ? -10.157 -4.865  -19.687 1.00 28.72 ? 23  GLU A OE2 1 
ATOM   183 N N   . ILE A 1 25 ? -12.526 -10.944 -21.300 1.00 14.74 ? 24  ILE A N   1 
ATOM   184 C CA  . ILE A 1 25 ? -12.808 -11.922 -22.353 1.00 15.12 ? 24  ILE A CA  1 
ATOM   185 C C   . ILE A 1 25 ? -14.247 -12.416 -22.269 1.00 13.11 ? 24  ILE A C   1 
ATOM   186 O O   . ILE A 1 25 ? -14.951 -12.491 -23.275 1.00 14.24 ? 24  ILE A O   1 
ATOM   187 C CB  . ILE A 1 25 ? -11.841 -13.128 -22.252 1.00 12.35 ? 24  ILE A CB  1 
ATOM   188 C CG1 . ILE A 1 25 ? -10.495 -12.753 -22.857 1.00 14.95 ? 24  ILE A CG1 1 
ATOM   189 C CG2 . ILE A 1 25 ? -12.403 -14.343 -23.011 1.00 15.87 ? 24  ILE A CG2 1 
ATOM   190 C CD1 . ILE A 1 25 ? -9.321  -13.502 -22.276 1.00 12.97 ? 24  ILE A CD1 1 
ATOM   191 N N   . ALA A 1 26 ? -14.688 -12.753 -21.059 1.00 14.37 ? 25  ALA A N   1 
ATOM   192 C CA  . ALA A 1 26 ? -16.050 -13.237 -20.857 1.00 13.45 ? 25  ALA A CA  1 
ATOM   193 C C   . ALA A 1 26 ? -17.059 -12.171 -21.230 1.00 19.70 ? 25  ALA A C   1 
ATOM   194 O O   . ALA A 1 26 ? -18.077 -12.470 -21.858 1.00 16.70 ? 25  ALA A O   1 
ATOM   195 C CB  . ALA A 1 26 ? -16.256 -13.692 -19.425 1.00 14.69 ? 25  ALA A CB  1 
ATOM   196 N N   . GLN A 1 27 ? -16.777 -10.925 -20.853 1.00 18.45 ? 26  GLN A N   1 
ATOM   197 C CA  . GLN A 1 27 ? -17.665 -9.819  -21.192 1.00 20.65 ? 26  GLN A CA  1 
ATOM   198 C C   . GLN A 1 27 ? -17.882 -9.691  -22.707 1.00 29.02 ? 26  GLN A C   1 
ATOM   199 O O   . GLN A 1 27 ? -18.955 -9.287  -23.156 1.00 29.95 ? 26  GLN A O   1 
ATOM   200 C CB  . GLN A 1 27 ? -17.187 -8.511  -20.550 1.00 24.80 ? 26  GLN A CB  1 
ATOM   201 C CG  . GLN A 1 27 ? -17.630 -8.393  -19.071 1.00 33.63 ? 26  GLN A CG  1 
ATOM   202 C CD  . GLN A 1 27 ? -17.024 -7.221  -18.299 1.00 36.87 ? 26  GLN A CD  1 
ATOM   203 O OE1 . GLN A 1 27 ? -16.194 -6.468  -18.812 1.00 43.42 ? 26  GLN A OE1 1 
ATOM   204 N NE2 . GLN A 1 27 ? -17.440 -7.075  -17.044 1.00 39.52 ? 26  GLN A NE2 1 
ATOM   205 N N   . SER A 1 28 ? -16.888 -10.082 -23.496 1.00 23.95 ? 27  SER A N   1 
ATOM   206 C CA  . SER A 1 28 ? -17.024 -10.050 -24.958 1.00 24.02 ? 27  SER A CA  1 
ATOM   207 C C   . SER A 1 28 ? -17.574 -11.356 -25.547 1.00 26.70 ? 27  SER A C   1 
ATOM   208 O O   . SER A 1 28 ? -18.273 -11.354 -26.561 1.00 30.12 ? 27  SER A O   1 
ATOM   209 C CB  . SER A 1 28 ? -15.669 -9.728  -25.588 1.00 25.67 ? 27  SER A CB  1 
ATOM   210 O OG  . SER A 1 28 ? -15.672 -10.048 -26.969 1.00 30.92 ? 27  SER A OG  1 
ATOM   211 N N   . ILE A 1 29 ? -17.233 -12.467 -24.905 1.00 25.62 ? 28  ILE A N   1 
ATOM   212 C CA  . ILE A 1 29 ? -17.539 -13.809 -25.398 1.00 24.56 ? 28  ILE A CA  1 
ATOM   213 C C   . ILE A 1 29 ? -18.935 -14.219 -24.940 1.00 27.91 ? 28  ILE A C   1 
ATOM   214 O O   . ILE A 1 29 ? -19.638 -14.971 -25.619 1.00 28.75 ? 28  ILE A O   1 
ATOM   215 C CB  . ILE A 1 29 ? -16.479 -14.819 -24.899 1.00 23.26 ? 28  ILE A CB  1 
ATOM   216 C CG1 . ILE A 1 29 ? -15.197 -14.688 -25.714 1.00 24.45 ? 28  ILE A CG1 1 
ATOM   217 C CG2 . ILE A 1 29 ? -16.980 -16.243 -24.975 1.00 33.05 ? 28  ILE A CG2 1 
ATOM   218 C CD1 . ILE A 1 29 ? -15.440 -14.499 -27.201 1.00 27.91 ? 28  ILE A CD1 1 
ATOM   219 N N   . LYS A 1 30 ? -19.343 -13.703 -23.783 1.00 31.11 ? 29  LYS A N   1 
ATOM   220 C CA  . LYS A 1 30 ? -20.729 -13.848 -23.357 1.00 37.08 ? 29  LYS A CA  1 
ATOM   221 C C   . LYS A 1 30 ? -21.556 -12.730 -23.995 1.00 38.60 ? 29  LYS A C   1 
ATOM   222 O O   . LYS A 1 30 ? -22.736 -12.911 -24.281 1.00 45.76 ? 29  LYS A O   1 
ATOM   223 C CB  . LYS A 1 30 ? -20.856 -13.788 -21.826 1.00 31.17 ? 29  LYS A CB  1 
ATOM   224 C CG  . LYS A 1 30 ? -21.110 -12.382 -21.305 1.00 29.57 ? 29  LYS A CG  1 
ATOM   225 C CD  . LYS A 1 30 ? -21.371 -12.333 -19.818 1.00 30.44 ? 29  LYS A CD  1 
ATOM   226 C CE  . LYS A 1 30 ? -21.770 -10.921 -19.429 1.00 32.11 ? 29  LYS A CE  1 
ATOM   227 N NZ  . LYS A 1 30 ? -22.697 -10.341 -20.457 1.00 40.13 ? 29  LYS A NZ  1 
ATOM   228 N N   . GLY A 1 31 ? -20.927 -11.577 -24.232 1.00 38.38 ? 30  GLY A N   1 
ATOM   229 C CA  . GLY A 1 31 ? -21.642 -10.396 -24.685 1.00 37.76 ? 30  GLY A CA  1 
ATOM   230 C C   . GLY A 1 31 ? -22.598 -9.819  -23.654 1.00 41.99 ? 30  GLY A C   1 
ATOM   231 O O   . GLY A 1 31 ? -23.748 -9.490  -23.964 1.00 49.67 ? 30  GLY A O   1 
HETATM 232 C C   . ACE B 1 1  ? -21.337 10.896  -13.732 1.00 49.91 ? 0   ACE B C   1 
HETATM 233 O O   . ACE B 1 1  ? -20.632 10.044  -13.191 1.00 54.33 ? 0   ACE B O   1 
HETATM 234 C CH3 . ACE B 1 1  ? -22.811 10.714  -13.949 1.00 51.80 ? 0   ACE B CH3 1 
ATOM   235 N N   . GLY B 1 2  ? -21.049 12.191  -13.856 1.00 45.74 ? 1   GLY B N   1 
ATOM   236 C CA  . GLY B 1 2  ? -20.077 12.154  -14.937 1.00 36.28 ? 1   GLY B CA  1 
ATOM   237 C C   . GLY B 1 2  ? -18.644 12.158  -14.441 1.00 37.21 ? 1   GLY B C   1 
ATOM   238 O O   . GLY B 1 2  ? -17.761 11.566  -15.074 1.00 34.17 ? 1   GLY B O   1 
ATOM   239 N N   . GLU B 1 3  ? -18.416 12.847  -13.325 1.00 33.32 ? 2   GLU B N   1 
ATOM   240 C CA  . GLU B 1 3  ? -17.114 12.894  -12.670 1.00 34.14 ? 2   GLU B CA  1 
ATOM   241 C C   . GLU B 1 3  ? -16.061 13.612  -13.494 1.00 27.53 ? 2   GLU B C   1 
ATOM   242 O O   . GLU B 1 3  ? -14.889 13.261  -13.413 1.00 24.08 ? 2   GLU B O   1 
ATOM   243 C CB  . GLU B 1 3  ? -16.607 11.484  -12.333 1.00 34.03 ? 2   GLU B CB  1 
ATOM   244 C CG  . GLU B 1 3  ? -17.499 10.700  -11.382 1.00 40.68 ? 2   GLU B CG  1 
ATOM   245 C CD  . GLU B 1 3  ? -17.043 9.257   -11.204 1.00 48.06 ? 2   GLU B CD  1 
ATOM   246 O OE1 . GLU B 1 3  ? -17.693 8.519   -10.429 1.00 53.53 ? 2   GLU B OE1 1 
ATOM   247 O OE2 . GLU B 1 3  ? -16.040 8.862   -11.839 1.00 47.13 ? 2   GLU B OE2 1 
ATOM   248 N N   . ILE B 1 4  ? -16.463 14.608  -14.279 1.00 23.48 ? 3   ILE B N   1 
ATOM   249 C CA  . ILE B 1 4  ? -15.499 15.308  -15.126 1.00 23.21 ? 3   ILE B CA  1 
ATOM   250 C C   . ILE B 1 4  ? -14.448 16.084  -14.340 1.00 25.09 ? 3   ILE B C   1 
ATOM   251 O O   . ILE B 1 4  ? -13.256 16.004  -14.655 1.00 18.92 ? 3   ILE B O   1 
ATOM   252 C CB  . ILE B 1 4  ? -16.167 16.213  -16.161 1.00 22.83 ? 3   ILE B CB  1 
ATOM   253 C CG1 . ILE B 1 4  ? -16.816 15.373  -17.252 1.00 20.14 ? 3   ILE B CG1 1 
ATOM   254 C CG2 . ILE B 1 4  ? -15.149 17.119  -16.809 1.00 22.04 ? 3   ILE B CG2 1 
ATOM   255 C CD1 . ILE B 1 4  ? -17.374 16.200  -18.379 1.00 21.65 ? 3   ILE B CD1 1 
ATOM   256 N N   . ALA B 1 5  ? -14.869 16.831  -13.320 1.00 20.62 ? 4   ALA B N   1 
ATOM   257 C CA  . ALA B 1 5  ? -13.902 17.490  -12.449 1.00 22.51 ? 4   ALA B CA  1 
ATOM   258 C C   . ALA B 1 5  ? -12.936 16.487  -11.796 1.00 23.18 ? 4   ALA B C   1 
ATOM   259 O O   . ALA B 1 5  ? -11.734 16.757  -11.677 1.00 23.77 ? 4   ALA B O   1 
ATOM   260 C CB  . ALA B 1 5  ? -14.606 18.310  -11.396 1.00 29.60 ? 4   ALA B CB  1 
ATOM   261 N N   . GLN B 1 6  ? -13.458 15.329  -11.395 1.00 22.96 ? 5   GLN B N   1 
ATOM   262 C CA  . GLN B 1 6  ? -12.643 14.290  -10.769 1.00 26.21 ? 5   GLN B CA  1 
ATOM   263 C C   . GLN B 1 6  ? -11.689 13.608  -11.763 1.00 24.45 ? 5   GLN B C   1 
ATOM   264 O O   . GLN B 1 6  ? -10.517 13.361  -11.458 1.00 23.94 ? 5   GLN B O   1 
ATOM   265 C CB  . GLN B 1 6  ? -13.546 13.236  -10.125 1.00 28.17 ? 5   GLN B CB  1 
ATOM   266 C CG  . GLN B 1 6  ? -12.877 12.489  -8.989  1.00 31.79 ? 5   GLN B CG  1 
ATOM   267 C CD  . GLN B 1 6  ? -12.490 13.419  -7.839  1.00 45.74 ? 5   GLN B CD  1 
ATOM   268 O OE1 . GLN B 1 6  ? -13.356 13.969  -7.151  1.00 48.82 ? 5   GLN B OE1 1 
ATOM   269 N NE2 . GLN B 1 6  ? -11.183 13.603  -7.634  1.00 43.21 ? 5   GLN B NE2 1 
ATOM   270 N N   . SER B 1 7  ? -12.202 13.280  -12.941 1.00 19.83 ? 6   SER B N   1 
ATOM   271 C CA  . SER B 1 7  ? -11.389 12.689  -13.984 1.00 22.86 ? 6   SER B CA  1 
ATOM   272 C C   . SER B 1 7  ? -10.209 13.595  -14.315 1.00 20.66 ? 6   SER B C   1 
ATOM   273 O O   . SER B 1 7  ? -9.057  13.160  -14.360 1.00 17.42 ? 6   SER B O   1 
ATOM   274 C CB  . SER B 1 7  ? -12.249 12.460  -15.218 1.00 17.58 ? 6   SER B CB  1 
ATOM   275 O OG  . SER B 1 7  ? -13.274 11.534  -14.924 1.00 22.99 ? 6   SER B OG  1 
ATOM   276 N N   . ILE B 1 8  ? -10.499 14.868  -14.514 1.00 16.28 ? 7   ILE B N   1 
ATOM   277 C CA  . ILE B 1 8  ? -9.461  15.833  -14.849 1.00 18.68 ? 7   ILE B CA  1 
ATOM   278 C C   . ILE B 1 8  ? -8.442  15.988  -13.713 1.00 21.76 ? 7   ILE B C   1 
ATOM   279 O O   . ILE B 1 8  ? -7.245  16.080  -13.967 1.00 16.05 ? 7   ILE B O   1 
ATOM   280 C CB  . ILE B 1 8  ? -10.080 17.187  -15.250 1.00 18.46 ? 7   ILE B CB  1 
ATOM   281 C CG1 . ILE B 1 8  ? -10.784 17.064  -16.610 1.00 18.22 ? 7   ILE B CG1 1 
ATOM   282 C CG2 . ILE B 1 8  ? -9.021  18.275  -15.329 1.00 19.96 ? 7   ILE B CG2 1 
ATOM   283 C CD1 . ILE B 1 8  ? -11.471 18.357  -17.040 1.00 20.80 ? 7   ILE B CD1 1 
ATOM   284 N N   . LYS B 1 9  ? -8.914  15.985  -12.463 1.00 19.87 ? 8   LYS B N   1 
ATOM   285 C CA  . LYS B 1 9  ? -8.021  16.067  -11.306 1.00 20.78 ? 8   LYS B CA  1 
ATOM   286 C C   . LYS B 1 9  ? -7.070  14.873  -11.274 1.00 19.59 ? 8   LYS B C   1 
ATOM   287 O O   . LYS B 1 9  ? -5.868  15.022  -11.025 1.00 18.42 ? 8   LYS B O   1 
ATOM   288 C CB  . LYS B 1 9  ? -8.836  16.123  -10.003 1.00 23.45 ? 8   LYS B CB  1 
ATOM   289 C CG  . LYS B 1 9  ? -8.001  16.256  -8.730  1.00 28.42 ? 8   LYS B CG  1 
ATOM   290 C CD  . LYS B 1 9  ? -8.893  16.423  -7.493  1.00 34.68 ? 8   LYS B CD  1 
ATOM   291 C CE  . LYS B 1 9  ? -8.239  17.307  -6.432  1.00 41.11 ? 8   LYS B CE  1 
ATOM   292 N NZ  . LYS B 1 9  ? -9.155  17.585  -5.284  1.00 46.67 ? 8   LYS B NZ  1 
ATOM   293 N N   . GLU B 1 10 ? -7.614  13.689  -11.537 1.00 15.95 ? 9   GLU B N   1 
ATOM   294 C CA  . GLU B 1 10 ? -6.821  12.465  -11.580 1.00 19.76 ? 9   GLU B CA  1 
ATOM   295 C C   . GLU B 1 10 ? -5.823  12.487  -12.729 1.00 19.19 ? 9   GLU B C   1 
ATOM   296 O O   . GLU B 1 10 ? -4.677  12.071  -12.564 1.00 18.16 ? 9   GLU B O   1 
ATOM   297 C CB  . GLU B 1 10 ? -7.740  11.252  -11.708 1.00 21.08 ? 9   GLU B CB  1 
ATOM   298 C CG  . GLU B 1 10 ? -8.513  10.950  -10.425 1.00 29.23 ? 9   GLU B CG  1 
ATOM   299 C CD  . GLU B 1 10 ? -9.680  9.989   -10.624 1.00 32.86 ? 9   GLU B CD  1 
ATOM   300 O OE1 . GLU B 1 10 ? -9.821  9.399   -11.724 1.00 28.52 ? 9   GLU B OE1 1 
ATOM   301 O OE2 . GLU B 1 10 ? -10.459 9.832   -9.659  1.00 35.50 ? 9   GLU B OE2 1 
ATOM   302 N N   . ILE B 1 11 ? -6.262  12.969  -13.891 1.00 15.54 ? 10  ILE B N   1 
ATOM   303 C CA  . ILE B 1 11 ? -5.365  13.112  -15.037 1.00 16.02 ? 10  ILE B CA  1 
ATOM   304 C C   . ILE B 1 11 ? -4.163  13.968  -14.665 1.00 17.92 ? 10  ILE B C   1 
ATOM   305 O O   . ILE B 1 11 ? -3.044  13.614  -14.965 1.00 18.53 ? 10  ILE B O   1 
ATOM   306 C CB  . ILE B 1 11 ? -6.095  13.698  -16.264 1.00 14.99 ? 10  ILE B CB  1 
ATOM   307 C CG1 . ILE B 1 11 ? -6.927  12.612  -16.937 1.00 13.46 ? 10  ILE B CG1 1 
ATOM   308 C CG2 . ILE B 1 11 ? -5.109  14.250  -17.275 1.00 16.21 ? 10  ILE B CG2 1 
ATOM   309 C CD1 . ILE B 1 11 ? -7.980  13.156  -17.855 1.00 15.99 ? 10  ILE B CD1 1 
ATOM   310 N N   . ALA B 1 12 ? -4.396  15.086  -13.987 1.00 17.09 ? 11  ALA B N   1 
ATOM   311 C CA  . ALA B 1 12 ? -3.302  15.943  -13.541 1.00 17.60 ? 11  ALA B CA  1 
ATOM   312 C C   . ALA B 1 12 ? -2.347  15.216  -12.604 1.00 18.62 ? 11  ALA B C   1 
ATOM   313 O O   . ALA B 1 12 ? -1.138  15.380  -12.705 1.00 18.51 ? 11  ALA B O   1 
ATOM   314 C CB  . ALA B 1 12 ? -3.841  17.194  -12.879 1.00 19.17 ? 11  ALA B CB  1 
ATOM   315 N N   . LYS B 1 13 ? -2.895  14.416  -11.696 1.00 18.38 ? 12  LYS B N   1 
ATOM   316 C CA  . LYS B 1 13 ? -2.082  13.602  -10.799 1.00 23.24 ? 12  LYS B CA  1 
ATOM   317 C C   . LYS B 1 13 ? -1.241  12.560  -11.557 1.00 19.85 ? 12  LYS B C   1 
ATOM   318 O O   . LYS B 1 13 ? -0.044  12.413  -11.304 1.00 18.47 ? 12  LYS B O   1 
ATOM   319 C CB  . LYS B 1 13 ? -2.967  12.906  -9.753  1.00 22.29 ? 12  LYS B CB  1 
ATOM   320 C CG  . LYS B 1 13 ? -2.193  11.972  -8.832  1.00 23.96 ? 12  LYS B CG  1 
ATOM   321 C CD  . LYS B 1 13 ? -3.092  11.302  -7.793  1.00 30.76 ? 12  LYS B CD  1 
ATOM   322 C CE  . LYS B 1 13 ? -2.263  10.627  -6.696  1.00 37.74 ? 12  LYS B CE  1 
ATOM   323 N NZ  . LYS B 1 13 ? -1.375  11.608  -5.984  1.00 37.17 ? 12  LYS B NZ  1 
ATOM   324 N N   . SER B 1 14 ? -1.866  11.841  -12.481 1.00 16.80 ? 13  SER B N   1 
ATOM   325 C CA  . SER B 1 14 ? -1.149  10.849  -13.275 1.00 17.94 ? 13  SER B CA  1 
ATOM   326 C C   . SER B 1 14 ? -0.060  11.489  -14.157 1.00 18.09 ? 13  SER B C   1 
ATOM   327 O O   . SER B 1 14 ? 1.051   10.988  -14.235 1.00 14.41 ? 13  SER B O   1 
ATOM   328 C CB  . SER B 1 14 ? -2.136  10.035  -14.110 1.00 16.70 ? 13  SER B CB  1 
ATOM   329 O OG  . SER B 1 14 ? -3.025  9.314   -13.276 1.00 17.99 ? 13  SER B OG  1 
ATOM   330 N N   . ILE B 1 15 ? -0.387  12.597  -14.814 1.00 17.01 ? 14  ILE B N   1 
ATOM   331 C CA  . ILE B 1 15 ? 0.549   13.271  -15.718 1.00 18.55 ? 14  ILE B CA  1 
ATOM   332 C C   . ILE B 1 15 ? 1.760   13.823  -14.950 1.00 17.35 ? 14  ILE B C   1 
ATOM   333 O O   . ILE B 1 15 ? 2.881   13.884  -15.466 1.00 16.40 ? 14  ILE B O   1 
ATOM   334 C CB  . ILE B 1 15 ? -0.180  14.380  -16.506 1.00 13.96 ? 14  ILE B CB  1 
ATOM   335 C CG1 . ILE B 1 15 ? -1.236  13.742  -17.414 1.00 20.06 ? 14  ILE B CG1 1 
ATOM   336 C CG2 . ILE B 1 15 ? 0.786   15.189  -17.333 1.00 17.28 ? 14  ILE B CG2 1 
ATOM   337 C CD1 . ILE B 1 15 ? -1.638  14.572  -18.635 1.00 21.12 ? 14  ILE B CD1 1 
ATOM   338 N N   . LYS B 1 16 ? 1.522   14.204  -13.701 1.00 16.13 ? 15  LYS B N   1 
ATOM   339 C CA  . LYS B 1 16 ? 2.573   14.690  -12.829 1.00 17.06 ? 15  LYS B CA  1 
ATOM   340 C C   . LYS B 1 16 ? 3.522   13.540  -12.502 1.00 16.88 ? 15  LYS B C   1 
ATOM   341 O O   . LYS B 1 16 ? 4.739   13.706  -12.515 1.00 17.84 ? 15  LYS B O   1 
ATOM   342 C CB  . LYS B 1 16 ? 1.938   15.265  -11.562 1.00 20.14 ? 15  LYS B CB  1 
ATOM   343 C CG  . LYS B 1 16 ? 2.870   16.113  -10.733 1.00 23.54 ? 15  LYS B CG  1 
ATOM   344 C CD  . LYS B 1 16 ? 2.193   16.611  -9.465  1.00 26.79 ? 15  LYS B CD  1 
ATOM   345 C CE  . LYS B 1 16 ? 2.670   18.009  -9.100  1.00 32.86 ? 15  LYS B CE  1 
ATOM   346 N NZ  . LYS B 1 16 ? 2.023   19.046  -9.967  1.00 32.96 ? 15  LYS B NZ  1 
ATOM   347 N N   . GLU B 1 17 ? 2.963   12.366  -12.246 1.00 14.92 ? 16  GLU B N   1 
ATOM   348 C CA  . GLU B 1 17 ? 3.758   11.173  -11.988 1.00 17.98 ? 16  GLU B CA  1 
ATOM   349 C C   . GLU B 1 17 ? 4.581   10.800  -13.208 1.00 15.55 ? 16  GLU B C   1 
ATOM   350 O O   . GLU B 1 17 ? 5.760   10.458  -13.098 1.00 12.62 ? 16  GLU B O   1 
ATOM   351 C CB  . GLU B 1 17 ? 2.851   9.996   -11.592 1.00 16.83 ? 16  GLU B CB  1 
ATOM   352 C CG  . GLU B 1 17 ? 2.165   10.161  -10.249 1.00 20.31 ? 16  GLU B CG  1 
ATOM   353 C CD  . GLU B 1 17 ? 1.153   9.055   -9.956  1.00 23.24 ? 16  GLU B CD  1 
ATOM   354 O OE1 . GLU B 1 17 ? 0.951   8.164   -10.816 1.00 24.25 ? 16  GLU B OE1 1 
ATOM   355 O OE2 . GLU B 1 17 ? 0.551   9.082   -8.858  1.00 31.14 ? 16  GLU B OE2 1 
ATOM   356 N N   . ILE B 1 18 ? 3.942   10.863  -14.371 1.00 13.15 ? 17  ILE B N   1 
ATOM   357 C CA  . ILE B 1 18 ? 4.599   10.551  -15.637 1.00 15.69 ? 17  ILE B CA  1 
ATOM   358 C C   . ILE B 1 18 ? 5.748   11.518  -15.906 1.00 15.01 ? 17  ILE B C   1 
ATOM   359 O O   . ILE B 1 18 ? 6.796   11.137  -16.428 1.00 13.68 ? 17  ILE B O   1 
ATOM   360 C CB  . ILE B 1 18 ? 3.604   10.657  -16.797 1.00 12.37 ? 17  ILE B CB  1 
ATOM   361 C CG1 . ILE B 1 18 ? 2.634   9.485   -16.772 1.00 14.89 ? 17  ILE B CG1 1 
ATOM   362 C CG2 . ILE B 1 18 ? 4.338   10.632  -18.119 1.00 13.17 ? 17  ILE B CG2 1 
ATOM   363 C CD1 . ILE B 1 18 ? 1.351   9.710   -17.627 1.00 12.28 ? 17  ILE B CD1 1 
ATOM   364 N N   . ALA B 1 19 ? 5.551   12.778  -15.548 1.00 13.27 ? 18  ALA B N   1 
ATOM   365 C CA  . ALA B 1 19 ? 6.582   13.772  -15.787 1.00 13.66 ? 18  ALA B CA  1 
ATOM   366 C C   . ALA B 1 19 ? 7.816   13.452  -14.963 1.00 13.36 ? 18  ALA B C   1 
ATOM   367 O O   . ALA B 1 19 ? 8.942   13.644  -15.412 1.00 11.31 ? 18  ALA B O   1 
ATOM   368 C CB  . ALA B 1 19 ? 6.067   15.170  -15.501 1.00 13.40 ? 18  ALA B CB  1 
ATOM   369 N N   . TRP B 1 20 ? 7.610   12.934  -13.762 1.00 15.04 ? 19  TRP B N   1 
ATOM   370 C CA  . TRP B 1 20 ? 8.744   12.538  -12.938 1.00 16.51 ? 19  TRP B CA  1 
ATOM   371 C C   . TRP B 1 20 ? 9.436   11.243  -13.435 1.00 13.21 ? 19  TRP B C   1 
ATOM   372 O O   . TRP B 1 20 ? 10.652  11.216  -13.590 1.00 13.47 ? 19  TRP B O   1 
ATOM   373 C CB  . TRP B 1 20 ? 8.359   12.470  -11.438 1.00 14.29 ? 19  TRP B CB  1 
ATOM   374 C CG  . TRP B 1 20 ? 9.512   11.986  -10.619 1.00 13.97 ? 19  TRP B CG  1 
ATOM   375 C CD1 . TRP B 1 20 ? 9.609   10.795  -9.974  1.00 17.55 ? 19  TRP B CD1 1 
ATOM   376 C CD2 . TRP B 1 20 ? 10.771  12.652  -10.422 1.00 17.97 ? 19  TRP B CD2 1 
ATOM   377 N NE1 . TRP B 1 20 ? 10.840  10.679  -9.370  1.00 20.97 ? 19  TRP B NE1 1 
ATOM   378 C CE2 . TRP B 1 20 ? 11.570  11.804  -9.632  1.00 17.42 ? 19  TRP B CE2 1 
ATOM   379 C CE3 . TRP B 1 20 ? 11.284  13.889  -10.825 1.00 18.03 ? 19  TRP B CE3 1 
ATOM   380 C CZ2 . TRP B 1 20 ? 12.868  12.154  -9.237  1.00 16.37 ? 19  TRP B CZ2 1 
ATOM   381 C CZ3 . TRP B 1 20 ? 12.572  14.230  -10.436 1.00 19.11 ? 19  TRP B CZ3 1 
ATOM   382 C CH2 . TRP B 1 20 ? 13.345  13.369  -9.644  1.00 19.49 ? 19  TRP B CH2 1 
ATOM   383 N N   . SER B 1 21 ? 8.669   10.187  -13.696 1.00 15.52 ? 20  SER B N   1 
ATOM   384 C CA  . SER B 1 21 ? 9.245   8.950   -14.221 1.00 13.23 ? 20  SER B CA  1 
ATOM   385 C C   . SER B 1 21 ? 10.063  9.217   -15.486 1.00 13.29 ? 20  SER B C   1 
ATOM   386 O O   . SER B 1 21 ? 11.163  8.701   -15.643 1.00 13.95 ? 20  SER B O   1 
ATOM   387 C CB  . SER B 1 21 ? 8.146   7.940   -14.532 1.00 13.56 ? 20  SER B CB  1 
ATOM   388 O OG  . SER B 1 21 ? 7.486   7.545   -13.359 1.00 17.95 ? 20  SER B OG  1 
ATOM   389 N N   . ILE B 1 22 ? 9.518   10.028  -16.386 1.00 11.76 ? 21  ILE B N   1 
ATOM   390 C CA  . ILE B 1 22 ? 10.204  10.370  -17.631 1.00 13.60 ? 21  ILE B CA  1 
ATOM   391 C C   . ILE B 1 22 ? 11.440  11.216  -17.362 1.00 15.99 ? 21  ILE B C   1 
ATOM   392 O O   . ILE B 1 22 ? 12.434  11.112  -18.098 1.00 13.25 ? 21  ILE B O   1 
ATOM   393 C CB  . ILE B 1 22 ? 9.243   11.078  -18.633 1.00 12.58 ? 21  ILE B CB  1 
ATOM   394 C CG1 . ILE B 1 22 ? 8.176   10.100  -19.104 1.00 13.69 ? 21  ILE B CG1 1 
ATOM   395 C CG2 . ILE B 1 22 ? 9.982   11.584  -19.858 1.00 16.33 ? 21  ILE B CG2 1 
ATOM   396 C CD1 . ILE B 1 22 ? 7.219   10.689  -20.146 1.00 19.99 ? 21  ILE B CD1 1 
ATOM   397 N N   . LYS B 1 23 ? 11.404  12.042  -16.312 1.00 14.81 ? 22  LYS B N   1 
ATOM   398 C CA  . LYS B 1 23 ? 12.607  12.791  -15.911 1.00 14.74 ? 22  LYS B CA  1 
ATOM   399 C C   . LYS B 1 23 ? 13.729  11.829  -15.505 1.00 12.89 ? 22  LYS B C   1 
ATOM   400 O O   . LYS B 1 23 ? 14.885  12.021  -15.873 1.00 11.93 ? 22  LYS B O   1 
ATOM   401 C CB  . LYS B 1 23 ? 12.310  13.774  -14.757 1.00 16.99 ? 22  LYS B CB  1 
ATOM   402 C CG  . LYS B 1 23 ? 11.784  15.150  -15.190 1.00 21.15 ? 22  LYS B CG  1 
ATOM   403 C CD  . LYS B 1 23 ? 11.793  16.174  -14.035 1.00 21.04 ? 22  LYS B CD  1 
ATOM   404 C CE  . LYS B 1 23 ? 10.977  17.406  -14.391 1.00 18.28 ? 22  LYS B CE  1 
ATOM   405 N NZ  . LYS B 1 23 ? 9.556   17.014  -14.659 1.00 22.92 ? 22  LYS B NZ  1 
ATOM   406 N N   . GLU B 1 24 ? 13.383  10.800  -14.741 1.00 12.14 ? 23  GLU B N   1 
ATOM   407 C CA  . GLU B 1 24 ? 14.352  9.790   -14.320 1.00 12.76 ? 23  GLU B CA  1 
ATOM   408 C C   . GLU B 1 24 ? 14.898  9.004   -15.512 1.00 15.25 ? 23  GLU B C   1 
ATOM   409 O O   . GLU B 1 24 ? 16.066  8.637   -15.550 1.00 13.87 ? 23  GLU B O   1 
ATOM   410 C CB  . GLU B 1 24 ? 13.705  8.819   -13.344 1.00 14.11 ? 23  GLU B CB  1 
ATOM   411 C CG  . GLU B 1 24 ? 13.271  9.400   -11.995 1.00 16.23 ? 23  GLU B CG  1 
ATOM   412 C CD  . GLU B 1 24 ? 12.637  8.328   -11.120 1.00 20.28 ? 23  GLU B CD  1 
ATOM   413 O OE1 . GLU B 1 24 ? 11.726  7.635   -11.609 1.00 20.46 ? 23  GLU B OE1 1 
ATOM   414 O OE2 . GLU B 1 24 ? 13.069  8.145   -9.962  1.00 27.76 ? 23  GLU B OE2 1 
ATOM   415 N N   . ILE B 1 25 ? 14.041  8.715   -16.480 1.00 13.51 ? 24  ILE B N   1 
ATOM   416 C CA  . ILE B 1 25 ? 14.508  8.023   -17.684 1.00 13.40 ? 24  ILE B CA  1 
ATOM   417 C C   . ILE B 1 25 ? 15.482  8.911   -18.440 1.00 13.26 ? 24  ILE B C   1 
ATOM   418 O O   . ILE B 1 25 ? 16.564  8.479   -18.842 1.00 14.45 ? 24  ILE B O   1 
ATOM   419 C CB  . ILE B 1 25 ? 13.331  7.643   -18.606 1.00 11.88 ? 24  ILE B CB  1 
ATOM   420 C CG1 . ILE B 1 25 ? 12.490  6.545   -17.957 1.00 14.13 ? 24  ILE B CG1 1 
ATOM   421 C CG2 . ILE B 1 25 ? 13.841  7.186   -19.976 1.00 15.59 ? 24  ILE B CG2 1 
ATOM   422 C CD1 . ILE B 1 25 ? 11.081  6.363   -18.561 1.00 12.27 ? 24  ILE B CD1 1 
ATOM   423 N N   . ALA B 1 26 ? 15.100  10.169  -18.621 1.00 14.32 ? 25  ALA B N   1 
ATOM   424 C CA  . ALA B 1 26 ? 15.915  11.114  -19.373 1.00 15.19 ? 25  ALA B CA  1 
ATOM   425 C C   . ALA B 1 26 ? 17.259  11.310  -18.698 1.00 18.89 ? 25  ALA B C   1 
ATOM   426 O O   . ALA B 1 26 ? 18.273  11.417  -19.362 1.00 18.74 ? 25  ALA B O   1 
ATOM   427 C CB  . ALA B 1 26 ? 15.199  12.446  -19.516 1.00 14.49 ? 25  ALA B CB  1 
ATOM   428 N N   . GLN B 1 27 ? 17.252  11.365  -17.372 1.00 18.33 ? 26  GLN B N   1 
ATOM   429 C CA  . GLN B 1 27 ? 18.488  11.522  -16.615 1.00 23.55 ? 26  GLN B CA  1 
ATOM   430 C C   . GLN B 1 27 ? 19.475  10.358  -16.850 1.00 22.81 ? 26  GLN B C   1 
ATOM   431 O O   . GLN B 1 27 ? 20.682  10.566  -16.847 1.00 24.14 ? 26  GLN B O   1 
ATOM   432 C CB  . GLN B 1 27 ? 18.177  11.656  -15.122 1.00 16.62 ? 26  GLN B CB  1 
ATOM   433 C CG  . GLN B 1 27 ? 19.421  11.739  -14.265 1.00 28.19 ? 26  GLN B CG  1 
ATOM   434 C CD  . GLN B 1 27 ? 20.160  13.049  -14.455 1.00 26.66 ? 26  GLN B CD  1 
ATOM   435 O OE1 . GLN B 1 27 ? 19.543  14.106  -14.636 1.00 30.87 ? 26  GLN B OE1 1 
ATOM   436 N NE2 . GLN B 1 27 ? 21.488  12.987  -14.423 1.00 33.29 ? 26  GLN B NE2 1 
ATOM   437 N N   . SER B 1 28 ? 18.976  9.138   -17.058 1.00 22.46 ? 27  SER B N   1 
ATOM   438 C CA  . SER B 1 28 ? 19.889  8.016   -17.343 1.00 22.16 ? 27  SER B CA  1 
ATOM   439 C C   . SER B 1 28 ? 20.240  7.862   -18.817 1.00 22.58 ? 27  SER B C   1 
ATOM   440 O O   . SER B 1 28 ? 21.291  7.303   -19.149 1.00 26.15 ? 27  SER B O   1 
ATOM   441 C CB  . SER B 1 28 ? 19.367  6.684   -16.777 1.00 23.27 ? 27  SER B CB  1 
ATOM   442 O OG  . SER B 1 28 ? 18.007  6.476   -17.079 1.00 26.67 ? 27  SER B OG  1 
ATOM   443 N N   . ILE B 1 29 ? 19.357  8.351   -19.688 1.00 21.35 ? 28  ILE B N   1 
ATOM   444 C CA  . ILE B 1 29 ? 19.470  8.163   -21.143 1.00 23.65 ? 28  ILE B CA  1 
ATOM   445 C C   . ILE B 1 29 ? 20.210  9.307   -21.845 1.00 30.18 ? 28  ILE B C   1 
ATOM   446 O O   . ILE B 1 29 ? 21.021  9.076   -22.743 1.00 31.90 ? 28  ILE B O   1 
ATOM   447 C CB  . ILE B 1 29 ? 18.086  7.956   -21.792 1.00 21.54 ? 28  ILE B CB  1 
ATOM   448 C CG1 . ILE B 1 29 ? 17.533  6.585   -21.430 1.00 23.22 ? 28  ILE B CG1 1 
ATOM   449 C CG2 . ILE B 1 29 ? 18.164  8.055   -23.289 1.00 26.29 ? 28  ILE B CG2 1 
ATOM   450 C CD1 . ILE B 1 29 ? 16.288  6.216   -22.207 1.00 28.23 ? 28  ILE B CD1 1 
ATOM   451 N N   . LYS B 1 30 ? 19.938  10.543  -21.441 1.00 28.37 ? 29  LYS B N   1 
ATOM   452 C CA  . LYS B 1 30 ? 20.813  11.633  -21.821 1.00 30.94 ? 29  LYS B CA  1 
ATOM   453 C C   . LYS B 1 30 ? 22.048  11.419  -20.971 1.00 34.90 ? 29  LYS B C   1 
ATOM   454 O O   . LYS B 1 30 ? 23.112  11.954  -21.255 1.00 34.59 ? 29  LYS B O   1 
ATOM   455 C CB  . LYS B 1 30 ? 20.185  12.999  -21.503 1.00 31.30 ? 29  LYS B CB  1 
ATOM   456 C CG  . LYS B 1 30 ? 20.523  13.535  -20.102 1.00 33.58 ? 29  LYS B CG  1 
ATOM   457 C CD  . LYS B 1 30 ? 20.084  14.999  -19.919 1.00 31.97 ? 29  LYS B CD  1 
ATOM   458 C CE  . LYS B 1 30 ? 19.968  15.350  -18.435 1.00 35.48 ? 29  LYS B CE  1 
ATOM   459 N NZ  . LYS B 1 30 ? 21.164  14.912  -17.666 1.00 34.93 ? 29  LYS B NZ  1 
ATOM   460 N N   . GLY B 1 31 ? 21.889  10.612  -19.924 1.00 33.22 ? 30  GLY B N   1 
ATOM   461 C CA  . GLY B 1 31 ? 22.951  10.381  -18.976 1.00 30.61 ? 30  GLY B CA  1 
ATOM   462 C C   . GLY B 1 31 ? 23.201  11.641  -18.180 1.00 37.15 ? 30  GLY B C   1 
ATOM   463 O O   . GLY B 1 31 ? 23.919  12.533  -18.629 1.00 47.87 ? 30  GLY B O   1 
HETATM 464 C C   . ACE C 1 1  ? 24.885  5.397   12.622  1.00 47.90 ? 0   ACE C C   1 
HETATM 465 O O   . ACE C 1 1  ? 26.096  5.365   12.379  1.00 47.06 ? 0   ACE C O   1 
HETATM 466 C CH3 . ACE C 1 1  ? 23.941  4.374   12.058  1.00 38.85 ? 0   ACE C CH3 1 
ATOM   467 N N   . GLY C 1 2  ? 24.589  6.492   13.330  1.00 43.71 ? 1   GLY C N   1 
ATOM   468 C CA  . GLY C 1 2  ? 23.890  7.317   12.357  1.00 39.83 ? 1   GLY C CA  1 
ATOM   469 C C   . GLY C 1 2  ? 22.486  7.634   12.830  1.00 34.43 ? 1   GLY C C   1 
ATOM   470 O O   . GLY C 1 2  ? 21.505  7.036   12.380  1.00 29.83 ? 1   GLY C O   1 
ATOM   471 N N   . GLU C 1 3  ? 22.411  8.609   13.725  1.00 34.62 ? 2   GLU C N   1 
ATOM   472 C CA  . GLU C 1 3  ? 21.252  8.832   14.580  1.00 35.64 ? 2   GLU C CA  1 
ATOM   473 C C   . GLU C 1 3  ? 19.851  8.778   13.934  1.00 35.00 ? 2   GLU C C   1 
ATOM   474 O O   . GLU C 1 3  ? 19.047  7.915   14.295  1.00 40.91 ? 2   GLU C O   1 
ATOM   475 C CB  . GLU C 1 3  ? 21.473  10.113  15.385  1.00 35.59 ? 2   GLU C CB  1 
ATOM   476 C CG  . GLU C 1 3  ? 22.844  10.119  16.056  1.00 42.13 ? 2   GLU C CG  1 
ATOM   477 C CD  . GLU C 1 3  ? 23.501  11.487  16.089  1.00 39.19 ? 2   GLU C CD  1 
ATOM   478 O OE1 . GLU C 1 3  ? 23.876  11.934  17.198  1.00 47.80 ? 2   GLU C OE1 1 
ATOM   479 O OE2 . GLU C 1 3  ? 23.657  12.111  15.012  1.00 37.41 ? 2   GLU C OE2 1 
ATOM   480 N N   . ILE C 1 4  ? 19.544  9.663   12.988  1.00 32.27 ? 3   ILE C N   1 
ATOM   481 C CA  . ILE C 1 4  ? 18.146  9.762   12.515  1.00 32.86 ? 3   ILE C CA  1 
ATOM   482 C C   . ILE C 1 4  ? 17.549  8.548   11.768  1.00 29.58 ? 3   ILE C C   1 
ATOM   483 O O   . ILE C 1 4  ? 16.491  8.037   12.153  1.00 24.87 ? 3   ILE C O   1 
ATOM   484 C CB  . ILE C 1 4  ? 17.883  11.065  11.748  1.00 25.08 ? 3   ILE C CB  1 
ATOM   485 C CG1 . ILE C 1 4  ? 18.199  12.249  12.654  1.00 27.29 ? 3   ILE C CG1 1 
ATOM   486 C CG2 . ILE C 1 4  ? 16.433  11.123  11.278  1.00 30.87 ? 3   ILE C CG2 1 
ATOM   487 C CD1 . ILE C 1 4  ? 17.873  13.573  12.051  1.00 28.47 ? 3   ILE C CD1 1 
ATOM   488 N N   . ALA C 1 5  ? 18.209  8.077   10.719  1.00 26.78 ? 4   ALA C N   1 
ATOM   489 C CA  . ALA C 1 5  ? 17.703  6.902   10.018  1.00 24.04 ? 4   ALA C CA  1 
ATOM   490 C C   . ALA C 1 5  ? 17.730  5.655   10.913  1.00 32.12 ? 4   ALA C C   1 
ATOM   491 O O   . ALA C 1 5  ? 16.971  4.713   10.690  1.00 34.42 ? 4   ALA C O   1 
ATOM   492 C CB  . ALA C 1 5  ? 18.474  6.658   8.772   1.00 30.21 ? 4   ALA C CB  1 
ATOM   493 N N   . GLN C 1 6  ? 18.614  5.627   11.905  1.00 23.45 ? 5   GLN C N   1 
ATOM   494 C CA  . GLN C 1 6  ? 18.601  4.510   12.845  1.00 35.23 ? 5   GLN C CA  1 
ATOM   495 C C   . GLN C 1 6  ? 17.316  4.591   13.662  1.00 34.23 ? 5   GLN C C   1 
ATOM   496 O O   . GLN C 1 6  ? 16.444  3.737   13.532  1.00 36.29 ? 5   GLN C O   1 
ATOM   497 C CB  . GLN C 1 6  ? 19.823  4.516   13.772  1.00 35.06 ? 5   GLN C CB  1 
ATOM   498 C CG  . GLN C 1 6  ? 19.798  3.419   14.861  1.00 32.47 ? 5   GLN C CG  1 
ATOM   499 C CD  . GLN C 1 6  ? 19.890  2.003   14.294  1.00 40.18 ? 5   GLN C CD  1 
ATOM   500 O OE1 . GLN C 1 6  ? 20.169  1.809   13.108  1.00 47.36 ? 5   GLN C OE1 1 
ATOM   501 N NE2 . GLN C 1 6  ? 19.653  1.004   15.148  1.00 33.25 ? 5   GLN C NE2 1 
ATOM   502 N N   . SER C 1 7  ? 17.199  5.639   14.470  1.00 28.63 ? 6   SER C N   1 
ATOM   503 C CA  . SER C 1 7  ? 16.026  5.850   15.304  1.00 30.53 ? 6   SER C CA  1 
ATOM   504 C C   . SER C 1 7  ? 14.725  5.615   14.535  1.00 30.86 ? 6   SER C C   1 
ATOM   505 O O   . SER C 1 7  ? 13.826  4.931   15.035  1.00 26.28 ? 6   SER C O   1 
ATOM   506 C CB  . SER C 1 7  ? 16.042  7.257   15.915  1.00 33.37 ? 6   SER C CB  1 
ATOM   507 O OG  . SER C 1 7  ? 17.069  7.405   16.882  1.00 38.00 ? 6   SER C OG  1 
ATOM   508 N N   . ILE C 1 8  ? 14.642  6.148   13.317  1.00 26.60 ? 7   ILE C N   1 
ATOM   509 C CA  . ILE C 1 8  ? 13.426  6.027   12.496  1.00 26.76 ? 7   ILE C CA  1 
ATOM   510 C C   . ILE C 1 8  ? 13.154  4.588   12.032  1.00 26.74 ? 7   ILE C C   1 
ATOM   511 O O   . ILE C 1 8  ? 11.998  4.167   11.896  1.00 28.65 ? 7   ILE C O   1 
ATOM   512 C CB  . ILE C 1 8  ? 13.450  7.006   11.301  1.00 28.26 ? 7   ILE C CB  1 
ATOM   513 C CG1 . ILE C 1 8  ? 13.402  8.447   11.800  1.00 26.96 ? 7   ILE C CG1 1 
ATOM   514 C CG2 . ILE C 1 8  ? 12.287  6.768   10.361  1.00 23.82 ? 7   ILE C CG2 1 
ATOM   515 C CD1 . ILE C 1 8  ? 13.040  9.447   10.705  1.00 30.06 ? 7   ILE C CD1 1 
ATOM   516 N N   . LYS C 1 9  ? 14.219  3.830   11.806  1.00 30.87 ? 8   LYS C N   1 
ATOM   517 C CA  . LYS C 1 9  ? 14.095  2.400   11.502  1.00 33.72 ? 8   LYS C CA  1 
ATOM   518 C C   . LYS C 1 9  ? 13.611  1.616   12.722  1.00 30.79 ? 8   LYS C C   1 
ATOM   519 O O   . LYS C 1 9  ? 12.784  0.708   12.606  1.00 28.97 ? 8   LYS C O   1 
ATOM   520 C CB  . LYS C 1 9  ? 15.433  1.828   11.020  1.00 33.39 ? 8   LYS C CB  1 
ATOM   521 C CG  . LYS C 1 9  ? 15.500  0.296   11.060  1.00 37.38 ? 8   LYS C CG  1 
ATOM   522 C CD  . LYS C 1 9  ? 16.665  -0.246  10.250  1.00 44.28 ? 8   LYS C CD  1 
ATOM   523 C CE  . LYS C 1 9  ? 17.895  0.628   10.402  1.00 41.78 ? 8   LYS C CE  1 
ATOM   524 N NZ  . LYS C 1 9  ? 19.085  0.048   9.708   1.00 58.55 ? 8   LYS C NZ  1 
ATOM   525 N N   . GLU C 1 10 ? 14.152  1.975   13.885  1.00 31.12 ? 9   GLU C N   1 
ATOM   526 C CA  . GLU C 1 10 ? 13.738  1.405   15.166  1.00 32.35 ? 9   GLU C CA  1 
ATOM   527 C C   . GLU C 1 10 ? 12.286  1.770   15.475  1.00 30.13 ? 9   GLU C C   1 
ATOM   528 O O   . GLU C 1 10 ? 11.545  0.961   16.066  1.00 28.80 ? 9   GLU C O   1 
ATOM   529 C CB  . GLU C 1 10 ? 14.649  1.906   16.307  1.00 32.72 ? 9   GLU C CB  1 
ATOM   530 C CG  . GLU C 1 10 ? 16.108  1.418   16.266  1.00 39.83 ? 9   GLU C CG  1 
ATOM   531 C CD  . GLU C 1 10 ? 16.981  2.051   17.361  1.00 41.17 ? 9   GLU C CD  1 
ATOM   532 O OE1 . GLU C 1 10 ? 16.438  2.786   18.223  1.00 41.01 ? 9   GLU C OE1 1 
ATOM   533 O OE2 . GLU C 1 10 ? 18.213  1.821   17.355  1.00 42.55 ? 9   GLU C OE2 1 
ATOM   534 N N   . ILE C 1 11 ? 11.893  2.992   15.102  1.00 27.68 ? 10  ILE C N   1 
ATOM   535 C CA  . ILE C 1 11 ? 10.499  3.439   15.217  1.00 29.78 ? 10  ILE C CA  1 
ATOM   536 C C   . ILE C 1 11 ? 9.636   2.578   14.300  1.00 30.09 ? 10  ILE C C   1 
ATOM   537 O O   . ILE C 1 11 ? 8.547   2.132   14.677  1.00 31.54 ? 10  ILE C O   1 
ATOM   538 C CB  . ILE C 1 11 ? 10.327  4.955   14.883  1.00 22.65 ? 10  ILE C CB  1 
ATOM   539 C CG1 . ILE C 1 11 ? 10.897  5.825   16.008  1.00 21.79 ? 10  ILE C CG1 1 
ATOM   540 C CG2 . ILE C 1 11 ? 8.856   5.302   14.666  1.00 23.01 ? 10  ILE C CG2 1 
ATOM   541 C CD1 . ILE C 1 11 ? 11.012  7.306   15.666  1.00 23.94 ? 10  ILE C CD1 1 
ATOM   542 N N   . ALA C 1 12 ? 10.146  2.314   13.107  1.00 24.18 ? 11  ALA C N   1 
ATOM   543 C CA  . ALA C 1 12 ? 9.445   1.471   12.157  1.00 28.77 ? 11  ALA C CA  1 
ATOM   544 C C   . ALA C 1 12 ? 9.255   0.066   12.726  1.00 32.05 ? 11  ALA C C   1 
ATOM   545 O O   . ALA C 1 12 ? 8.207   -0.556  12.529  1.00 36.66 ? 11  ALA C O   1 
ATOM   546 C CB  . ALA C 1 12 ? 10.202  1.424   10.833  1.00 34.01 ? 11  ALA C CB  1 
ATOM   547 N N   . LYS C 1 13 ? 10.257  -0.427  13.443  1.00 27.27 ? 12  LYS C N   1 
ATOM   548 C CA  . LYS C 1 13 ? 10.168  -1.754  14.067  1.00 34.19 ? 12  LYS C CA  1 
ATOM   549 C C   . LYS C 1 13 ? 9.072   -1.791  15.141  1.00 38.96 ? 12  LYS C C   1 
ATOM   550 O O   . LYS C 1 13 ? 8.099   -2.546  15.039  1.00 37.02 ? 12  LYS C O   1 
ATOM   551 C CB  . LYS C 1 13 ? 11.521  -2.154  14.674  1.00 34.29 ? 12  LYS C CB  1 
ATOM   552 C CG  . LYS C 1 13 ? 11.556  -3.547  15.287  1.00 34.98 ? 12  LYS C CG  1 
ATOM   553 N N   . SER C 1 14 ? 9.242   -0.957  16.161  1.00 34.89 ? 13  SER C N   1 
ATOM   554 C CA  . SER C 1 14 ? 8.323   -0.875  17.283  1.00 31.71 ? 13  SER C CA  1 
ATOM   555 C C   . SER C 1 14 ? 6.852   -0.685  16.902  1.00 35.29 ? 13  SER C C   1 
ATOM   556 O O   . SER C 1 14 ? 5.970   -1.288  17.524  1.00 33.59 ? 13  SER C O   1 
ATOM   557 C CB  . SER C 1 14 ? 8.769   0.241   18.227  1.00 29.10 ? 13  SER C CB  1 
ATOM   558 O OG  . SER C 1 14 ? 10.075  0.008   18.711  1.00 31.90 ? 13  SER C OG  1 
ATOM   559 N N   . ILE C 1 15 ? 6.585   0.152   15.900  1.00 31.07 ? 14  ILE C N   1 
ATOM   560 C CA  . ILE C 1 15 ? 5.206   0.389   15.447  1.00 30.78 ? 14  ILE C CA  1 
ATOM   561 C C   . ILE C 1 15 ? 4.589   -0.872  14.847  1.00 29.08 ? 14  ILE C C   1 
ATOM   562 O O   . ILE C 1 15 ? 3.410   -1.154  15.066  1.00 30.22 ? 14  ILE C O   1 
ATOM   563 C CB  . ILE C 1 15 ? 5.094   1.611   14.488  1.00 28.20 ? 14  ILE C CB  1 
ATOM   564 C CG1 . ILE C 1 15 ? 5.536   2.876   15.213  1.00 28.58 ? 14  ILE C CG1 1 
ATOM   565 C CG2 . ILE C 1 15 ? 3.671   1.814   14.009  1.00 25.09 ? 14  ILE C CG2 1 
ATOM   566 C CD1 . ILE C 1 15 ? 5.282   4.176   14.432  1.00 33.20 ? 14  ILE C CD1 1 
ATOM   567 N N   . LYS C 1 16 ? 5.397   -1.646  14.122  1.00 34.47 ? 15  LYS C N   1 
ATOM   568 C CA  . LYS C 1 16 ? 4.957   -2.935  13.574  1.00 32.97 ? 15  LYS C CA  1 
ATOM   569 C C   . LYS C 1 16 ? 4.478   -3.909  14.657  1.00 31.78 ? 15  LYS C C   1 
ATOM   570 O O   . LYS C 1 16 ? 3.425   -4.548  14.527  1.00 28.91 ? 15  LYS C O   1 
ATOM   571 C CB  . LYS C 1 16 ? 6.085   -3.588  12.771  1.00 32.17 ? 15  LYS C CB  1 
ATOM   572 N N   . GLU C 1 17 ? 5.268   -4.023  15.720  1.00 35.23 ? 16  GLU C N   1 
ATOM   573 C CA  . GLU C 1 17 ? 4.919   -4.860  16.869  1.00 33.88 ? 16  GLU C CA  1 
ATOM   574 C C   . GLU C 1 17 ? 3.687   -4.303  17.595  1.00 30.04 ? 16  GLU C C   1 
ATOM   575 O O   . GLU C 1 17 ? 2.853   -5.060  18.102  1.00 27.90 ? 16  GLU C O   1 
ATOM   576 C CB  . GLU C 1 17 ? 6.112   -4.960  17.837  1.00 36.31 ? 16  GLU C CB  1 
ATOM   577 C CG  . GLU C 1 17 ? 7.444   -5.373  17.173  1.00 39.04 ? 16  GLU C CG  1 
ATOM   578 C CD  . GLU C 1 17 ? 8.666   -5.101  18.055  1.00 41.94 ? 16  GLU C CD  1 
ATOM   579 O OE1 . GLU C 1 17 ? 8.501   -4.723  19.238  1.00 38.16 ? 16  GLU C OE1 1 
ATOM   580 O OE2 . GLU C 1 17 ? 9.800   -5.268  17.557  1.00 51.28 ? 16  GLU C OE2 1 
ATOM   581 N N   . ILE C 1 18 ? 3.587   -2.978  17.662  1.00 32.23 ? 17  ILE C N   1 
ATOM   582 C CA  . ILE C 1 18 ? 2.375   -2.321  18.158  1.00 29.75 ? 17  ILE C CA  1 
ATOM   583 C C   . ILE C 1 18 ? 1.208   -2.611  17.210  1.00 28.72 ? 17  ILE C C   1 
ATOM   584 O O   . ILE C 1 18 ? 0.069   -2.817  17.641  1.00 30.81 ? 17  ILE C O   1 
ATOM   585 C CB  . ILE C 1 18 ? 2.573   -0.794  18.309  1.00 23.86 ? 17  ILE C CB  1 
ATOM   586 C CG1 . ILE C 1 18 ? 3.585   -0.494  19.419  1.00 25.17 ? 17  ILE C CG1 1 
ATOM   587 C CG2 . ILE C 1 18 ? 1.257   -0.109  18.614  1.00 28.06 ? 17  ILE C CG2 1 
ATOM   588 C CD1 . ILE C 1 18 ? 3.922   0.970   19.561  1.00 32.65 ? 17  ILE C CD1 1 
ATOM   589 N N   . ALA C 1 19 ? 1.495   -2.643  15.915  1.00 25.24 ? 18  ALA C N   1 
ATOM   590 C CA  . ALA C 1 19 ? 0.465   -2.944  14.934  1.00 25.48 ? 18  ALA C CA  1 
ATOM   591 C C   . ALA C 1 19 ? -0.040  -4.370  15.139  1.00 30.42 ? 18  ALA C C   1 
ATOM   592 O O   . ALA C 1 19 ? -1.241  -4.621  15.045  1.00 32.87 ? 18  ALA C O   1 
ATOM   593 C CB  . ALA C 1 19 ? 0.994   -2.763  13.521  1.00 30.63 ? 18  ALA C CB  1 
ATOM   594 N N   . TRP C 1 20 ? 0.858   -5.303  15.432  1.00 26.98 ? 19  TRP C N   1 
ATOM   595 C CA  . TRP C 1 20 ? 0.426   -6.694  15.627  1.00 35.78 ? 19  TRP C CA  1 
ATOM   596 C C   . TRP C 1 20 ? -0.252  -6.909  16.982  1.00 37.23 ? 19  TRP C C   1 
ATOM   597 O O   . TRP C 1 20 ? -1.301  -7.543  17.067  1.00 36.67 ? 19  TRP C O   1 
ATOM   598 C CB  . TRP C 1 20 ? 1.580   -7.681  15.458  1.00 34.36 ? 19  TRP C CB  1 
ATOM   599 C CD1 . TRP C 1 20 ? 1.528   -9.828  16.881  1.00 47.75 ? 19  TRP C CD1 1 
ATOM   600 C CD2 . TRP C 1 20 ? 0.338   -9.953  14.987  1.00 43.02 ? 19  TRP C CD2 1 
ATOM   601 N NE1 . TRP C 1 20 ? 0.964   -11.082 16.823  1.00 45.74 ? 19  TRP C NE1 1 
ATOM   602 N N   . SER C 1 21 ? 0.363   -6.378  18.032  1.00 30.67 ? 20  SER C N   1 
ATOM   603 C CA  . SER C 1 21 ? -0.167  -6.460  19.391  1.00 34.25 ? 20  SER C CA  1 
ATOM   604 C C   . SER C 1 21 ? -1.573  -5.836  19.546  1.00 34.86 ? 20  SER C C   1 
ATOM   605 O O   . SER C 1 21 ? -2.353  -6.273  20.401  1.00 35.65 ? 20  SER C O   1 
ATOM   606 C CB  . SER C 1 21 ? 0.843   -5.812  20.361  1.00 35.56 ? 20  SER C CB  1 
ATOM   607 O OG  . SER C 1 21 ? 0.587   -6.124  21.718  1.00 40.82 ? 20  SER C OG  1 
ATOM   608 N N   . ILE C 1 22 ? -1.900  -4.827  18.732  1.00 29.29 ? 21  ILE C N   1 
ATOM   609 C CA  . ILE C 1 22 ? -3.218  -4.178  18.792  1.00 30.06 ? 21  ILE C CA  1 
ATOM   610 C C   . ILE C 1 22 ? -4.246  -4.990  18.024  1.00 33.41 ? 21  ILE C C   1 
ATOM   611 O O   . ILE C 1 22 ? -5.405  -5.105  18.446  1.00 35.79 ? 21  ILE C O   1 
ATOM   612 C CB  . ILE C 1 22 ? -3.207  -2.723  18.256  1.00 34.81 ? 21  ILE C CB  1 
ATOM   613 C CG1 . ILE C 1 22 ? -2.446  -1.800  19.198  1.00 35.84 ? 21  ILE C CG1 1 
ATOM   614 C CG2 . ILE C 1 22 ? -4.617  -2.158  18.141  1.00 30.88 ? 21  ILE C CG2 1 
ATOM   615 C CD1 . ILE C 1 22 ? -2.590  -0.329  18.834  1.00 38.68 ? 21  ILE C CD1 1 
ATOM   616 N N   . LYS C 1 23 ? -3.813  -5.544  16.895  1.00 35.96 ? 22  LYS C N   1 
ATOM   617 C CA  . LYS C 1 23 ? -4.617  -6.492  16.137  1.00 34.90 ? 22  LYS C CA  1 
ATOM   618 C C   . LYS C 1 23 ? -5.126  -7.582  17.068  1.00 33.49 ? 22  LYS C C   1 
ATOM   619 O O   . LYS C 1 23 ? -6.316  -7.902  17.088  1.00 32.09 ? 22  LYS C O   1 
ATOM   620 C CB  . LYS C 1 23 ? -3.769  -7.145  15.050  1.00 30.68 ? 22  LYS C CB  1 
ATOM   621 C CG  . LYS C 1 23 ? -3.480  -6.292  13.835  1.00 36.68 ? 22  LYS C CG  1 
ATOM   622 C CD  . LYS C 1 23 ? -2.223  -6.811  13.111  1.00 44.82 ? 22  LYS C CD  1 
ATOM   623 C CE  . LYS C 1 23 ? -1.638  -5.792  12.113  1.00 36.57 ? 22  LYS C CE  1 
ATOM   624 N NZ  . LYS C 1 23 ? -0.319  -6.246  11.570  1.00 42.04 ? 22  LYS C NZ  1 
ATOM   625 N N   . GLU C 1 24 ? -4.200  -8.151  17.835  1.00 34.58 ? 23  GLU C N   1 
ATOM   626 C CA  . GLU C 1 24 ? -4.520  -9.198  18.798  1.00 33.12 ? 23  GLU C CA  1 
ATOM   627 C C   . GLU C 1 24 ? -5.578  -8.761  19.813  1.00 34.93 ? 23  GLU C C   1 
ATOM   628 O O   . GLU C 1 24 ? -6.546  -9.493  20.072  1.00 36.33 ? 23  GLU C O   1 
ATOM   629 C CB  . GLU C 1 24 ? -3.253  -9.621  19.535  1.00 34.86 ? 23  GLU C CB  1 
ATOM   630 C CG  . GLU C 1 24 ? -2.199  -10.241 18.650  1.00 36.70 ? 23  GLU C CG  1 
ATOM   631 C CD  . GLU C 1 24 ? -1.056  -10.798 19.454  1.00 45.11 ? 23  GLU C CD  1 
ATOM   632 O OE1 . GLU C 1 24 ? -0.957  -10.480 20.659  1.00 47.61 ? 23  GLU C OE1 1 
ATOM   633 O OE2 . GLU C 1 24 ? -0.259  -11.569 18.894  1.00 51.68 ? 23  GLU C OE2 1 
ATOM   634 N N   . ILE C 1 25 ? -5.378  -7.581  20.402  1.00 31.27 ? 24  ILE C N   1 
ATOM   635 C CA  . ILE C 1 25 ? -6.352  -7.014  21.327  1.00 33.85 ? 24  ILE C CA  1 
ATOM   636 C C   . ILE C 1 25 ? -7.690  -6.900  20.622  1.00 35.55 ? 24  ILE C C   1 
ATOM   637 O O   . ILE C 1 25 ? -8.723  -7.268  21.173  1.00 34.18 ? 24  ILE C O   1 
ATOM   638 C CB  . ILE C 1 25 ? -5.934  -5.621  21.818  1.00 27.42 ? 24  ILE C CB  1 
ATOM   639 C CG1 . ILE C 1 25 ? -4.717  -5.729  22.724  1.00 30.66 ? 24  ILE C CG1 1 
ATOM   640 C CG2 . ILE C 1 25 ? -7.072  -4.982  22.596  1.00 31.75 ? 24  ILE C CG2 1 
ATOM   641 C CD1 . ILE C 1 25 ? -3.984  -4.431  22.903  1.00 36.50 ? 24  ILE C CD1 1 
ATOM   642 N N   . ALA C 1 26 ? -7.658  -6.406  19.391  1.00 27.42 ? 25  ALA C N   1 
ATOM   643 C CA  . ALA C 1 26 ? -8.870  -6.254  18.620  1.00 34.81 ? 25  ALA C CA  1 
ATOM   644 C C   . ALA C 1 26 ? -9.519  -7.618  18.477  1.00 35.92 ? 25  ALA C C   1 
ATOM   645 O O   . ALA C 1 26 ? -10.704 -7.773  18.777  1.00 34.11 ? 25  ALA C O   1 
ATOM   646 C CB  . ALA C 1 26 ? -8.564  -5.657  17.255  1.00 36.01 ? 25  ALA C CB  1 
ATOM   647 N N   . GLN C 1 27 ? -8.727  -8.608  18.059  1.00 30.11 ? 26  GLN C N   1 
ATOM   648 C CA  . GLN C 1 27 ? -9.232  -9.967  17.801  1.00 35.29 ? 26  GLN C CA  1 
ATOM   649 C C   . GLN C 1 27 ? -9.693  -10.716 19.063  1.00 36.98 ? 26  GLN C C   1 
ATOM   650 O O   . GLN C 1 27 ? -10.557 -11.584 18.994  1.00 38.40 ? 26  GLN C O   1 
ATOM   651 C CB  . GLN C 1 27 ? -8.199  -10.797 17.013  1.00 39.34 ? 26  GLN C CB  1 
ATOM   652 N N   . SER C 1 28 ? -9.130  -10.379 20.218  1.00 39.04 ? 27  SER C N   1 
ATOM   653 C CA  . SER C 1 28 ? -9.566  -11.013 21.458  1.00 36.87 ? 27  SER C CA  1 
ATOM   654 C C   . SER C 1 28 ? -10.943 -10.473 21.860  1.00 34.50 ? 27  SER C C   1 
ATOM   655 O O   . SER C 1 28 ? -11.711 -11.130 22.573  1.00 32.65 ? 27  SER C O   1 
ATOM   656 C CB  . SER C 1 28 ? -8.539  -10.786 22.572  1.00 38.53 ? 27  SER C CB  1 
ATOM   657 O OG  . SER C 1 28 ? -8.622  -9.468  23.083  1.00 43.47 ? 27  SER C OG  1 
ATOM   658 N N   . ILE C 1 29 ? -11.250 -9.273  21.380  1.00 31.38 ? 28  ILE C N   1 
ATOM   659 C CA  . ILE C 1 29 ? -12.522 -8.630  21.670  1.00 35.55 ? 28  ILE C CA  1 
ATOM   660 C C   . ILE C 1 29 ? -13.536 -8.906  20.567  1.00 38.03 ? 28  ILE C C   1 
ATOM   661 O O   . ILE C 1 29 ? -14.652 -9.339  20.842  1.00 33.00 ? 28  ILE C O   1 
ATOM   662 C CB  . ILE C 1 29 ? -12.366 -7.105  21.826  1.00 36.65 ? 28  ILE C CB  1 
ATOM   663 C CG1 . ILE C 1 29 ? -11.319 -6.773  22.889  1.00 35.27 ? 28  ILE C CG1 1 
ATOM   664 C CG2 . ILE C 1 29 ? -13.701 -6.452  22.185  1.00 29.64 ? 28  ILE C CG2 1 
ATOM   665 C CD1 . ILE C 1 29 ? -11.281 -5.302  23.246  1.00 33.93 ? 28  ILE C CD1 1 
ATOM   666 N N   . LYS C 1 30 ? -13.142 -8.626  19.326  1.00 38.94 ? 29  LYS C N   1 
ATOM   667 C CA  . LYS C 1 30 ? -13.962 -8.904  18.152  1.00 37.12 ? 29  LYS C CA  1 
ATOM   668 C C   . LYS C 1 30 ? -13.113 -8.877  16.889  1.00 47.57 ? 29  LYS C C   1 
ATOM   669 O O   . LYS C 1 30 ? -12.452 -7.882  16.594  1.00 51.11 ? 29  LYS C O   1 
HETATM 670 C C   . ACE D 1 1  ? 17.586  1.933   0.782   1.00 44.41 ? 0   ACE D C   1 
HETATM 671 O O   . ACE D 1 1  ? 16.619  1.292   1.202   1.00 48.77 ? 0   ACE D O   1 
HETATM 672 C CH3 . ACE D 1 1  ? 17.765  2.333   -0.658  1.00 44.02 ? 0   ACE D CH3 1 
ATOM   673 N N   . GLY D 1 2  ? 18.061  3.017   1.387   1.00 48.23 ? 1   GLY D N   1 
ATOM   674 C CA  . GLY D 1 2  ? 17.027  4.034   1.416   1.00 39.10 ? 1   GLY D CA  1 
ATOM   675 C C   . GLY D 1 2  ? 16.113  3.892   2.612   1.00 39.87 ? 1   GLY D C   1 
ATOM   676 O O   . GLY D 1 2  ? 14.885  3.937   2.488   1.00 39.82 ? 1   GLY D O   1 
ATOM   677 N N   . GLU D 1 3  ? 16.716  3.728   3.781   1.00 37.80 ? 2   GLU D N   1 
ATOM   678 C CA  . GLU D 1 3  ? 15.939  3.401   4.960   1.00 41.59 ? 2   GLU D CA  1 
ATOM   679 C C   . GLU D 1 3  ? 14.963  4.504   5.415   1.00 37.62 ? 2   GLU D C   1 
ATOM   680 O O   . GLU D 1 3  ? 13.959  4.191   6.050   1.00 34.88 ? 2   GLU D O   1 
ATOM   681 C CB  . GLU D 1 3  ? 16.845  2.934   6.115   1.00 42.79 ? 2   GLU D CB  1 
ATOM   682 C CG  . GLU D 1 3  ? 17.776  1.743   5.797   1.00 46.28 ? 2   GLU D CG  1 
ATOM   683 C CD  . GLU D 1 3  ? 17.065  0.397   5.602   1.00 48.24 ? 2   GLU D CD  1 
ATOM   684 O OE1 . GLU D 1 3  ? 17.770  -0.608  5.353   1.00 51.80 ? 2   GLU D OE1 1 
ATOM   685 O OE2 . GLU D 1 3  ? 15.821  0.327   5.694   1.00 49.10 ? 2   GLU D OE2 1 
ATOM   686 N N   . ILE D 1 4  ? 15.219  5.778   5.103   1.00 35.73 ? 3   ILE D N   1 
ATOM   687 C CA  . ILE D 1 4  ? 14.292  6.819   5.593   1.00 31.84 ? 3   ILE D CA  1 
ATOM   688 C C   . ILE D 1 4  ? 12.914  6.857   4.911   1.00 31.66 ? 3   ILE D C   1 
ATOM   689 O O   . ILE D 1 4  ? 11.892  6.653   5.571   1.00 28.85 ? 3   ILE D O   1 
ATOM   690 C CB  . ILE D 1 4  ? 14.914  8.215   5.698   1.00 29.10 ? 3   ILE D CB  1 
ATOM   691 C CG1 . ILE D 1 4  ? 15.859  8.246   6.893   1.00 28.88 ? 3   ILE D CG1 1 
ATOM   692 C CG2 . ILE D 1 4  ? 13.824  9.258   5.854   1.00 33.84 ? 3   ILE D CG2 1 
ATOM   693 C CD1 . ILE D 1 4  ? 15.940  9.565   7.636   1.00 30.71 ? 3   ILE D CD1 1 
ATOM   694 N N   . ALA D 1 5  ? 12.868  7.081   3.606   1.00 27.21 ? 4   ALA D N   1 
ATOM   695 C CA  . ALA D 1 5  ? 11.574  7.114   2.919   1.00 25.89 ? 4   ALA D CA  1 
ATOM   696 C C   . ALA D 1 5  ? 10.863  5.762   3.016   1.00 32.91 ? 4   ALA D C   1 
ATOM   697 O O   . ALA D 1 5  ? 9.632   5.687   2.956   1.00 31.87 ? 4   ALA D O   1 
ATOM   698 C CB  . ALA D 1 5  ? 11.739  7.528   1.471   1.00 29.53 ? 4   ALA D CB  1 
ATOM   699 N N   . GLN D 1 6  ? 11.640  4.696   3.171   1.00 24.03 ? 5   GLN D N   1 
ATOM   700 C CA  . GLN D 1 6  ? 11.072  3.356   3.276   1.00 36.67 ? 5   GLN D CA  1 
ATOM   701 C C   . GLN D 1 6  ? 10.482  3.108   4.672   1.00 32.77 ? 5   GLN D C   1 
ATOM   702 O O   . GLN D 1 6  ? 9.322   2.720   4.785   1.00 35.62 ? 5   GLN D O   1 
ATOM   703 C CB  . GLN D 1 6  ? 12.115  2.290   2.914   1.00 34.85 ? 5   GLN D CB  1 
ATOM   704 C CG  . GLN D 1 6  ? 11.632  0.854   3.120   1.00 41.35 ? 5   GLN D CG  1 
ATOM   705 C CD  . GLN D 1 6  ? 12.771  -0.151  3.182   1.00 40.51 ? 5   GLN D CD  1 
ATOM   706 O OE1 . GLN D 1 6  ? 13.642  -0.172  2.313   1.00 51.23 ? 5   GLN D OE1 1 
ATOM   707 N NE2 . GLN D 1 6  ? 12.770  -0.989  4.216   1.00 48.74 ? 5   GLN D NE2 1 
ATOM   708 N N   . SER D 1 7  ? 11.280  3.337   5.720   1.00 28.14 ? 6   SER D N   1 
ATOM   709 C CA  . SER D 1 7  ? 10.801  3.275   7.100   1.00 29.48 ? 6   SER D CA  1 
ATOM   710 C C   . SER D 1 7  ? 9.557   4.105   7.257   1.00 31.00 ? 6   SER D C   1 
ATOM   711 O O   . SER D 1 7  ? 8.583   3.650   7.862   1.00 32.03 ? 6   SER D O   1 
ATOM   712 C CB  . SER D 1 7  ? 11.837  3.808   8.097   1.00 32.60 ? 6   SER D CB  1 
ATOM   713 O OG  . SER D 1 7  ? 13.074  3.144   7.977   1.00 34.07 ? 6   SER D OG  1 
ATOM   714 N N   . ILE D 1 8  ? 9.599   5.329   6.724   1.00 27.74 ? 7   ILE D N   1 
ATOM   715 C CA  . ILE D 1 8  ? 8.464   6.245   6.827   1.00 30.10 ? 7   ILE D CA  1 
ATOM   716 C C   . ILE D 1 8  ? 7.269   5.692   6.062   1.00 27.64 ? 7   ILE D C   1 
ATOM   717 O O   . ILE D 1 8  ? 6.117   5.851   6.483   1.00 30.35 ? 7   ILE D O   1 
ATOM   718 C CB  . ILE D 1 8  ? 8.809   7.696   6.365   1.00 30.57 ? 7   ILE D CB  1 
ATOM   719 C CG1 . ILE D 1 8  ? 9.791   8.364   7.337   1.00 29.36 ? 7   ILE D CG1 1 
ATOM   720 C CG2 . ILE D 1 8  ? 7.558   8.554   6.285   1.00 25.01 ? 7   ILE D CG2 1 
ATOM   721 C CD1 . ILE D 1 8  ? 10.126  9.810   6.970   1.00 28.27 ? 7   ILE D CD1 1 
ATOM   722 N N   . LYS D 1 9  ? 7.544   5.033   4.944   1.00 29.71 ? 8   LYS D N   1 
ATOM   723 C CA  . LYS D 1 9  ? 6.490   4.344   4.204   1.00 28.43 ? 8   LYS D CA  1 
ATOM   724 C C   . LYS D 1 9  ? 5.890   3.213   5.056   1.00 28.63 ? 8   LYS D C   1 
ATOM   725 O O   . LYS D 1 9  ? 4.672   3.138   5.224   1.00 30.27 ? 8   LYS D O   1 
ATOM   726 C CB  . LYS D 1 9  ? 7.035   3.820   2.878   1.00 26.08 ? 8   LYS D CB  1 
ATOM   727 C CG  . LYS D 1 9  ? 6.164   2.773   2.181   1.00 31.35 ? 8   LYS D CG  1 
ATOM   728 C CD  . LYS D 1 9  ? 6.841   2.273   0.906   1.00 35.22 ? 8   LYS D CD  1 
ATOM   729 C CE  . LYS D 1 9  ? 8.337   2.036   1.131   1.00 34.00 ? 8   LYS D CE  1 
ATOM   730 N NZ  . LYS D 1 9  ? 9.030   1.484   -0.072  1.00 40.67 ? 8   LYS D NZ  1 
ATOM   731 N N   . GLU D 1 10 ? 6.752   2.356   5.606   1.00 29.48 ? 9   GLU D N   1 
ATOM   732 C CA  . GLU D 1 10 ? 6.316   1.263   6.487   1.00 31.78 ? 9   GLU D CA  1 
ATOM   733 C C   . GLU D 1 10 ? 5.543   1.764   7.703   1.00 29.03 ? 9   GLU D C   1 
ATOM   734 O O   . GLU D 1 10 ? 4.547   1.159   8.113   1.00 30.77 ? 9   GLU D O   1 
ATOM   735 C CB  . GLU D 1 10 ? 7.525   0.448   6.969   1.00 32.71 ? 9   GLU D CB  1 
ATOM   736 C CG  . GLU D 1 10 ? 8.187   -0.416  5.900   1.00 37.86 ? 9   GLU D CG  1 
ATOM   737 C CD  . GLU D 1 10 ? 9.574   -0.915  6.304   1.00 44.38 ? 9   GLU D CD  1 
ATOM   738 O OE1 . GLU D 1 10 ? 9.885   -0.952  7.526   1.00 42.28 ? 9   GLU D OE1 1 
ATOM   739 O OE2 . GLU D 1 10 ? 10.355  -1.263  5.384   1.00 40.10 ? 9   GLU D OE2 1 
ATOM   740 N N   . ILE D 1 11 ? 6.031   2.850   8.293   1.00 28.31 ? 10  ILE D N   1 
ATOM   741 C CA  . ILE D 1 11 ? 5.374   3.493   9.432   1.00 26.62 ? 10  ILE D CA  1 
ATOM   742 C C   . ILE D 1 11 ? 3.931   3.881   9.119   1.00 29.71 ? 10  ILE D C   1 
ATOM   743 O O   . ILE D 1 11 ? 3.011   3.588   9.890   1.00 29.33 ? 10  ILE D O   1 
ATOM   744 C CB  . ILE D 1 11 ? 6.163   4.745   9.893   1.00 23.93 ? 10  ILE D CB  1 
ATOM   745 C CG1 . ILE D 1 11 ? 7.414   4.313   10.666  1.00 24.72 ? 10  ILE D CG1 1 
ATOM   746 C CG2 . ILE D 1 11 ? 5.293   5.653   10.738  1.00 27.29 ? 10  ILE D CG2 1 
ATOM   747 C CD1 . ILE D 1 11 ? 8.361   5.443   11.007  1.00 26.16 ? 10  ILE D CD1 1 
ATOM   748 N N   . ALA D 1 12 ? 3.721   4.531   7.985   1.00 23.34 ? 11  ALA D N   1 
ATOM   749 C CA  . ALA D 1 12 ? 2.374   4.933   7.622   1.00 29.31 ? 11  ALA D CA  1 
ATOM   750 C C   . ALA D 1 12 ? 1.526   3.709   7.289   1.00 32.35 ? 11  ALA D C   1 
ATOM   751 O O   . ALA D 1 12 ? 0.299   3.778   7.328   1.00 32.17 ? 11  ALA D O   1 
ATOM   752 C CB  . ALA D 1 12 ? 2.402   5.877   6.457   1.00 30.41 ? 11  ALA D CB  1 
ATOM   753 N N   . LYS D 1 13 ? 2.172   2.599   6.928   1.00 27.85 ? 12  LYS D N   1 
ATOM   754 C CA  . LYS D 1 13 ? 1.425   1.362   6.664   1.00 32.66 ? 12  LYS D CA  1 
ATOM   755 C C   . LYS D 1 13 ? 0.974   0.766   7.995   1.00 34.69 ? 12  LYS D C   1 
ATOM   756 O O   . LYS D 1 13 ? -0.190  0.380   8.172   1.00 35.25 ? 12  LYS D O   1 
ATOM   757 C CB  . LYS D 1 13 ? 2.275   0.356   5.880   1.00 31.81 ? 12  LYS D CB  1 
ATOM   758 C CG  . LYS D 1 13 ? 1.609   -1.000  5.647   1.00 38.07 ? 12  LYS D CG  1 
ATOM   759 C CD  . LYS D 1 13 ? 2.585   -1.969  4.983   1.00 38.88 ? 12  LYS D CD  1 
ATOM   760 C CE  . LYS D 1 13 ? 1.951   -3.318  4.679   1.00 47.68 ? 12  LYS D CE  1 
ATOM   761 N NZ  . LYS D 1 13 ? 2.992   -4.329  4.294   1.00 48.98 ? 12  LYS D NZ  1 
ATOM   762 N N   . SER D 1 14 ? 1.906   0.710   8.937   1.00 30.77 ? 13  SER D N   1 
ATOM   763 C CA  . SER D 1 14 ? 1.615   0.249   10.283  1.00 26.27 ? 13  SER D CA  1 
ATOM   764 C C   . SER D 1 14 ? 0.591   1.110   11.027  1.00 30.03 ? 13  SER D C   1 
ATOM   765 O O   . SER D 1 14 ? -0.259  0.567   11.741  1.00 29.28 ? 13  SER D O   1 
ATOM   766 C CB  . SER D 1 14 ? 2.904   0.129   11.098  1.00 30.51 ? 13  SER D CB  1 
ATOM   767 O OG  . SER D 1 14 ? 3.634   -1.028  10.735  1.00 34.90 ? 13  SER D OG  1 
ATOM   768 N N   . ILE D 1 15 ? 0.664   2.433   10.882  1.00 22.94 ? 14  ILE D N   1 
ATOM   769 C CA  . ILE D 1 15 ? -0.260  3.329   11.606  1.00 31.08 ? 14  ILE D CA  1 
ATOM   770 C C   . ILE D 1 15 ? -1.691  3.187   11.069  1.00 32.17 ? 14  ILE D C   1 
ATOM   771 O O   . ILE D 1 15 ? -2.680  3.328   11.802  1.00 28.91 ? 14  ILE D O   1 
ATOM   772 C CB  . ILE D 1 15 ? 0.204   4.827   11.579  1.00 29.08 ? 14  ILE D CB  1 
ATOM   773 C CG1 . ILE D 1 15 ? 1.469   5.027   12.411  1.00 30.76 ? 14  ILE D CG1 1 
ATOM   774 C CG2 . ILE D 1 15 ? -0.844  5.754   12.163  1.00 28.46 ? 14  ILE D CG2 1 
ATOM   775 C CD1 . ILE D 1 15 ? 1.859   6.503   12.596  1.00 33.12 ? 14  ILE D CD1 1 
ATOM   776 N N   . LYS D 1 16 ? -1.783  2.877   9.781   1.00 33.55 ? 15  LYS D N   1 
ATOM   777 C CA  . LYS D 1 16 ? -3.066  2.708   9.119   1.00 32.68 ? 15  LYS D CA  1 
ATOM   778 C C   . LYS D 1 16 ? -3.789  1.472   9.659   1.00 31.13 ? 15  LYS D C   1 
ATOM   779 O O   . LYS D 1 16 ? -5.003  1.487   9.855   1.00 28.20 ? 15  LYS D O   1 
ATOM   780 C CB  . LYS D 1 16 ? -2.861  2.604   7.599   1.00 27.11 ? 15  LYS D CB  1 
ATOM   781 C CG  . LYS D 1 16 ? -4.139  2.894   6.805   1.00 39.05 ? 15  LYS D CG  1 
ATOM   782 C CD  . LYS D 1 16 ? -4.043  2.474   5.338   1.00 42.08 ? 15  LYS D CD  1 
ATOM   783 C CE  . LYS D 1 16 ? -5.387  2.665   4.631   1.00 46.67 ? 15  LYS D CE  1 
ATOM   784 N NZ  . LYS D 1 16 ? -5.323  2.335   3.176   1.00 47.95 ? 15  LYS D NZ  1 
ATOM   785 N N   . GLU D 1 17 ? -3.025  0.407   9.888   1.00 32.69 ? 16  GLU D N   1 
ATOM   786 C CA  . GLU D 1 17 ? -3.541  -0.832  10.465  1.00 35.11 ? 16  GLU D CA  1 
ATOM   787 C C   . GLU D 1 17 ? -3.910  -0.628  11.938  1.00 33.01 ? 16  GLU D C   1 
ATOM   788 O O   . GLU D 1 17 ? -4.826  -1.268  12.462  1.00 33.29 ? 16  GLU D O   1 
ATOM   789 C CB  . GLU D 1 17 ? -2.497  -1.949  10.341  1.00 31.33 ? 16  GLU D CB  1 
ATOM   790 C CG  . GLU D 1 17 ? -2.178  -2.368  8.907   1.00 40.05 ? 16  GLU D CG  1 
ATOM   791 C CD  . GLU D 1 17 ? -1.078  -3.421  8.835   1.00 41.94 ? 16  GLU D CD  1 
ATOM   792 O OE1 . GLU D 1 17 ? -0.227  -3.458  9.747   1.00 42.61 ? 16  GLU D OE1 1 
ATOM   793 O OE2 . GLU D 1 17 ? -1.066  -4.211  7.865   1.00 49.62 ? 16  GLU D OE2 1 
ATOM   794 N N   . ILE D 1 18 ? -3.174  0.253   12.608  1.00 30.66 ? 17  ILE D N   1 
ATOM   795 C CA  . ILE D 1 18 ? -3.515  0.660   13.968  1.00 30.49 ? 17  ILE D CA  1 
ATOM   796 C C   . ILE D 1 18 ? -4.766  1.528   13.951  1.00 28.69 ? 17  ILE D C   1 
ATOM   797 O O   . ILE D 1 18 ? -5.595  1.452   14.856  1.00 28.20 ? 17  ILE D O   1 
ATOM   798 C CB  . ILE D 1 18 ? -2.354  1.414   14.644  1.00 29.18 ? 17  ILE D CB  1 
ATOM   799 C CG1 . ILE D 1 18 ? -1.206  0.443   14.949  1.00 28.00 ? 17  ILE D CG1 1 
ATOM   800 C CG2 . ILE D 1 18 ? -2.832  2.100   15.916  1.00 30.89 ? 17  ILE D CG2 1 
ATOM   801 C CD1 . ILE D 1 18 ? 0.101   1.124   15.298  1.00 30.40 ? 17  ILE D CD1 1 
ATOM   802 N N   . ALA D 1 19 ? -4.912  2.339   12.910  1.00 28.79 ? 18  ALA D N   1 
ATOM   803 C CA  . ALA D 1 19 ? -6.120  3.140   12.750  1.00 32.45 ? 18  ALA D CA  1 
ATOM   804 C C   . ALA D 1 19 ? -7.344  2.225   12.653  1.00 37.62 ? 18  ALA D C   1 
ATOM   805 O O   . ALA D 1 19 ? -8.375  2.512   13.263  1.00 34.61 ? 18  ALA D O   1 
ATOM   806 C CB  . ALA D 1 19 ? -6.021  4.034   11.513  1.00 33.31 ? 18  ALA D CB  1 
ATOM   807 N N   . TRP D 1 20 ? -7.220  1.134   11.886  1.00 32.80 ? 19  TRP D N   1 
ATOM   808 C CA  . TRP D 1 20 ? -8.312  0.148   11.714  1.00 41.20 ? 19  TRP D CA  1 
ATOM   809 C C   . TRP D 1 20 ? -8.584  -0.633  12.997  1.00 36.42 ? 19  TRP D C   1 
ATOM   810 O O   . TRP D 1 20 ? -9.712  -0.664  13.485  1.00 36.59 ? 19  TRP D O   1 
ATOM   811 C CB  . TRP D 1 20 ? -8.019  -0.859  10.581  1.00 37.97 ? 19  TRP D CB  1 
ATOM   812 C CG  . TRP D 1 20 ? -8.177  -0.340  9.157   1.00 51.44 ? 19  TRP D CG  1 
ATOM   813 C CD1 . TRP D 1 20 ? -8.633  0.894   8.771   1.00 57.02 ? 19  TRP D CD1 1 
ATOM   814 C CD2 . TRP D 1 20 ? -7.878  -1.050  7.940   1.00 57.31 ? 19  TRP D CD2 1 
ATOM   815 N NE1 . TRP D 1 20 ? -8.627  0.994   7.397   1.00 62.05 ? 19  TRP D NE1 1 
ATOM   816 C CE2 . TRP D 1 20 ? -8.168  -0.187  6.861   1.00 60.88 ? 19  TRP D CE2 1 
ATOM   817 C CE3 . TRP D 1 20 ? -7.388  -2.333  7.658   1.00 61.94 ? 19  TRP D CE3 1 
ATOM   818 C CZ2 . TRP D 1 20 ? -7.989  -0.560  5.523   1.00 61.22 ? 19  TRP D CZ2 1 
ATOM   819 C CZ3 . TRP D 1 20 ? -7.209  -2.705  6.329   1.00 63.21 ? 19  TRP D CZ3 1 
ATOM   820 C CH2 . TRP D 1 20 ? -7.508  -1.820  5.279   1.00 61.76 ? 19  TRP D CH2 1 
ATOM   821 N N   . SER D 1 21 ? -7.542  -1.276  13.519  1.00 30.49 ? 20  SER D N   1 
ATOM   822 C CA  . SER D 1 21 ? -7.630  -2.052  14.750  1.00 33.39 ? 20  SER D CA  1 
ATOM   823 C C   . SER D 1 21 ? -8.197  -1.244  15.929  1.00 36.07 ? 20  SER D C   1 
ATOM   824 O O   . SER D 1 21 ? -8.992  -1.763  16.729  1.00 37.37 ? 20  SER D O   1 
ATOM   825 C CB  . SER D 1 21 ? -6.258  -2.647  15.104  1.00 30.86 ? 20  SER D CB  1 
ATOM   826 O OG  . SER D 1 21 ? -5.987  -3.831  14.374  1.00 38.22 ? 20  SER D OG  1 
ATOM   827 N N   . ILE D 1 22 ? -7.787  0.015   16.048  1.00 30.03 ? 21  ILE D N   1 
ATOM   828 C CA  . ILE D 1 22 ? -8.293  0.853   17.135  1.00 32.70 ? 21  ILE D CA  1 
ATOM   829 C C   . ILE D 1 22 ? -9.758  1.164   16.882  1.00 35.17 ? 21  ILE D C   1 
ATOM   830 O O   . ILE D 1 22 ? -10.550 1.207   17.827  1.00 35.66 ? 21  ILE D O   1 
ATOM   831 C CB  . ILE D 1 22 ? -7.448  2.152   17.381  1.00 31.48 ? 21  ILE D CB  1 
ATOM   832 C CG1 . ILE D 1 22 ? -6.048  1.799   17.871  1.00 26.97 ? 21  ILE D CG1 1 
ATOM   833 C CG2 . ILE D 1 22 ? -8.080  3.038   18.436  1.00 26.44 ? 21  ILE D CG2 1 
ATOM   834 C CD1 . ILE D 1 22 ? -5.262  2.989   18.416  1.00 28.37 ? 21  ILE D CD1 1 
ATOM   835 N N   . LYS D 1 23 ? -10.133 1.339   15.612  1.00 39.21 ? 22  LYS D N   1 
ATOM   836 C CA  . LYS D 1 23 ? -11.529 1.633   15.260  1.00 35.79 ? 22  LYS D CA  1 
ATOM   837 C C   . LYS D 1 23 ? -12.487 0.496   15.647  1.00 37.49 ? 22  LYS D C   1 
ATOM   838 O O   . LYS D 1 23 ? -13.584 0.737   16.172  1.00 34.42 ? 22  LYS D O   1 
ATOM   839 C CB  . LYS D 1 23 ? -11.670 1.956   13.767  1.00 34.07 ? 22  LYS D CB  1 
ATOM   840 C CG  . LYS D 1 23 ? -13.127 2.178   13.300  1.00 43.64 ? 22  LYS D CG  1 
ATOM   841 C CD  . LYS D 1 23 ? -13.215 2.759   11.872  1.00 47.38 ? 22  LYS D CD  1 
ATOM   842 C CE  . LYS D 1 23 ? -12.630 1.819   10.814  1.00 41.16 ? 22  LYS D CE  1 
ATOM   843 N NZ  . LYS D 1 23 ? -13.434 0.586   10.625  1.00 43.23 ? 22  LYS D NZ  1 
ATOM   844 N N   . GLU D 1 24 ? -12.064 -0.736  15.374  1.00 35.07 ? 23  GLU D N   1 
ATOM   845 C CA  . GLU D 1 24 ? -12.852 -1.925  15.683  1.00 37.68 ? 23  GLU D CA  1 
ATOM   846 C C   . GLU D 1 24 ? -12.982 -2.120  17.191  1.00 36.61 ? 23  GLU D C   1 
ATOM   847 O O   . GLU D 1 24 ? -14.018 -2.573  17.683  1.00 38.85 ? 23  GLU D O   1 
ATOM   848 C CB  . GLU D 1 24 ? -12.216 -3.166  15.050  1.00 34.30 ? 23  GLU D CB  1 
ATOM   849 C CG  . GLU D 1 24 ? -12.218 -3.167  13.523  1.00 36.14 ? 23  GLU D CG  1 
ATOM   850 C CD  . GLU D 1 24 ? -11.632 -4.442  12.950  1.00 43.15 ? 23  GLU D CD  1 
ATOM   851 O OE1 . GLU D 1 24 ? -10.747 -5.042  13.605  1.00 42.90 ? 23  GLU D OE1 1 
ATOM   852 O OE2 . GLU D 1 24 ? -12.063 -4.847  11.849  1.00 55.80 ? 23  GLU D OE2 1 
ATOM   853 N N   . ILE D 1 25 ? -11.915 -1.796  17.917  1.00 31.16 ? 24  ILE D N   1 
ATOM   854 C CA  . ILE D 1 25 ? -11.963 -1.751  19.370  1.00 37.77 ? 24  ILE D CA  1 
ATOM   855 C C   . ILE D 1 25 ? -13.028 -0.759  19.858  1.00 34.88 ? 24  ILE D C   1 
ATOM   856 O O   . ILE D 1 25 ? -13.808 -1.084  20.742  1.00 34.23 ? 24  ILE D O   1 
ATOM   857 C CB  . ILE D 1 25 ? -10.570 -1.434  19.971  1.00 27.04 ? 24  ILE D CB  1 
ATOM   858 C CG1 . ILE D 1 25 ? -9.715  -2.699  20.018  1.00 28.10 ? 24  ILE D CG1 1 
ATOM   859 C CG2 . ILE D 1 25 ? -10.705 -0.851  21.357  1.00 36.27 ? 24  ILE D CG2 1 
ATOM   860 C CD1 . ILE D 1 25 ? -8.232  -2.435  20.099  1.00 30.23 ? 24  ILE D CD1 1 
ATOM   861 N N   . ALA D 1 26 ? -13.080 0.433   19.270  1.00 30.57 ? 25  ALA D N   1 
ATOM   862 C CA  . ALA D 1 26 ? -14.098 1.415   19.659  1.00 35.69 ? 25  ALA D CA  1 
ATOM   863 C C   . ALA D 1 26 ? -15.488 0.909   19.319  1.00 37.55 ? 25  ALA D C   1 
ATOM   864 O O   . ALA D 1 26 ? -16.435 1.082   20.096  1.00 42.91 ? 25  ALA D O   1 
ATOM   865 C CB  . ALA D 1 26 ? -13.866 2.742   18.975  1.00 35.80 ? 25  ALA D CB  1 
ATOM   866 N N   . GLN D 1 27 ? -15.610 0.305   18.140  1.00 35.10 ? 26  GLN D N   1 
ATOM   867 C CA  . GLN D 1 27 ? -16.890 -0.230  17.678  1.00 45.73 ? 26  GLN D CA  1 
ATOM   868 C C   . GLN D 1 27 ? -17.386 -1.369  18.585  1.00 41.68 ? 26  GLN D C   1 
ATOM   869 O O   . GLN D 1 27 ? -18.585 -1.506  18.815  1.00 42.43 ? 26  GLN D O   1 
ATOM   870 C CB  . GLN D 1 27 ? -16.799 -0.673  16.203  1.00 44.91 ? 26  GLN D CB  1 
ATOM   871 C CG  . GLN D 1 27 ? -18.124 -1.171  15.599  1.00 54.01 ? 26  GLN D CG  1 
ATOM   872 C CD  . GLN D 1 27 ? -18.382 -0.650  14.185  1.00 59.64 ? 26  GLN D CD  1 
ATOM   873 O OE1 . GLN D 1 27 ? -19.013 0.397   13.997  1.00 60.26 ? 26  GLN D OE1 1 
ATOM   874 N NE2 . GLN D 1 27 ? -17.904 -1.389  13.186  1.00 66.13 ? 26  GLN D NE2 1 
ATOM   875 N N   . SER D 1 28 ? -16.462 -2.169  19.114  1.00 38.04 ? 27  SER D N   1 
ATOM   876 C CA  . SER D 1 28 ? -16.831 -3.239  20.032  1.00 34.83 ? 27  SER D CA  1 
ATOM   877 C C   . SER D 1 28 ? -17.273 -2.679  21.375  1.00 36.40 ? 27  SER D C   1 
ATOM   878 O O   . SER D 1 28 ? -18.079 -3.283  22.085  1.00 33.81 ? 27  SER D O   1 
ATOM   879 C CB  . SER D 1 28 ? -15.658 -4.184  20.247  1.00 34.57 ? 27  SER D CB  1 
ATOM   880 O OG  . SER D 1 28 ? -15.464 -4.991  19.115  1.00 37.14 ? 27  SER D OG  1 
ATOM   881 N N   . ILE D 1 29 ? -16.718 -1.532  21.738  1.00 32.81 ? 28  ILE D N   1 
ATOM   882 C CA  . ILE D 1 29 ? -17.016 -0.957  23.040  1.00 37.89 ? 28  ILE D CA  1 
ATOM   883 C C   . ILE D 1 29 ? -18.325 -0.202  22.976  1.00 37.55 ? 28  ILE D C   1 
ATOM   884 O O   . ILE D 1 29 ? -19.171 -0.346  23.857  1.00 35.52 ? 28  ILE D O   1 
ATOM   885 C CB  . ILE D 1 29 ? -15.885 -0.059  23.553  1.00 38.09 ? 28  ILE D CB  1 
ATOM   886 C CG1 . ILE D 1 29 ? -14.643 -0.898  23.836  1.00 33.73 ? 28  ILE D CG1 1 
ATOM   887 C CG2 . ILE D 1 29 ? -16.291 0.631   24.821  1.00 33.85 ? 28  ILE D CG2 1 
ATOM   888 C CD1 . ILE D 1 29 ? -13.507 -0.117  24.456  1.00 33.73 ? 28  ILE D CD1 1 
ATOM   889 N N   . LYS D 1 30 ? -18.499 0.594   21.928  1.00 42.42 ? 29  LYS D N   1 
ATOM   890 C CA  . LYS D 1 30 ? -19.779 1.253   21.712  1.00 43.58 ? 29  LYS D CA  1 
ATOM   891 C C   . LYS D 1 30 ? -20.148 1.276   20.235  1.00 52.99 ? 29  LYS D C   1 
ATOM   892 O O   . LYS D 1 30 ? -19.601 2.062   19.450  1.00 56.75 ? 29  LYS D O   1 
ATOM   893 C CB  . LYS D 1 30 ? -19.802 2.656   22.334  1.00 49.59 ? 29  LYS D CB  1 
ATOM   894 C CG  . LYS D 1 30 ? -20.813 2.789   23.479  1.00 42.72 ? 29  LYS D CG  1 
ATOM   895 C CD  . LYS D 1 30 ? -20.388 3.821   24.524  1.00 35.80 ? 29  LYS D CD  1 
ATOM   896 C CE  . LYS D 1 30 ? -20.513 5.246   24.032  1.00 46.29 ? 29  LYS D CE  1 
ATOM   897 N NZ  . LYS D 1 30 ? -20.363 6.210   25.154  1.00 41.61 ? 29  LYS D NZ  1 
ATOM   898 N N   . GLY D 1 31 ? -21.075 0.389   19.870  1.00 55.34 ? 30  GLY D N   1 
ATOM   899 C CA  . GLY D 1 31 ? -21.523 0.249   18.494  1.00 57.30 ? 30  GLY D CA  1 
ATOM   900 C C   . GLY D 1 31 ? -21.691 -1.202  18.075  1.00 47.86 ? 30  GLY D C   1 
ATOM   901 O O   . GLY D 1 31 ? -21.329 -2.117  18.813  1.00 44.94 ? 30  GLY D O   1 
HETATM 902 O O   . HOH E 2 .  ? -6.644  -7.576  -19.445 1.00 19.71 ? 101 HOH A O   1 
HETATM 903 O O   . HOH E 2 .  ? 0.878   -7.126  -4.309  1.00 31.41 ? 102 HOH A O   1 
HETATM 904 O O   . HOH E 2 .  ? -5.214  -12.457 -5.898  1.00 19.18 ? 103 HOH A O   1 
HETATM 905 O O   . HOH E 2 .  ? 6.342   -13.172 -10.097 1.00 32.31 ? 104 HOH A O   1 
HETATM 906 O O   . HOH E 2 .  ? 3.316   -14.028 -9.964  1.00 23.21 ? 105 HOH A O   1 
HETATM 907 O O   . HOH E 2 .  ? 1.815   -10.646 -13.237 1.00 23.67 ? 106 HOH A O   1 
HETATM 908 O O   . HOH E 2 .  ? 9.784   -19.196 -3.656  1.00 27.39 ? 107 HOH A O   1 
HETATM 909 O O   . HOH E 2 .  ? -0.030  -9.301  -4.070  1.00 25.09 ? 108 HOH A O   1 
HETATM 910 O O   . HOH E 2 .  ? -9.235  -8.737  -10.508 1.00 21.26 ? 109 HOH A O   1 
HETATM 911 O O   . HOH E 2 .  ? -5.373  -7.445  -16.025 1.00 22.87 ? 110 HOH A O   1 
HETATM 912 O O   . HOH E 2 .  ? -17.801 -10.954 -17.452 1.00 28.08 ? 111 HOH A O   1 
HETATM 913 O O   . HOH E 2 .  ? 2.593   -4.070  -6.433  1.00 42.73 ? 112 HOH A O   1 
HETATM 914 O O   . HOH E 2 .  ? -11.294 -8.596  -11.840 1.00 25.46 ? 113 HOH A O   1 
HETATM 915 O O   . HOH E 2 .  ? -2.691  -8.491  -5.104  1.00 28.20 ? 114 HOH A O   1 
HETATM 916 O O   . HOH E 2 .  ? -8.420  -6.239  -10.304 1.00 32.23 ? 115 HOH A O   1 
HETATM 917 O O   . HOH E 2 .  ? -5.681  -5.760  -12.425 1.00 37.56 ? 116 HOH A O   1 
HETATM 918 O O   . HOH E 2 .  ? -0.537  -5.376  -5.502  1.00 41.71 ? 117 HOH A O   1 
HETATM 919 O O   . HOH E 2 .  ? -8.007  -19.797 -20.290 0.33 58.08 ? 118 HOH A O   1 
HETATM 920 O O   . HOH E 2 .  ? -1.719  -22.377 -6.194  0.33 20.89 ? 119 HOH A O   1 
HETATM 921 O O   . HOH E 2 .  ? -4.616  -21.189 -12.689 0.33 41.77 ? 120 HOH A O   1 
HETATM 922 O O   . HOH E 2 .  ? -12.319 -18.028 -29.955 0.33 51.42 ? 121 HOH A O   1 
HETATM 923 O O   . HOH F 2 .  ? 9.351   15.382  -17.157 1.00 16.92 ? 101 HOH B O   1 
HETATM 924 O O   . HOH F 2 .  ? 15.291  8.502   -8.771  0.50 27.64 ? 102 HOH B O   1 
HETATM 925 O O   . HOH F 2 .  ? 6.089   15.765  -11.721 1.00 19.87 ? 103 HOH B O   1 
HETATM 926 O O   . HOH F 2 .  ? -7.575  8.159   -12.197 1.00 30.17 ? 104 HOH B O   1 
HETATM 927 O O   . HOH F 2 .  ? 8.747   16.077  -12.329 1.00 25.77 ? 105 HOH B O   1 
HETATM 928 O O   . HOH F 2 .  ? 9.322   6.536   -11.674 1.00 18.60 ? 106 HOH B O   1 
HETATM 929 O O   . HOH F 2 .  ? 4.876   7.342   -13.737 1.00 17.97 ? 107 HOH B O   1 
HETATM 930 O O   . HOH F 2 .  ? 3.026   6.540   -11.076 1.00 25.89 ? 108 HOH B O   1 
HETATM 931 O O   . HOH F 2 .  ? -15.463 12.020  -16.384 1.00 23.80 ? 109 HOH B O   1 
HETATM 932 O O   . HOH F 2 .  ? -1.517  7.556   -11.858 1.00 25.32 ? 110 HOH B O   1 
HETATM 933 O O   . HOH F 2 .  ? 17.705  8.289   -13.355 1.00 21.20 ? 111 HOH B O   1 
HETATM 934 O O   . HOH F 2 .  ? 22.159  15.680  -15.127 1.00 32.57 ? 112 HOH B O   1 
HETATM 935 O O   . HOH F 2 .  ? 6.391   9.242   -10.571 1.00 21.16 ? 113 HOH B O   1 
HETATM 936 O O   . HOH F 2 .  ? -4.391  16.537  -9.019  1.00 25.07 ? 114 HOH B O   1 
HETATM 937 O O   . HOH F 2 .  ? 2.169   20.621  -12.421 1.00 31.67 ? 115 HOH B O   1 
HETATM 938 O O   . HOH F 2 .  ? 13.177  8.798   -7.074  1.00 32.09 ? 116 HOH B O   1 
HETATM 939 O O   . HOH F 2 .  ? 16.156  14.745  -16.135 1.00 25.71 ? 117 HOH B O   1 
HETATM 940 O O   . HOH F 2 .  ? -2.707  8.537   -9.514  1.00 37.54 ? 118 HOH B O   1 
HETATM 941 O O   . HOH F 2 .  ? -22.492 7.755   -15.203 1.00 50.02 ? 119 HOH B O   1 
HETATM 942 O O   . HOH F 2 .  ? -1.609  16.391  -8.858  1.00 24.18 ? 120 HOH B O   1 
HETATM 943 O O   . HOH F 2 .  ? -0.460  15.259  -7.239  1.00 28.40 ? 121 HOH B O   1 
HETATM 944 O O   . HOH F 2 .  ? -4.759  15.084  -6.944  1.00 30.13 ? 122 HOH B O   1 
HETATM 945 O O   . HOH F 2 .  ? -6.515  12.914  -7.152  1.00 28.03 ? 123 HOH B O   1 
HETATM 946 O O   . HOH G 2 .  ? 27.826  4.404   11.293  1.00 36.59 ? 101 HOH C O   1 
HETATM 947 O O   . HOH G 2 .  ? -2.839  -3.327  14.095  1.00 27.82 ? 102 HOH C O   1 
HETATM 948 O O   . HOH G 2 .  ? 22.626  13.423  18.524  1.00 44.39 ? 103 HOH C O   1 
HETATM 949 O O   . HOH G 2 .  ? 15.707  4.386   8.727   1.00 27.70 ? 104 HOH C O   1 
HETATM 950 O O   . HOH G 2 .  ? 6.404   0.149   10.859  1.00 29.94 ? 105 HOH C O   1 
HETATM 951 O O   . HOH G 2 .  ? 10.440  -2.178  20.073  1.00 30.52 ? 106 HOH C O   1 
HETATM 952 O O   . HOH G 2 .  ? 28.568  6.163   13.663  1.00 32.20 ? 107 HOH C O   1 
HETATM 953 O O   . HOH G 2 .  ? 18.339  5.433   18.944  1.00 47.36 ? 108 HOH C O   1 
HETATM 954 O O   . HOH G 2 .  ? 2.096   -8.877  21.371  1.00 38.74 ? 109 HOH C O   1 
HETATM 955 O O   . HOH G 2 .  ? 26.590  13.444  16.167  1.00 42.47 ? 110 HOH C O   1 
HETATM 956 O O   . HOH G 2 .  ? 22.960  6.688   16.983  1.00 33.83 ? 111 HOH C O   1 
HETATM 957 O O   . HOH G 2 .  ? 13.494  13.658  8.028   1.00 44.09 ? 112 HOH C O   1 
HETATM 958 O O   . HOH G 2 .  ? 4.938   8.849   15.190  0.33 54.02 ? 113 HOH C O   1 
HETATM 959 O O   . HOH G 2 .  ? -0.847  4.428   20.241  0.33 48.08 ? 114 HOH C O   1 
HETATM 960 O O   . HOH G 2 .  ? 8.020   11.202  12.500  0.33 66.07 ? 115 HOH C O   1 
HETATM 961 O O   . HOH G 2 .  ? 6.491   10.035  13.834  0.33 61.78 ? 116 HOH C O   1 
HETATM 962 O O   . HOH H 2 .  ? 8.216   7.144   2.622   1.00 26.34 ? 101 HOH D O   1 
HETATM 963 O O   . HOH H 2 .  ? -10.969 2.948   18.982  1.00 31.56 ? 102 HOH D O   1 
HETATM 964 O O   . HOH H 2 .  ? -9.048  4.497   14.133  1.00 29.61 ? 103 HOH D O   1 
HETATM 965 O O   . HOH H 2 .  ? -0.842  5.837   7.565   1.00 26.31 ? 104 HOH D O   1 
HETATM 966 O O   . HOH H 2 .  ? 3.426   -5.144  6.643   1.00 45.63 ? 105 HOH D O   1 
HETATM 967 O O   . HOH H 2 .  ? -22.757 6.638   25.862  1.00 50.63 ? 106 HOH D O   1 
HETATM 968 O O   . HOH H 2 .  ? 11.544  -1.038  9.564   1.00 46.52 ? 107 HOH D O   1 
HETATM 969 O O   . HOH H 2 .  ? -21.606 6.175   27.784  1.00 50.46 ? 108 HOH D O   1 
HETATM 970 O O   . HOH H 2 .  ? 11.438  2.995   -0.701  1.00 37.63 ? 109 HOH D O   1 
HETATM 971 O O   . HOH H 2 .  ? -22.142 -0.278  23.486  1.00 35.57 ? 110 HOH D O   1 
HETATM 972 O O   . HOH H 2 .  ? 13.197  0.158   8.320   1.00 34.64 ? 111 HOH D O   1 
HETATM 973 O O   . HOH H 2 .  ? 4.670   -1.844  7.290   1.00 35.00 ? 112 HOH D O   1 
HETATM 974 O O   . HOH H 2 .  ? 20.894  -3.391  6.750   1.00 48.86 ? 113 HOH D O   1 
HETATM 975 O O   . HOH H 2 .  ? 0.669   5.585   18.917  0.33 45.21 ? 114 HOH D O   1 
# 
